data_4GTU
#
_entry.id   4GTU
#
_cell.length_a   51.000
_cell.length_b   215.700
_cell.length_c   94.560
_cell.angle_alpha   90.00
_cell.angle_beta   97.40
_cell.angle_gamma   90.00
#
_symmetry.space_group_name_H-M   'P 1 21 1'
#
_entity_poly.entity_id   1
_entity_poly.type   'polypeptide(L)'
_entity_poly.pdbx_seq_one_letter_code
;SMTLGYWDIRGLAHAIRLLLEYTDSSYEEKKYTMGDAPDYDRSQWLNEKFKLGLDFPNLPYLIDGAHKITQSNAILCYIA
RKHNLCGETEEEKIRVDILENQAMDVSNQLARVCYSPDFEKLKPEYLEELPTMMQHFSQFLGKRPWFVGDKITFVDFLAY
DVLDLHRIFEPNCLDAFPNLKDFISRFEGLEKISAYMKSSRFLPKPLYTRVAVWGNK
;
_entity_poly.pdbx_strand_id   A,B,C,D,E,F,G,H
#
# COMPACT_ATOMS: atom_id res chain seq x y z
N SER A 1 17.42 41.22 -46.31
CA SER A 1 17.74 39.77 -46.37
C SER A 1 19.24 39.56 -46.56
N MET A 2 19.78 38.53 -45.95
CA MET A 2 21.19 38.20 -46.01
C MET A 2 21.41 37.32 -47.23
N THR A 3 22.59 37.40 -47.84
CA THR A 3 22.88 36.59 -49.02
C THR A 3 23.90 35.48 -48.75
N LEU A 4 23.57 34.27 -49.14
CA LEU A 4 24.43 33.12 -48.94
C LEU A 4 25.01 32.74 -50.30
N GLY A 5 26.34 32.77 -50.41
CA GLY A 5 26.97 32.44 -51.67
C GLY A 5 27.96 31.32 -51.60
N TYR A 6 27.77 30.32 -52.44
CA TYR A 6 28.62 29.14 -52.50
C TYR A 6 28.45 28.53 -53.90
N TRP A 7 29.25 27.53 -54.24
CA TRP A 7 29.12 26.89 -55.54
C TRP A 7 27.74 26.25 -55.61
N ASP A 8 27.45 25.62 -56.75
CA ASP A 8 26.19 24.90 -56.93
C ASP A 8 26.33 23.54 -56.23
N ILE A 9 27.42 23.37 -55.49
CA ILE A 9 27.74 22.15 -54.76
C ILE A 9 27.26 22.28 -53.31
N ARG A 10 26.79 21.18 -52.73
CA ARG A 10 26.32 21.16 -51.35
C ARG A 10 27.48 21.60 -50.47
N GLY A 11 28.57 20.84 -50.54
CA GLY A 11 29.76 21.16 -49.79
C GLY A 11 29.60 21.61 -48.35
N LEU A 12 30.42 22.56 -47.96
CA LEU A 12 30.43 23.09 -46.60
C LEU A 12 29.21 23.91 -46.24
N ALA A 13 28.56 24.51 -47.23
CA ALA A 13 27.40 25.34 -46.93
C ALA A 13 26.17 24.53 -46.50
N HIS A 14 26.23 23.21 -46.67
CA HIS A 14 25.11 22.36 -46.32
C HIS A 14 24.59 22.58 -44.90
N ALA A 15 25.50 22.78 -43.96
CA ALA A 15 25.09 23.01 -42.58
C ALA A 15 24.45 24.39 -42.43
N ILE A 16 25.00 25.36 -43.16
CA ILE A 16 24.53 26.74 -43.13
C ILE A 16 23.13 26.94 -43.69
N ARG A 17 22.82 26.20 -44.74
CA ARG A 17 21.49 26.27 -45.38
C ARG A 17 20.41 25.67 -44.48
N LEU A 18 20.85 24.85 -43.53
CA LEU A 18 19.95 24.24 -42.58
C LEU A 18 19.80 25.23 -41.43
N LEU A 19 20.92 25.64 -40.84
CA LEU A 19 20.91 26.58 -39.71
C LEU A 19 20.08 27.82 -39.97
N LEU A 20 20.41 28.63 -40.98
CA LEU A 20 19.60 29.81 -41.25
C LEU A 20 18.17 29.46 -41.66
N GLU A 21 17.96 28.23 -42.11
CA GLU A 21 16.63 27.78 -42.50
C GLU A 21 15.84 27.61 -41.21
N TYR A 22 16.45 26.89 -40.27
CA TYR A 22 15.85 26.59 -38.98
C TYR A 22 15.58 27.84 -38.16
N THR A 23 16.50 28.79 -38.22
CA THR A 23 16.33 30.02 -37.45
C THR A 23 15.46 31.04 -38.18
N ASP A 24 14.80 30.60 -39.25
CA ASP A 24 13.90 31.44 -40.04
C ASP A 24 14.57 32.71 -40.56
N SER A 25 15.89 32.64 -40.76
CA SER A 25 16.66 33.78 -41.24
C SER A 25 16.32 34.12 -42.69
N SER A 26 15.94 35.37 -42.94
CA SER A 26 15.57 35.82 -44.29
C SER A 26 16.79 35.85 -45.23
N TYR A 27 17.13 34.69 -45.77
CA TYR A 27 18.28 34.55 -46.66
C TYR A 27 17.91 34.52 -48.15
N GLU A 28 18.94 34.67 -48.99
CA GLU A 28 18.78 34.63 -50.43
C GLU A 28 19.99 33.84 -50.94
N GLU A 29 19.79 33.02 -51.97
CA GLU A 29 20.89 32.20 -52.49
C GLU A 29 21.60 32.68 -53.76
N LYS A 30 22.93 32.79 -53.64
CA LYS A 30 23.79 33.19 -54.75
C LYS A 30 24.63 31.97 -55.07
N LYS A 31 24.20 31.16 -56.04
CA LYS A 31 24.95 29.99 -56.39
C LYS A 31 25.92 30.29 -57.54
N TYR A 32 27.17 29.88 -57.39
CA TYR A 32 28.16 30.07 -58.43
C TYR A 32 28.33 28.66 -59.00
N THR A 33 28.46 28.54 -60.31
CA THR A 33 28.59 27.22 -60.91
C THR A 33 29.99 26.93 -61.41
N MET A 34 30.45 25.70 -61.23
CA MET A 34 31.78 25.33 -61.70
C MET A 34 31.71 24.66 -63.07
N GLY A 35 32.78 24.82 -63.84
CA GLY A 35 32.85 24.23 -65.16
C GLY A 35 33.67 22.97 -65.11
N ASP A 36 33.73 22.27 -66.23
CA ASP A 36 34.48 21.04 -66.35
C ASP A 36 35.68 21.26 -67.27
N ALA A 37 35.88 20.35 -68.23
CA ALA A 37 37.00 20.45 -69.17
C ALA A 37 38.29 20.23 -68.37
N PRO A 38 39.46 20.25 -69.03
CA PRO A 38 40.70 20.05 -68.28
C PRO A 38 40.86 21.08 -67.15
N ASP A 39 40.52 22.33 -67.45
CA ASP A 39 40.61 23.41 -66.46
C ASP A 39 39.21 23.68 -65.96
N TYR A 40 38.84 23.11 -64.83
CA TYR A 40 37.51 23.33 -64.27
C TYR A 40 37.31 24.81 -63.99
N ASP A 41 36.67 25.49 -64.95
CA ASP A 41 36.44 26.93 -64.86
C ASP A 41 35.52 27.39 -63.75
N ARG A 42 36.01 28.36 -62.99
CA ARG A 42 35.29 28.94 -61.87
C ARG A 42 35.21 30.47 -62.00
N SER A 43 35.19 30.94 -63.24
CA SER A 43 35.15 32.37 -63.53
C SER A 43 34.07 33.16 -62.80
N GLN A 44 32.86 32.62 -62.73
CA GLN A 44 31.77 33.34 -62.06
C GLN A 44 32.22 33.89 -60.71
N TRP A 45 32.97 33.07 -59.98
CA TRP A 45 33.49 33.46 -58.67
C TRP A 45 34.67 34.40 -58.80
N LEU A 46 35.70 33.96 -59.51
CA LEU A 46 36.91 34.75 -59.71
C LEU A 46 36.62 36.21 -60.05
N ASN A 47 35.75 36.42 -61.01
CA ASN A 47 35.33 37.74 -61.48
C ASN A 47 34.72 38.56 -60.34
N GLU A 48 33.76 37.97 -59.62
CA GLU A 48 33.10 38.66 -58.50
C GLU A 48 34.04 38.80 -57.30
N LYS A 49 34.49 37.67 -56.77
CA LYS A 49 35.40 37.58 -55.61
C LYS A 49 35.85 38.86 -54.86
N PHE A 50 36.76 39.58 -55.47
CA PHE A 50 37.31 40.78 -54.87
C PHE A 50 36.35 41.96 -54.84
N LYS A 51 35.38 41.96 -55.76
CA LYS A 51 34.39 43.02 -55.85
C LYS A 51 33.47 43.11 -54.63
N LEU A 52 33.18 41.98 -54.00
CA LEU A 52 32.29 41.91 -52.83
C LEU A 52 32.77 42.62 -51.56
N GLY A 53 34.09 42.80 -51.44
CA GLY A 53 34.64 43.46 -50.27
C GLY A 53 34.87 42.61 -49.04
N LEU A 54 35.08 41.30 -49.23
CA LEU A 54 35.32 40.41 -48.10
C LEU A 54 36.78 40.60 -47.68
N ASP A 55 37.02 40.76 -46.37
CA ASP A 55 38.38 40.94 -45.84
C ASP A 55 39.29 39.81 -46.31
N PHE A 56 38.70 38.64 -46.47
CA PHE A 56 39.38 37.43 -46.94
C PHE A 56 38.46 36.77 -47.95
N PRO A 57 38.35 37.34 -49.16
CA PRO A 57 37.49 36.80 -50.20
C PRO A 57 37.53 35.28 -50.42
N ASN A 58 36.56 34.59 -49.86
CA ASN A 58 36.44 33.15 -50.02
C ASN A 58 34.98 32.80 -50.10
N LEU A 59 34.72 31.63 -50.62
CA LEU A 59 33.39 31.10 -50.78
C LEU A 59 33.38 29.77 -50.03
N PRO A 60 32.31 29.47 -49.25
CA PRO A 60 31.11 30.27 -49.04
C PRO A 60 31.31 31.53 -48.22
N TYR A 61 30.44 32.50 -48.40
CA TYR A 61 30.52 33.77 -47.70
C TYR A 61 29.12 34.20 -47.35
N LEU A 62 29.01 35.16 -46.44
CA LEU A 62 27.72 35.67 -46.01
C LEU A 62 27.82 37.18 -45.89
N ILE A 63 26.84 37.88 -46.45
CA ILE A 63 26.80 39.33 -46.42
C ILE A 63 25.48 39.77 -45.77
N ASP A 64 25.44 39.77 -44.46
CA ASP A 64 24.24 40.18 -43.74
C ASP A 64 24.12 41.69 -43.82
N GLY A 65 23.66 42.20 -44.95
CA GLY A 65 23.52 43.63 -45.15
C GLY A 65 24.84 44.35 -45.05
N ALA A 66 25.22 44.70 -43.82
CA ALA A 66 26.47 45.39 -43.55
C ALA A 66 27.39 44.42 -42.81
N HIS A 67 27.34 43.14 -43.18
CA HIS A 67 28.16 42.14 -42.53
C HIS A 67 28.63 41.10 -43.53
N LYS A 68 29.89 41.15 -43.92
CA LYS A 68 30.40 40.17 -44.87
C LYS A 68 31.22 39.09 -44.18
N ILE A 69 30.52 38.19 -43.51
CA ILE A 69 31.18 37.09 -42.80
C ILE A 69 31.58 35.97 -43.76
N THR A 70 32.86 35.65 -43.76
CA THR A 70 33.37 34.58 -44.61
C THR A 70 33.73 33.37 -43.75
N GLN A 71 33.95 32.24 -44.40
CA GLN A 71 34.33 30.99 -43.72
C GLN A 71 33.19 30.38 -42.92
N SER A 72 32.73 29.22 -43.38
CA SER A 72 31.64 28.46 -42.78
C SER A 72 31.49 28.56 -41.27
N ASN A 73 32.57 28.24 -40.55
CA ASN A 73 32.58 28.29 -39.09
C ASN A 73 32.15 29.64 -38.57
N ALA A 74 32.83 30.70 -39.02
CA ALA A 74 32.53 32.06 -38.59
C ALA A 74 31.08 32.42 -38.92
N ILE A 75 30.59 31.87 -40.01
CA ILE A 75 29.23 32.11 -40.44
C ILE A 75 28.31 31.43 -39.43
N LEU A 76 28.64 30.19 -39.09
CA LEU A 76 27.84 29.43 -38.13
C LEU A 76 27.77 30.17 -36.80
N CYS A 77 28.90 30.58 -36.29
CA CYS A 77 28.97 31.34 -35.03
C CYS A 77 28.08 32.59 -35.06
N TYR A 78 28.05 33.24 -36.22
CA TYR A 78 27.28 34.46 -36.43
C TYR A 78 25.75 34.29 -36.35
N ILE A 79 25.24 33.27 -37.05
CA ILE A 79 23.80 33.00 -37.07
C ILE A 79 23.37 32.49 -35.71
N ALA A 80 24.06 31.46 -35.24
CA ALA A 80 23.77 30.85 -33.96
C ALA A 80 23.65 31.94 -32.89
N ARG A 81 24.68 32.73 -32.76
CA ARG A 81 24.71 33.83 -31.80
C ARG A 81 23.39 34.60 -31.75
N LYS A 82 23.01 35.18 -32.89
CA LYS A 82 21.79 35.97 -32.99
C LYS A 82 20.48 35.21 -32.71
N HIS A 83 20.58 33.90 -32.53
CA HIS A 83 19.41 33.07 -32.24
C HIS A 83 19.74 32.20 -31.02
N ASN A 84 20.78 32.60 -30.30
CA ASN A 84 21.27 31.91 -29.11
C ASN A 84 21.34 30.37 -29.12
N LEU A 85 21.82 29.80 -30.21
CA LEU A 85 21.98 28.36 -30.30
C LEU A 85 23.44 28.07 -30.07
N CYS A 86 24.02 28.68 -29.05
CA CYS A 86 25.43 28.49 -28.73
C CYS A 86 25.55 27.92 -27.33
N GLY A 87 26.75 27.53 -26.94
CA GLY A 87 26.96 26.98 -25.60
C GLY A 87 26.69 28.05 -24.53
N GLU A 88 25.67 27.83 -23.73
CA GLU A 88 25.34 28.79 -22.68
C GLU A 88 26.17 28.60 -21.42
N THR A 89 26.19 27.37 -20.90
CA THR A 89 26.96 27.10 -19.70
C THR A 89 28.37 26.71 -20.08
N GLU A 90 29.34 27.11 -19.27
CA GLU A 90 30.75 26.83 -19.53
C GLU A 90 31.04 25.40 -19.94
N GLU A 91 30.30 24.44 -19.38
CA GLU A 91 30.50 23.05 -19.74
C GLU A 91 30.01 22.84 -21.17
N GLU A 92 28.94 23.54 -21.52
CA GLU A 92 28.38 23.45 -22.85
C GLU A 92 29.33 24.11 -23.84
N LYS A 93 29.95 25.22 -23.42
CA LYS A 93 30.90 25.93 -24.28
C LYS A 93 32.04 25.01 -24.70
N ILE A 94 32.50 24.19 -23.80
CA ILE A 94 33.57 23.24 -24.10
C ILE A 94 33.05 22.19 -25.09
N ARG A 95 31.82 21.72 -24.89
CA ARG A 95 31.25 20.73 -25.80
C ARG A 95 31.11 21.30 -27.19
N VAL A 96 30.71 22.56 -27.25
CA VAL A 96 30.51 23.27 -28.51
C VAL A 96 31.84 23.46 -29.25
N ASP A 97 32.88 23.84 -28.52
CA ASP A 97 34.21 24.06 -29.10
C ASP A 97 34.76 22.76 -29.67
N ILE A 98 34.67 21.70 -28.88
CA ILE A 98 35.17 20.39 -29.26
C ILE A 98 34.45 19.80 -30.48
N LEU A 99 33.13 19.78 -30.42
CA LEU A 99 32.33 19.21 -31.51
C LEU A 99 32.50 19.96 -32.84
N GLU A 100 32.31 21.28 -32.81
CA GLU A 100 32.45 22.12 -33.99
C GLU A 100 33.75 21.79 -34.76
N ASN A 101 34.88 21.94 -34.08
CA ASN A 101 36.21 21.68 -34.64
C ASN A 101 36.41 20.24 -35.05
N GLN A 102 36.03 19.30 -34.18
CA GLN A 102 36.17 17.89 -34.46
C GLN A 102 35.37 17.51 -35.71
N ALA A 103 34.15 18.00 -35.82
CA ALA A 103 33.30 17.74 -36.96
C ALA A 103 33.93 18.36 -38.20
N MET A 104 34.61 19.48 -38.00
CA MET A 104 35.29 20.17 -39.10
C MET A 104 36.56 19.41 -39.49
N ASP A 105 37.17 18.75 -38.51
CA ASP A 105 38.38 17.98 -38.71
C ASP A 105 38.09 16.76 -39.58
N VAL A 106 37.10 15.97 -39.19
CA VAL A 106 36.72 14.77 -39.93
C VAL A 106 36.17 15.07 -41.32
N SER A 107 35.44 16.17 -41.46
CA SER A 107 34.87 16.55 -42.75
C SER A 107 35.99 16.81 -43.76
N ASN A 108 36.99 17.57 -43.34
CA ASN A 108 38.12 17.86 -44.22
C ASN A 108 38.96 16.61 -44.42
N GLN A 109 38.94 15.72 -43.44
CA GLN A 109 39.69 14.47 -43.54
C GLN A 109 39.10 13.60 -44.64
N LEU A 110 37.78 13.60 -44.75
CA LEU A 110 37.13 12.85 -45.82
C LEU A 110 37.42 13.64 -47.10
N ALA A 111 37.46 14.96 -46.96
CA ALA A 111 37.73 15.87 -48.06
C ALA A 111 39.16 15.70 -48.58
N ARG A 112 40.04 15.22 -47.73
CA ARG A 112 41.42 14.98 -48.12
C ARG A 112 41.38 13.79 -49.07
N VAL A 113 40.64 12.76 -48.65
CA VAL A 113 40.49 11.52 -49.40
C VAL A 113 39.86 11.73 -50.79
N CYS A 114 38.65 12.29 -50.83
CA CYS A 114 37.97 12.53 -52.09
C CYS A 114 38.64 13.55 -53.00
N TYR A 115 39.68 14.22 -52.50
CA TYR A 115 40.40 15.21 -53.28
C TYR A 115 41.82 14.75 -53.64
N SER A 116 42.20 13.56 -53.17
CA SER A 116 43.51 13.01 -53.48
C SER A 116 43.38 12.10 -54.69
N PRO A 117 44.38 12.12 -55.60
CA PRO A 117 44.42 11.30 -56.82
C PRO A 117 44.05 9.83 -56.68
N ASP A 118 44.75 9.11 -55.82
CA ASP A 118 44.48 7.69 -55.62
C ASP A 118 43.37 7.41 -54.62
N PHE A 119 42.14 7.67 -55.05
CA PHE A 119 40.97 7.44 -54.19
C PHE A 119 40.87 5.99 -53.72
N GLU A 120 40.71 5.06 -54.66
CA GLU A 120 40.58 3.64 -54.33
C GLU A 120 41.77 3.03 -53.58
N LYS A 121 42.83 3.80 -53.39
CA LYS A 121 44.00 3.32 -52.67
C LYS A 121 43.96 3.81 -51.24
N LEU A 122 43.53 5.05 -51.07
CA LEU A 122 43.45 5.67 -49.76
C LEU A 122 42.14 5.33 -49.06
N LYS A 123 41.11 5.05 -49.84
CA LYS A 123 39.78 4.73 -49.30
C LYS A 123 39.80 3.59 -48.27
N PRO A 124 40.37 2.42 -48.63
CA PRO A 124 40.41 1.30 -47.68
C PRO A 124 41.04 1.71 -46.35
N GLU A 125 41.98 2.64 -46.38
CA GLU A 125 42.63 3.11 -45.17
C GLU A 125 41.68 3.93 -44.31
N TYR A 126 40.76 4.66 -44.95
CA TYR A 126 39.78 5.45 -44.22
C TYR A 126 38.77 4.51 -43.59
N LEU A 127 38.34 3.51 -44.37
CA LEU A 127 37.39 2.53 -43.88
C LEU A 127 38.02 1.79 -42.70
N GLU A 128 39.32 1.55 -42.84
CA GLU A 128 40.15 0.85 -41.87
C GLU A 128 40.09 1.51 -40.47
N GLU A 129 39.95 2.83 -40.43
CA GLU A 129 39.91 3.57 -39.16
C GLU A 129 38.56 4.25 -38.91
N LEU A 130 37.66 4.17 -39.88
CA LEU A 130 36.34 4.79 -39.79
C LEU A 130 35.51 4.45 -38.54
N PRO A 131 35.30 3.15 -38.25
CA PRO A 131 34.51 2.80 -37.07
C PRO A 131 34.98 3.46 -35.77
N THR A 132 36.26 3.34 -35.45
CA THR A 132 36.78 3.92 -34.22
C THR A 132 36.51 5.42 -34.11
N MET A 133 36.66 6.14 -35.22
CA MET A 133 36.40 7.57 -35.20
C MET A 133 34.93 7.79 -34.88
N MET A 134 34.08 6.96 -35.47
CA MET A 134 32.64 7.04 -35.26
C MET A 134 32.28 6.78 -33.80
N GLN A 135 32.96 5.79 -33.20
CA GLN A 135 32.73 5.42 -31.81
C GLN A 135 32.66 6.65 -30.93
N HIS A 136 33.73 7.44 -31.00
CA HIS A 136 33.86 8.65 -30.21
C HIS A 136 32.68 9.59 -30.36
N PHE A 137 32.14 9.67 -31.57
CA PHE A 137 30.98 10.52 -31.77
C PHE A 137 29.83 10.00 -30.94
N SER A 138 29.68 8.68 -30.93
CA SER A 138 28.62 8.05 -30.16
C SER A 138 28.82 8.40 -28.68
N GLN A 139 30.03 8.20 -28.17
CA GLN A 139 30.35 8.49 -26.77
C GLN A 139 29.83 9.88 -26.40
N PHE A 140 30.30 10.88 -27.14
CA PHE A 140 29.95 12.29 -26.93
C PHE A 140 28.45 12.55 -26.75
N LEU A 141 27.65 12.02 -27.65
CA LEU A 141 26.21 12.20 -27.55
C LEU A 141 25.76 11.47 -26.29
N GLY A 142 26.22 10.23 -26.17
CA GLY A 142 25.88 9.42 -25.02
C GLY A 142 24.40 9.13 -24.92
N LYS A 143 23.73 9.82 -24.02
CA LYS A 143 22.31 9.61 -23.79
C LYS A 143 21.51 10.84 -24.20
N ARG A 144 22.18 11.97 -24.34
CA ARG A 144 21.52 13.23 -24.69
C ARG A 144 20.81 13.19 -26.03
N PRO A 145 19.83 14.10 -26.22
CA PRO A 145 19.09 14.16 -27.48
C PRO A 145 19.92 14.97 -28.47
N TRP A 146 20.64 15.99 -27.98
CA TRP A 146 21.51 16.82 -28.80
C TRP A 146 22.94 16.78 -28.25
N PHE A 147 23.92 16.61 -29.14
CA PHE A 147 25.35 16.52 -28.80
C PHE A 147 25.86 17.34 -27.65
N VAL A 148 25.29 18.50 -27.44
CA VAL A 148 25.71 19.36 -26.31
C VAL A 148 24.96 18.99 -25.04
N GLY A 149 23.68 18.62 -25.17
CA GLY A 149 22.90 18.25 -24.01
C GLY A 149 21.41 18.25 -24.22
N ASP A 150 20.74 19.07 -23.42
CA ASP A 150 19.29 19.21 -23.45
C ASP A 150 18.82 20.14 -24.56
N LYS A 151 19.68 21.06 -24.97
CA LYS A 151 19.30 22.01 -26.00
C LYS A 151 19.96 21.77 -27.36
N ILE A 152 19.35 22.35 -28.38
CA ILE A 152 19.84 22.28 -29.74
C ILE A 152 20.78 23.47 -29.92
N THR A 153 21.95 23.21 -30.50
CA THR A 153 22.94 24.25 -30.77
C THR A 153 23.38 24.08 -32.23
N PHE A 154 24.17 25.00 -32.74
CA PHE A 154 24.62 24.89 -34.12
C PHE A 154 25.41 23.62 -34.40
N VAL A 155 26.21 23.19 -33.43
CA VAL A 155 27.04 21.98 -33.61
C VAL A 155 26.24 20.72 -33.96
N ASP A 156 24.92 20.74 -33.73
CA ASP A 156 24.10 19.58 -34.07
C ASP A 156 23.98 19.49 -35.59
N PHE A 157 23.72 20.63 -36.22
CA PHE A 157 23.59 20.71 -37.68
C PHE A 157 24.89 20.21 -38.30
N LEU A 158 26.01 20.78 -37.84
CA LEU A 158 27.34 20.43 -38.30
C LEU A 158 27.49 18.91 -38.25
N ALA A 159 27.25 18.36 -37.05
CA ALA A 159 27.35 16.90 -36.81
C ALA A 159 26.48 16.09 -37.75
N TYR A 160 25.24 16.53 -37.92
CA TYR A 160 24.29 15.85 -38.81
C TYR A 160 24.83 15.82 -40.24
N ASP A 161 25.46 16.91 -40.65
CA ASP A 161 26.05 17.04 -41.98
C ASP A 161 27.13 15.98 -42.17
N VAL A 162 28.12 16.00 -41.29
CA VAL A 162 29.24 15.07 -41.33
C VAL A 162 28.79 13.61 -41.17
N LEU A 163 27.73 13.40 -40.41
CA LEU A 163 27.19 12.05 -40.20
C LEU A 163 26.54 11.53 -41.46
N ASP A 164 25.66 12.34 -42.07
CA ASP A 164 24.97 11.94 -43.28
C ASP A 164 25.97 11.68 -44.40
N LEU A 165 27.00 12.52 -44.47
CA LEU A 165 28.04 12.39 -45.48
C LEU A 165 28.53 10.94 -45.52
N HIS A 166 28.87 10.41 -44.35
CA HIS A 166 29.37 9.05 -44.24
C HIS A 166 28.32 7.97 -44.47
N ARG A 167 27.06 8.34 -44.53
CA ARG A 167 25.97 7.41 -44.77
C ARG A 167 25.87 7.01 -46.25
N ILE A 168 26.19 7.94 -47.15
CA ILE A 168 26.14 7.68 -48.58
C ILE A 168 27.47 7.03 -48.99
N PHE A 169 28.52 7.38 -48.26
CA PHE A 169 29.87 6.85 -48.51
C PHE A 169 29.92 5.38 -48.12
N GLU A 170 29.44 5.07 -46.92
CA GLU A 170 29.43 3.70 -46.42
C GLU A 170 28.20 3.54 -45.52
N PRO A 171 27.06 3.13 -46.09
CA PRO A 171 25.78 2.94 -45.40
C PRO A 171 25.82 2.14 -44.09
N ASN A 172 26.92 1.45 -43.83
CA ASN A 172 27.03 0.64 -42.62
C ASN A 172 27.96 1.13 -41.53
N CYS A 173 28.61 2.26 -41.75
CA CYS A 173 29.52 2.83 -40.76
C CYS A 173 28.73 3.22 -39.52
N LEU A 174 27.58 3.84 -39.75
CA LEU A 174 26.71 4.29 -38.68
C LEU A 174 25.85 3.14 -38.16
N ASP A 175 25.86 2.03 -38.90
CA ASP A 175 25.09 0.84 -38.57
C ASP A 175 25.75 0.01 -37.46
N ALA A 176 26.29 0.71 -36.46
CA ALA A 176 26.95 0.06 -35.34
C ALA A 176 26.63 0.81 -34.06
N PHE A 177 26.30 2.08 -34.19
CA PHE A 177 25.97 2.91 -33.04
C PHE A 177 24.57 3.52 -33.20
N PRO A 178 23.53 2.79 -32.80
CA PRO A 178 22.14 3.25 -32.90
C PRO A 178 21.93 4.62 -32.26
N ASN A 179 22.74 4.93 -31.25
CA ASN A 179 22.69 6.20 -30.54
C ASN A 179 22.81 7.36 -31.54
N LEU A 180 23.73 7.20 -32.48
CA LEU A 180 23.95 8.21 -33.50
C LEU A 180 22.78 8.23 -34.47
N LYS A 181 22.29 7.05 -34.83
CA LYS A 181 21.17 6.94 -35.76
C LYS A 181 19.94 7.71 -35.30
N ASP A 182 19.50 7.48 -34.07
CA ASP A 182 18.33 8.16 -33.52
C ASP A 182 18.49 9.68 -33.61
N PHE A 183 19.70 10.14 -33.32
CA PHE A 183 20.06 11.57 -33.37
C PHE A 183 19.69 12.11 -34.74
N ILE A 184 20.11 11.38 -35.77
CA ILE A 184 19.83 11.77 -37.14
C ILE A 184 18.33 11.84 -37.40
N SER A 185 17.61 10.77 -37.09
CA SER A 185 16.17 10.71 -37.30
C SER A 185 15.45 11.81 -36.52
N ARG A 186 15.96 12.14 -35.34
CA ARG A 186 15.36 13.19 -34.54
C ARG A 186 15.54 14.50 -35.31
N PHE A 187 16.79 14.75 -35.74
CA PHE A 187 17.13 15.95 -36.47
C PHE A 187 16.20 16.15 -37.68
N GLU A 188 16.04 15.11 -38.47
CA GLU A 188 15.19 15.18 -39.64
C GLU A 188 13.72 15.39 -39.29
N GLY A 189 13.30 14.89 -38.14
CA GLY A 189 11.92 15.03 -37.72
C GLY A 189 11.50 16.42 -37.27
N LEU A 190 12.47 17.31 -37.10
CA LEU A 190 12.20 18.68 -36.68
C LEU A 190 11.32 19.35 -37.74
N GLU A 191 10.13 19.79 -37.32
CA GLU A 191 9.16 20.43 -38.21
C GLU A 191 9.73 21.26 -39.38
N LYS A 192 10.34 22.38 -39.07
CA LYS A 192 10.93 23.25 -40.09
C LYS A 192 12.17 22.69 -40.78
N ILE A 193 12.48 21.42 -40.53
CA ILE A 193 13.63 20.78 -41.15
C ILE A 193 13.09 19.79 -42.19
N SER A 194 12.02 19.10 -41.85
CA SER A 194 11.39 18.15 -42.75
C SER A 194 10.83 18.92 -43.96
N ALA A 195 10.29 20.10 -43.68
CA ALA A 195 9.71 20.97 -44.70
C ALA A 195 10.78 21.36 -45.70
N TYR A 196 11.94 21.79 -45.20
CA TYR A 196 13.03 22.18 -46.06
C TYR A 196 13.51 20.99 -46.88
N MET A 197 13.64 19.82 -46.24
CA MET A 197 14.10 18.61 -46.90
C MET A 197 13.25 18.16 -48.09
N LYS A 198 11.97 18.50 -48.07
CA LYS A 198 11.09 18.15 -49.19
C LYS A 198 10.64 19.44 -49.87
N SER A 199 11.56 20.41 -49.90
CA SER A 199 11.35 21.71 -50.50
C SER A 199 12.29 21.87 -51.68
N SER A 200 11.93 22.76 -52.60
CA SER A 200 12.71 23.02 -53.80
C SER A 200 14.10 23.63 -53.57
N ARG A 201 14.39 24.04 -52.34
CA ARG A 201 15.69 24.64 -52.05
C ARG A 201 16.65 23.68 -51.35
N PHE A 202 16.24 22.44 -51.13
CA PHE A 202 17.10 21.49 -50.46
C PHE A 202 18.25 21.02 -51.35
N LEU A 203 19.48 21.25 -50.89
CA LEU A 203 20.66 20.84 -51.65
C LEU A 203 21.43 19.72 -50.93
N PRO A 204 21.12 18.45 -51.26
CA PRO A 204 21.77 17.29 -50.67
C PRO A 204 22.91 16.72 -51.51
N LYS A 205 22.98 17.11 -52.78
CA LYS A 205 24.02 16.63 -53.69
C LYS A 205 23.94 17.52 -54.93
N PRO A 206 25.07 17.69 -55.66
CA PRO A 206 26.42 17.14 -55.47
C PRO A 206 27.05 17.39 -54.11
N LEU A 207 27.80 16.39 -53.63
CA LEU A 207 28.48 16.48 -52.34
C LEU A 207 29.72 17.34 -52.45
N TYR A 208 30.65 16.91 -53.30
CA TYR A 208 31.91 17.61 -53.51
C TYR A 208 31.89 18.42 -54.80
N THR A 209 32.90 19.24 -55.01
CA THR A 209 32.97 20.07 -56.21
C THR A 209 33.05 19.22 -57.47
N ARG A 210 32.85 19.81 -58.62
CA ARG A 210 32.87 19.11 -59.90
C ARG A 210 34.25 18.64 -60.37
N VAL A 211 35.13 18.35 -59.43
CA VAL A 211 36.49 17.92 -59.72
C VAL A 211 36.91 16.76 -58.80
N ALA A 212 36.16 16.59 -57.71
CA ALA A 212 36.45 15.56 -56.73
C ALA A 212 36.40 14.15 -57.31
N VAL A 213 37.40 13.34 -56.97
CA VAL A 213 37.46 11.96 -57.45
C VAL A 213 36.25 11.17 -56.97
N TRP A 214 35.58 11.68 -55.94
CA TRP A 214 34.38 11.07 -55.41
C TRP A 214 33.46 12.15 -54.83
N GLY A 215 32.19 12.09 -55.19
CA GLY A 215 31.23 13.07 -54.69
C GLY A 215 30.89 14.17 -55.67
N ASN A 216 31.64 14.24 -56.77
CA ASN A 216 31.41 15.26 -57.79
C ASN A 216 30.29 14.92 -58.80
N LYS A 217 29.66 15.93 -59.35
CA LYS A 217 28.56 15.76 -60.30
C LYS A 217 28.25 17.07 -61.04
N SER B 1 47.55 23.46 -11.16
CA SER B 1 48.29 23.55 -12.44
C SER B 1 47.55 22.75 -13.51
N MET B 2 48.04 22.82 -14.72
CA MET B 2 47.42 22.13 -15.83
C MET B 2 48.54 21.54 -16.65
N THR B 3 48.25 20.56 -17.47
CA THR B 3 49.30 19.97 -18.30
C THR B 3 48.88 20.13 -19.74
N LEU B 4 49.84 20.25 -20.62
CA LEU B 4 49.58 20.39 -22.05
C LEU B 4 50.39 19.29 -22.69
N GLY B 5 49.76 18.53 -23.58
CA GLY B 5 50.47 17.45 -24.23
C GLY B 5 50.62 17.70 -25.70
N TYR B 6 51.69 17.20 -26.29
CA TYR B 6 51.98 17.32 -27.71
C TYR B 6 53.37 16.68 -27.88
N TRP B 7 54.02 16.90 -29.01
CA TRP B 7 55.34 16.34 -29.22
C TRP B 7 56.36 17.43 -28.83
N ASP B 8 57.65 17.14 -28.94
CA ASP B 8 58.66 18.16 -28.64
C ASP B 8 58.92 18.97 -29.91
N ILE B 9 57.86 19.07 -30.71
CA ILE B 9 57.83 19.77 -31.98
C ILE B 9 56.90 20.97 -31.79
N ARG B 10 57.16 22.04 -32.55
CA ARG B 10 56.34 23.26 -32.50
C ARG B 10 54.89 22.89 -32.79
N GLY B 11 54.65 22.52 -34.04
CA GLY B 11 53.33 22.12 -34.49
C GLY B 11 52.20 23.05 -34.13
N LEU B 12 51.03 22.47 -33.88
CA LEU B 12 49.84 23.23 -33.53
C LEU B 12 49.85 23.63 -32.06
N ALA B 13 50.92 23.27 -31.37
CA ALA B 13 51.07 23.57 -29.95
C ALA B 13 51.63 24.94 -29.65
N HIS B 14 52.55 25.40 -30.49
CA HIS B 14 53.21 26.69 -30.29
C HIS B 14 52.29 27.86 -29.97
N ALA B 15 51.07 27.83 -30.47
CA ALA B 15 50.11 28.91 -30.22
C ALA B 15 49.60 28.87 -28.77
N ILE B 16 49.17 27.68 -28.33
CA ILE B 16 48.65 27.49 -26.97
C ILE B 16 49.76 27.73 -25.95
N ARG B 17 50.94 27.20 -26.25
CA ARG B 17 52.11 27.32 -25.39
C ARG B 17 52.44 28.82 -25.16
N LEU B 18 52.08 29.64 -26.13
CA LEU B 18 52.29 31.08 -26.04
C LEU B 18 51.22 31.69 -25.16
N LEU B 19 49.97 31.33 -25.43
CA LEU B 19 48.82 31.84 -24.69
C LEU B 19 48.90 31.58 -23.19
N LEU B 20 49.26 30.36 -22.81
CA LEU B 20 49.38 30.02 -21.40
C LEU B 20 50.50 30.80 -20.71
N GLU B 21 51.59 31.01 -21.44
CA GLU B 21 52.72 31.74 -20.89
C GLU B 21 52.34 33.20 -20.65
N TYR B 22 51.80 33.86 -21.66
CA TYR B 22 51.40 35.26 -21.54
C TYR B 22 50.45 35.53 -20.37
N THR B 23 49.69 34.52 -19.97
CA THR B 23 48.75 34.71 -18.88
C THR B 23 49.18 34.09 -17.54
N ASP B 24 50.49 34.00 -17.34
CA ASP B 24 51.08 33.45 -16.12
C ASP B 24 50.53 32.11 -15.69
N SER B 25 49.92 31.39 -16.62
CA SER B 25 49.33 30.11 -16.32
C SER B 25 50.40 29.05 -15.99
N SER B 26 50.35 28.55 -14.75
CA SER B 26 51.27 27.54 -14.27
C SER B 26 50.86 26.22 -14.93
N TYR B 27 51.59 25.84 -15.98
CA TYR B 27 51.30 24.62 -16.71
C TYR B 27 52.45 23.61 -16.64
N GLU B 28 52.19 22.42 -17.17
CA GLU B 28 53.18 21.34 -17.20
C GLU B 28 53.33 20.85 -18.63
N GLU B 29 54.58 20.56 -19.02
CA GLU B 29 54.88 20.09 -20.37
C GLU B 29 54.82 18.57 -20.52
N LYS B 30 53.90 18.10 -21.35
CA LYS B 30 53.73 16.67 -21.60
C LYS B 30 54.11 16.43 -23.06
N LYS B 31 55.38 16.09 -23.29
CA LYS B 31 55.85 15.87 -24.66
C LYS B 31 56.24 14.43 -24.95
N TYR B 32 55.78 13.92 -26.09
CA TYR B 32 56.05 12.56 -26.54
C TYR B 32 56.96 12.57 -27.77
N THR B 33 57.90 11.64 -27.81
CA THR B 33 58.86 11.56 -28.90
C THR B 33 58.61 10.35 -29.82
N MET B 34 58.85 10.54 -31.11
CA MET B 34 58.70 9.48 -32.11
C MET B 34 60.08 9.26 -32.70
N GLY B 35 60.36 8.02 -33.09
CA GLY B 35 61.65 7.71 -33.66
C GLY B 35 61.77 8.14 -35.10
N ASP B 36 63.00 8.08 -35.62
CA ASP B 36 63.27 8.44 -37.01
C ASP B 36 63.22 7.12 -37.75
N ALA B 37 64.34 6.68 -38.32
CA ALA B 37 64.40 5.41 -39.06
C ALA B 37 63.34 5.42 -40.16
N PRO B 38 63.17 4.30 -40.89
CA PRO B 38 62.14 4.32 -41.94
C PRO B 38 60.72 4.30 -41.39
N ASP B 39 60.53 3.59 -40.27
CA ASP B 39 59.22 3.51 -39.64
C ASP B 39 59.24 4.38 -38.40
N TYR B 40 58.75 5.60 -38.55
CA TYR B 40 58.69 6.58 -37.48
C TYR B 40 57.86 6.08 -36.31
N ASP B 41 58.54 5.42 -35.38
CA ASP B 41 57.92 4.83 -34.20
C ASP B 41 57.12 5.85 -33.35
N ARG B 42 55.81 5.91 -33.61
CA ARG B 42 54.93 6.83 -32.88
C ARG B 42 54.27 6.09 -31.71
N SER B 43 55.06 5.46 -30.85
CA SER B 43 54.49 4.71 -29.72
C SER B 43 54.26 5.53 -28.45
N GLN B 44 55.31 6.24 -28.01
CA GLN B 44 55.30 7.07 -26.81
C GLN B 44 53.92 7.64 -26.46
N TRP B 45 53.26 8.22 -27.46
CA TRP B 45 51.95 8.80 -27.29
C TRP B 45 50.84 7.74 -27.39
N LEU B 46 50.97 6.83 -28.34
CA LEU B 46 49.97 5.77 -28.56
C LEU B 46 49.59 4.94 -27.35
N ASN B 47 50.60 4.56 -26.55
CA ASN B 47 50.35 3.76 -25.36
C ASN B 47 49.66 4.54 -24.24
N GLU B 48 49.47 5.84 -24.44
CA GLU B 48 48.83 6.67 -23.45
C GLU B 48 47.56 7.33 -23.99
N LYS B 49 47.24 7.05 -25.25
CA LYS B 49 46.05 7.60 -25.90
C LYS B 49 44.80 7.44 -25.04
N PHE B 50 44.40 6.18 -24.87
CA PHE B 50 43.20 5.81 -24.11
C PHE B 50 43.27 6.10 -22.59
N LYS B 51 44.46 5.94 -22.00
CA LYS B 51 44.68 6.16 -20.57
C LYS B 51 44.32 7.53 -20.02
N LEU B 52 44.10 8.50 -20.89
CA LEU B 52 43.76 9.84 -20.45
C LEU B 52 42.27 10.11 -20.41
N GLY B 53 41.50 9.18 -20.97
CA GLY B 53 40.05 9.36 -20.98
C GLY B 53 39.59 10.63 -21.69
N LEU B 54 40.18 10.89 -22.85
CA LEU B 54 39.79 12.05 -23.65
C LEU B 54 38.56 11.69 -24.49
N ASP B 55 37.67 12.66 -24.70
CA ASP B 55 36.48 12.42 -25.52
C ASP B 55 36.96 11.97 -26.90
N PHE B 56 37.89 12.75 -27.44
CA PHE B 56 38.45 12.49 -28.76
C PHE B 56 39.96 12.42 -28.61
N PRO B 57 40.51 11.20 -28.69
CA PRO B 57 41.96 10.97 -28.57
C PRO B 57 42.79 11.70 -29.63
N ASN B 58 43.66 12.60 -29.17
CA ASN B 58 44.55 13.37 -30.04
C ASN B 58 45.29 14.43 -29.23
N LEU B 59 46.37 14.94 -29.80
CA LEU B 59 47.17 15.99 -29.21
C LEU B 59 47.44 17.08 -30.24
N PRO B 60 47.63 18.34 -29.81
CA PRO B 60 47.57 18.79 -28.42
C PRO B 60 46.23 18.60 -27.71
N TYR B 61 46.33 18.37 -26.42
CA TYR B 61 45.17 18.19 -25.56
C TYR B 61 45.57 18.88 -24.26
N LEU B 62 44.60 19.52 -23.63
CA LEU B 62 44.83 20.24 -22.39
C LEU B 62 44.19 19.56 -21.20
N ILE B 63 44.83 19.69 -20.05
CA ILE B 63 44.32 19.11 -18.81
C ILE B 63 44.25 20.25 -17.79
N ASP B 64 43.10 20.36 -17.12
CA ASP B 64 42.88 21.34 -16.07
C ASP B 64 41.86 20.72 -15.11
N GLY B 65 42.29 19.64 -14.45
CA GLY B 65 41.45 18.93 -13.52
C GLY B 65 40.34 18.18 -14.24
N ALA B 66 39.10 18.61 -13.96
CA ALA B 66 37.93 18.02 -14.59
C ALA B 66 37.76 18.65 -15.96
N HIS B 67 38.88 19.02 -16.58
CA HIS B 67 38.87 19.66 -17.89
C HIS B 67 40.00 19.10 -18.72
N LYS B 68 39.67 18.27 -19.66
CA LYS B 68 40.66 17.71 -20.55
C LYS B 68 40.02 17.89 -21.89
N ILE B 69 40.65 18.66 -22.75
CA ILE B 69 40.10 18.93 -24.06
C ILE B 69 41.10 18.73 -25.18
N THR B 70 40.60 18.59 -26.40
CA THR B 70 41.45 18.39 -27.57
C THR B 70 41.14 19.52 -28.56
N GLN B 71 41.45 19.32 -29.85
CA GLN B 71 41.20 20.30 -30.90
C GLN B 71 41.69 21.72 -30.62
N SER B 72 42.81 22.04 -31.24
CA SER B 72 43.50 23.33 -31.12
C SER B 72 42.69 24.57 -30.73
N ASN B 73 41.63 24.84 -31.47
CA ASN B 73 40.79 26.02 -31.19
C ASN B 73 40.03 25.93 -29.89
N ALA B 74 39.63 24.74 -29.50
CA ALA B 74 38.91 24.56 -28.26
C ALA B 74 39.80 24.93 -27.06
N ILE B 75 41.07 24.53 -27.13
CA ILE B 75 42.05 24.80 -26.08
C ILE B 75 42.37 26.28 -25.93
N LEU B 76 42.67 26.95 -27.05
CA LEU B 76 42.97 28.39 -27.02
C LEU B 76 41.80 29.14 -26.43
N CYS B 77 40.62 28.95 -27.02
CA CYS B 77 39.41 29.60 -26.54
C CYS B 77 39.23 29.49 -25.02
N TYR B 78 39.24 28.25 -24.53
CA TYR B 78 39.07 27.95 -23.10
C TYR B 78 39.98 28.75 -22.15
N ILE B 79 41.26 28.94 -22.51
CA ILE B 79 42.18 29.72 -21.69
C ILE B 79 41.80 31.18 -21.80
N ALA B 80 41.38 31.58 -23.00
CA ALA B 80 40.98 32.95 -23.29
C ALA B 80 39.77 33.34 -22.45
N ARG B 81 38.85 32.39 -22.26
CA ARG B 81 37.63 32.62 -21.50
C ARG B 81 37.89 33.17 -20.10
N LYS B 82 38.74 32.52 -19.32
CA LYS B 82 39.07 32.99 -17.97
C LYS B 82 39.99 34.19 -17.99
N HIS B 83 40.08 34.89 -19.12
CA HIS B 83 40.93 36.04 -19.27
C HIS B 83 40.25 37.12 -20.10
N ASN B 84 39.12 36.78 -20.73
CA ASN B 84 38.36 37.71 -21.57
C ASN B 84 39.08 38.04 -22.89
N LEU B 85 40.03 37.19 -23.27
CA LEU B 85 40.81 37.36 -24.49
C LEU B 85 40.03 36.95 -25.74
N CYS B 86 38.74 37.22 -25.72
CA CYS B 86 37.87 36.89 -26.83
C CYS B 86 37.29 38.23 -27.20
N GLY B 87 36.27 38.21 -28.05
CA GLY B 87 35.64 39.46 -28.41
C GLY B 87 34.77 39.93 -27.26
N GLU B 88 34.36 41.18 -27.34
CA GLU B 88 33.48 41.77 -26.34
C GLU B 88 32.24 42.22 -27.12
N THR B 89 32.46 43.12 -28.07
CA THR B 89 31.37 43.63 -28.90
C THR B 89 31.17 42.70 -30.11
N GLU B 90 29.97 42.72 -30.70
CA GLU B 90 29.64 41.86 -31.86
C GLU B 90 30.67 41.97 -32.99
N GLU B 91 31.17 43.18 -33.21
CA GLU B 91 32.16 43.40 -34.25
C GLU B 91 33.43 42.66 -33.88
N GLU B 92 33.95 42.93 -32.68
CA GLU B 92 35.17 42.29 -32.23
C GLU B 92 35.05 40.79 -32.31
N LYS B 93 33.95 40.27 -31.81
CA LYS B 93 33.74 38.84 -31.80
C LYS B 93 33.76 38.20 -33.19
N ILE B 94 33.12 38.81 -34.19
CA ILE B 94 33.12 38.23 -35.54
C ILE B 94 34.49 38.28 -36.21
N ARG B 95 35.26 39.33 -35.92
CA ARG B 95 36.60 39.48 -36.49
C ARG B 95 37.49 38.43 -35.87
N VAL B 96 37.13 38.01 -34.66
CA VAL B 96 37.88 36.98 -33.96
C VAL B 96 37.60 35.62 -34.63
N ASP B 97 36.34 35.39 -34.98
CA ASP B 97 35.93 34.13 -35.61
C ASP B 97 36.55 33.98 -36.99
N ILE B 98 36.43 35.02 -37.81
CA ILE B 98 36.99 35.02 -39.16
C ILE B 98 38.47 34.65 -39.04
N LEU B 99 39.23 35.50 -38.37
CA LEU B 99 40.65 35.31 -38.18
C LEU B 99 40.97 33.94 -37.62
N GLU B 100 40.16 33.49 -36.65
CA GLU B 100 40.35 32.19 -36.01
C GLU B 100 40.57 31.11 -37.06
N ASN B 101 39.51 30.87 -37.84
CA ASN B 101 39.51 29.86 -38.87
C ASN B 101 40.46 30.18 -40.02
N GLN B 102 40.63 31.46 -40.31
CA GLN B 102 41.50 31.89 -41.40
C GLN B 102 42.93 31.54 -41.09
N ALA B 103 43.35 31.83 -39.86
CA ALA B 103 44.72 31.55 -39.43
C ALA B 103 45.00 30.07 -39.65
N MET B 104 44.18 29.23 -39.04
CA MET B 104 44.33 27.78 -39.15
C MET B 104 44.24 27.31 -40.61
N ASP B 105 43.54 28.07 -41.44
CA ASP B 105 43.39 27.72 -42.85
C ASP B 105 44.72 27.84 -43.58
N VAL B 106 45.45 28.92 -43.32
CA VAL B 106 46.75 29.14 -43.97
C VAL B 106 47.87 28.32 -43.35
N SER B 107 47.73 27.98 -42.06
CA SER B 107 48.72 27.15 -41.38
C SER B 107 48.64 25.80 -42.07
N ASN B 108 47.43 25.30 -42.22
CA ASN B 108 47.20 24.02 -42.87
C ASN B 108 47.69 24.01 -44.32
N GLN B 109 47.38 25.07 -45.06
CA GLN B 109 47.80 25.18 -46.46
C GLN B 109 49.30 24.90 -46.59
N LEU B 110 50.08 25.57 -45.76
CA LEU B 110 51.53 25.43 -45.74
C LEU B 110 51.94 24.03 -45.28
N ALA B 111 51.19 23.45 -44.35
CA ALA B 111 51.46 22.13 -43.82
C ALA B 111 51.34 21.05 -44.89
N ARG B 112 50.24 21.10 -45.64
CA ARG B 112 49.98 20.14 -46.69
C ARG B 112 51.12 20.08 -47.68
N VAL B 113 51.60 21.25 -48.09
CA VAL B 113 52.71 21.35 -49.03
C VAL B 113 54.01 20.82 -48.43
N CYS B 114 54.17 21.01 -47.13
CA CYS B 114 55.36 20.56 -46.43
C CYS B 114 55.29 19.09 -46.04
N TYR B 115 54.08 18.54 -45.98
CA TYR B 115 53.89 17.13 -45.65
C TYR B 115 53.67 16.35 -46.94
N SER B 116 54.21 16.87 -48.04
CA SER B 116 54.11 16.25 -49.35
C SER B 116 55.51 16.12 -49.90
N PRO B 117 55.90 14.90 -50.28
CA PRO B 117 57.23 14.63 -50.84
C PRO B 117 57.44 15.44 -52.12
N ASP B 118 56.34 15.86 -52.73
CA ASP B 118 56.37 16.65 -53.95
C ASP B 118 56.61 18.11 -53.60
N PHE B 119 57.22 18.33 -52.44
CA PHE B 119 57.55 19.63 -51.90
C PHE B 119 57.94 20.66 -52.96
N GLU B 120 59.15 20.52 -53.49
CA GLU B 120 59.66 21.45 -54.50
C GLU B 120 58.75 21.66 -55.71
N LYS B 121 57.86 20.71 -55.95
CA LYS B 121 56.92 20.80 -57.07
C LYS B 121 55.83 21.82 -56.75
N LEU B 122 55.27 21.74 -55.55
CA LEU B 122 54.23 22.66 -55.14
C LEU B 122 54.79 23.90 -54.47
N LYS B 123 56.01 23.83 -53.99
CA LYS B 123 56.68 24.94 -53.31
C LYS B 123 56.52 26.30 -54.02
N PRO B 124 56.80 26.36 -55.35
CA PRO B 124 56.68 27.60 -56.09
C PRO B 124 55.24 28.12 -56.20
N GLU B 125 54.31 27.20 -56.37
CA GLU B 125 52.90 27.53 -56.50
C GLU B 125 52.42 28.30 -55.27
N TYR B 126 52.89 27.87 -54.10
CA TYR B 126 52.52 28.53 -52.86
C TYR B 126 53.22 29.88 -52.80
N LEU B 127 54.50 29.89 -53.13
CA LEU B 127 55.30 31.12 -53.11
C LEU B 127 54.76 32.22 -54.01
N GLU B 128 54.12 31.84 -55.13
CA GLU B 128 53.56 32.83 -56.05
C GLU B 128 52.25 33.45 -55.56
N GLU B 129 51.40 32.66 -54.91
CA GLU B 129 50.14 33.16 -54.39
C GLU B 129 50.33 33.84 -53.02
N LEU B 130 51.37 33.42 -52.29
CA LEU B 130 51.68 33.96 -50.97
C LEU B 130 51.60 35.48 -50.78
N PRO B 131 52.13 36.27 -51.74
CA PRO B 131 52.07 37.74 -51.60
C PRO B 131 50.66 38.28 -51.44
N THR B 132 49.71 37.72 -52.19
CA THR B 132 48.33 38.18 -52.09
C THR B 132 47.79 37.78 -50.72
N MET B 133 48.26 36.62 -50.24
CA MET B 133 47.87 36.06 -48.95
C MET B 133 48.26 37.00 -47.82
N MET B 134 49.55 37.30 -47.76
CA MET B 134 50.09 38.20 -46.74
C MET B 134 49.41 39.56 -46.83
N GLN B 135 49.21 40.00 -48.06
CA GLN B 135 48.57 41.28 -48.34
C GLN B 135 47.30 41.50 -47.52
N HIS B 136 46.47 40.47 -47.46
CA HIS B 136 45.21 40.53 -46.73
C HIS B 136 45.31 40.63 -45.22
N PHE B 137 46.34 40.03 -44.64
CA PHE B 137 46.52 40.12 -43.20
C PHE B 137 46.71 41.58 -42.86
N SER B 138 47.46 42.29 -43.70
CA SER B 138 47.66 43.72 -43.50
C SER B 138 46.33 44.45 -43.75
N GLN B 139 45.59 44.03 -44.78
CA GLN B 139 44.30 44.63 -45.11
C GLN B 139 43.37 44.52 -43.89
N PHE B 140 43.55 43.46 -43.11
CA PHE B 140 42.74 43.20 -41.91
C PHE B 140 43.23 44.02 -40.71
N LEU B 141 44.52 43.90 -40.40
CA LEU B 141 45.11 44.64 -39.31
C LEU B 141 44.91 46.12 -39.59
N GLY B 142 45.54 46.57 -40.67
CA GLY B 142 45.41 47.95 -41.08
C GLY B 142 45.63 49.03 -40.04
N LYS B 143 44.55 49.50 -39.44
CA LYS B 143 44.60 50.59 -38.46
C LYS B 143 45.00 50.20 -37.02
N ARG B 144 44.34 49.19 -36.48
CA ARG B 144 44.60 48.77 -35.10
C ARG B 144 45.92 48.05 -34.83
N PRO B 145 46.41 48.12 -33.58
CA PRO B 145 47.67 47.47 -33.16
C PRO B 145 47.49 45.96 -33.12
N TRP B 146 46.29 45.54 -32.75
CA TRP B 146 45.95 44.13 -32.64
C TRP B 146 44.84 43.85 -33.61
N PHE B 147 45.00 42.78 -34.39
CA PHE B 147 44.07 42.32 -35.42
C PHE B 147 42.56 42.50 -35.23
N VAL B 148 42.12 42.61 -33.98
CA VAL B 148 40.71 42.77 -33.70
C VAL B 148 40.36 44.20 -33.26
N GLY B 149 41.33 44.88 -32.64
CA GLY B 149 41.10 46.24 -32.17
C GLY B 149 42.29 46.75 -31.37
N ASP B 150 41.98 47.50 -30.33
CA ASP B 150 43.04 48.06 -29.46
C ASP B 150 43.39 47.09 -28.34
N LYS B 151 42.61 46.02 -28.22
CA LYS B 151 42.83 45.03 -27.17
C LYS B 151 43.39 43.72 -27.71
N ILE B 152 44.26 43.09 -26.93
CA ILE B 152 44.87 41.82 -27.29
C ILE B 152 43.87 40.69 -27.11
N THR B 153 43.89 39.71 -28.01
CA THR B 153 42.99 38.56 -27.93
C THR B 153 43.77 37.30 -28.32
N PHE B 154 43.17 36.13 -28.10
CA PHE B 154 43.84 34.87 -28.43
C PHE B 154 44.22 34.78 -29.91
N VAL B 155 43.42 35.41 -30.76
CA VAL B 155 43.68 35.40 -32.19
C VAL B 155 45.00 36.09 -32.53
N ASP B 156 45.40 37.05 -31.71
CA ASP B 156 46.67 37.75 -31.94
C ASP B 156 47.85 36.81 -31.70
N PHE B 157 47.58 35.67 -31.05
CA PHE B 157 48.60 34.67 -30.81
C PHE B 157 48.69 33.82 -32.08
N LEU B 158 47.53 33.47 -32.62
CA LEU B 158 47.43 32.69 -33.84
C LEU B 158 48.11 33.45 -34.99
N ALA B 159 47.86 34.75 -35.02
CA ALA B 159 48.43 35.62 -36.04
C ALA B 159 49.96 35.64 -35.97
N TYR B 160 50.51 35.77 -34.76
CA TYR B 160 51.96 35.81 -34.60
C TYR B 160 52.65 34.56 -35.15
N ASP B 161 52.24 33.42 -34.62
CA ASP B 161 52.79 32.11 -34.99
C ASP B 161 52.76 31.87 -36.52
N VAL B 162 51.60 32.06 -37.13
CA VAL B 162 51.44 31.86 -38.58
C VAL B 162 52.32 32.82 -39.38
N LEU B 163 52.59 33.97 -38.79
CA LEU B 163 53.45 34.98 -39.42
C LEU B 163 54.90 34.56 -39.33
N ASP B 164 55.32 34.03 -38.19
CA ASP B 164 56.70 33.59 -38.00
C ASP B 164 57.02 32.35 -38.84
N LEU B 165 56.02 31.53 -39.11
CA LEU B 165 56.19 30.32 -39.93
C LEU B 165 56.66 30.72 -41.32
N HIS B 166 55.88 31.61 -41.94
CA HIS B 166 56.18 32.11 -43.28
C HIS B 166 57.46 32.94 -43.32
N ARG B 167 57.69 33.69 -42.25
CA ARG B 167 58.89 34.52 -42.11
C ARG B 167 60.15 33.69 -42.28
N ILE B 168 60.16 32.49 -41.70
CA ILE B 168 61.33 31.62 -41.79
C ILE B 168 61.30 30.82 -43.10
N PHE B 169 60.11 30.50 -43.59
CA PHE B 169 59.98 29.76 -44.84
C PHE B 169 60.55 30.66 -45.95
N GLU B 170 60.08 31.88 -46.01
CA GLU B 170 60.51 32.86 -47.00
C GLU B 170 60.48 34.27 -46.41
N PRO B 171 61.56 34.66 -45.72
CA PRO B 171 61.69 35.98 -45.08
C PRO B 171 61.17 37.16 -45.91
N ASN B 172 61.39 37.10 -47.22
CA ASN B 172 60.98 38.17 -48.12
C ASN B 172 59.47 38.19 -48.37
N CYS B 173 58.71 38.32 -47.30
CA CYS B 173 57.26 38.36 -47.40
C CYS B 173 56.71 39.55 -46.64
N LEU B 174 56.87 39.52 -45.34
CA LEU B 174 56.32 40.61 -44.50
C LEU B 174 56.94 41.98 -44.82
N ASP B 175 58.11 41.98 -45.45
CA ASP B 175 58.82 43.21 -45.81
C ASP B 175 57.96 44.17 -46.63
N ALA B 176 57.18 43.63 -47.56
CA ALA B 176 56.32 44.43 -48.42
C ALA B 176 55.14 45.01 -47.63
N PHE B 177 55.04 44.61 -46.36
CA PHE B 177 53.96 45.06 -45.50
C PHE B 177 54.53 45.39 -44.14
N PRO B 178 54.94 46.66 -43.94
CA PRO B 178 55.51 47.18 -42.69
C PRO B 178 54.48 47.08 -41.57
N ASN B 179 53.23 46.98 -41.98
CA ASN B 179 52.07 46.84 -41.09
C ASN B 179 52.17 45.52 -40.35
N LEU B 180 52.40 44.44 -41.09
CA LEU B 180 52.54 43.12 -40.49
C LEU B 180 53.86 42.96 -39.74
N LYS B 181 54.87 43.74 -40.12
CA LYS B 181 56.17 43.67 -39.45
C LYS B 181 56.09 44.34 -38.07
N ASP B 182 55.28 45.38 -37.98
CA ASP B 182 55.07 46.10 -36.74
C ASP B 182 54.42 45.21 -35.70
N PHE B 183 53.43 44.46 -36.14
CA PHE B 183 52.72 43.54 -35.26
C PHE B 183 53.71 42.61 -34.56
N ILE B 184 54.58 41.96 -35.34
CA ILE B 184 55.58 41.06 -34.78
C ILE B 184 56.62 41.85 -33.95
N SER B 185 56.27 43.05 -33.53
CA SER B 185 57.18 43.83 -32.70
C SER B 185 56.52 43.93 -31.33
N ARG B 186 55.26 44.35 -31.30
CA ARG B 186 54.54 44.45 -30.03
C ARG B 186 54.47 43.06 -29.46
N PHE B 187 54.10 42.10 -30.29
CA PHE B 187 53.99 40.72 -29.87
C PHE B 187 55.34 40.03 -29.72
N GLU B 188 56.30 40.77 -29.19
CA GLU B 188 57.64 40.26 -28.94
C GLU B 188 58.19 41.08 -27.80
N GLY B 189 57.83 42.36 -27.82
CA GLY B 189 58.27 43.27 -26.78
C GLY B 189 57.48 43.15 -25.49
N LEU B 190 56.49 42.25 -25.46
CA LEU B 190 55.69 42.07 -24.26
C LEU B 190 56.51 41.41 -23.14
N GLU B 191 56.63 42.12 -22.01
CA GLU B 191 57.37 41.68 -20.82
C GLU B 191 57.41 40.17 -20.64
N LYS B 192 56.23 39.58 -20.47
CA LYS B 192 56.15 38.14 -20.27
C LYS B 192 56.57 37.30 -21.48
N ILE B 193 56.34 37.82 -22.69
CA ILE B 193 56.71 37.09 -23.91
C ILE B 193 58.23 37.11 -24.14
N SER B 194 58.86 38.25 -23.90
CA SER B 194 60.31 38.36 -24.06
C SER B 194 60.95 37.41 -23.05
N ALA B 195 60.29 37.30 -21.89
CA ALA B 195 60.74 36.42 -20.82
C ALA B 195 60.76 34.98 -21.36
N TYR B 196 59.61 34.54 -21.84
CA TYR B 196 59.48 33.19 -22.40
C TYR B 196 60.44 32.98 -23.56
N MET B 197 60.62 34.01 -24.37
CA MET B 197 61.51 33.94 -25.52
C MET B 197 62.93 33.67 -25.09
N LYS B 198 63.36 34.37 -24.04
CA LYS B 198 64.71 34.25 -23.53
C LYS B 198 64.77 33.28 -22.35
N SER B 199 63.97 32.22 -22.40
CA SER B 199 63.95 31.24 -21.32
C SER B 199 64.51 29.89 -21.77
N SER B 200 64.64 28.98 -20.82
CA SER B 200 65.16 27.65 -21.10
C SER B 200 64.17 26.77 -21.85
N ARG B 201 62.88 26.89 -21.51
CA ARG B 201 61.88 26.07 -22.17
C ARG B 201 61.20 26.72 -23.38
N PHE B 202 61.95 27.54 -24.11
CA PHE B 202 61.42 28.20 -25.31
C PHE B 202 61.64 27.28 -26.50
N LEU B 203 60.53 26.80 -27.08
CA LEU B 203 60.60 25.88 -28.21
C LEU B 203 60.17 26.53 -29.54
N PRO B 204 61.15 26.77 -30.43
CA PRO B 204 60.92 27.39 -31.74
C PRO B 204 60.70 26.27 -32.77
N LYS B 205 61.78 25.54 -33.06
CA LYS B 205 61.77 24.42 -34.00
C LYS B 205 61.89 23.13 -33.18
N PRO B 206 61.68 21.96 -33.81
CA PRO B 206 61.35 21.77 -35.23
C PRO B 206 59.94 22.23 -35.54
N LEU B 207 59.74 22.77 -36.74
CA LEU B 207 58.44 23.27 -37.17
C LEU B 207 57.46 22.14 -37.35
N TYR B 208 57.89 21.13 -38.08
CA TYR B 208 57.07 19.98 -38.38
C TYR B 208 57.70 18.73 -37.76
N THR B 209 56.94 17.64 -37.76
CA THR B 209 57.41 16.37 -37.20
C THR B 209 58.47 15.69 -38.08
N ARG B 210 59.15 14.68 -37.54
CA ARG B 210 60.19 13.95 -38.27
C ARG B 210 59.69 13.49 -39.63
N VAL B 211 58.38 13.35 -39.78
CA VAL B 211 57.78 12.90 -41.02
C VAL B 211 57.54 14.04 -42.04
N ALA B 212 58.21 15.17 -41.83
CA ALA B 212 58.08 16.32 -42.71
C ALA B 212 59.29 16.46 -43.62
N VAL B 213 59.04 16.72 -44.90
CA VAL B 213 60.12 16.88 -45.87
C VAL B 213 60.92 18.14 -45.51
N TRP B 214 60.22 19.19 -45.10
CA TRP B 214 60.86 20.43 -44.72
C TRP B 214 60.39 20.82 -43.33
N GLY B 215 61.22 21.56 -42.62
CA GLY B 215 60.86 22.00 -41.28
C GLY B 215 61.00 20.91 -40.23
N ASN B 216 61.34 19.69 -40.66
CA ASN B 216 61.52 18.58 -39.73
C ASN B 216 62.88 18.67 -39.06
N LYS B 217 62.97 18.19 -37.84
CA LYS B 217 64.22 18.23 -37.09
C LYS B 217 64.09 17.31 -35.88
N SER C 1 -16.39 -4.67 -67.18
CA SER C 1 -16.75 -5.54 -66.04
C SER C 1 -15.54 -5.83 -65.18
N MET C 2 -15.72 -5.77 -63.87
CA MET C 2 -14.64 -6.07 -62.95
C MET C 2 -14.97 -7.42 -62.31
N THR C 3 -13.96 -8.16 -61.89
CA THR C 3 -14.20 -9.46 -61.28
C THR C 3 -14.10 -9.46 -59.76
N LEU C 4 -15.14 -9.97 -59.13
CA LEU C 4 -15.21 -10.08 -57.68
C LEU C 4 -14.63 -11.45 -57.40
N GLY C 5 -14.12 -11.66 -56.20
CA GLY C 5 -13.55 -12.94 -55.84
C GLY C 5 -13.78 -13.32 -54.39
N TYR C 6 -14.36 -14.50 -54.19
CA TYR C 6 -14.65 -15.02 -52.86
C TYR C 6 -15.24 -16.41 -53.07
N TRP C 7 -15.32 -17.20 -52.00
CA TRP C 7 -15.85 -18.56 -52.11
C TRP C 7 -17.33 -18.50 -52.51
N ASP C 8 -17.92 -19.64 -52.84
CA ASP C 8 -19.33 -19.71 -53.22
C ASP C 8 -20.24 -19.54 -52.01
N ILE C 9 -19.70 -18.93 -50.96
CA ILE C 9 -20.41 -18.68 -49.71
C ILE C 9 -20.69 -17.18 -49.60
N ARG C 10 -21.89 -16.84 -49.13
CA ARG C 10 -22.34 -15.48 -48.91
C ARG C 10 -21.26 -14.73 -48.14
N GLY C 11 -21.06 -15.14 -46.88
CA GLY C 11 -20.04 -14.54 -46.03
C GLY C 11 -19.78 -13.04 -46.10
N LEU C 12 -18.49 -12.69 -46.11
CA LEU C 12 -18.04 -11.30 -46.16
C LEU C 12 -18.38 -10.60 -47.46
N ALA C 13 -18.72 -11.38 -48.48
CA ALA C 13 -19.04 -10.81 -49.76
C ALA C 13 -20.40 -10.15 -49.78
N HIS C 14 -21.47 -10.91 -49.52
CA HIS C 14 -22.87 -10.44 -49.55
C HIS C 14 -23.16 -8.94 -49.64
N ALA C 15 -22.51 -8.12 -48.79
CA ALA C 15 -22.71 -6.68 -48.83
C ALA C 15 -22.32 -6.17 -50.22
N ILE C 16 -21.08 -6.45 -50.61
CA ILE C 16 -20.50 -6.09 -51.88
C ILE C 16 -21.51 -6.30 -53.00
N ARG C 17 -22.01 -7.52 -53.12
CA ARG C 17 -22.96 -7.89 -54.16
C ARG C 17 -24.21 -7.03 -54.18
N LEU C 18 -24.68 -6.63 -53.00
CA LEU C 18 -25.86 -5.78 -52.91
C LEU C 18 -25.49 -4.43 -53.47
N LEU C 19 -24.31 -3.96 -53.12
CA LEU C 19 -23.83 -2.68 -53.60
C LEU C 19 -23.74 -2.67 -55.12
N LEU C 20 -22.88 -3.53 -55.68
CA LEU C 20 -22.67 -3.64 -57.12
C LEU C 20 -23.99 -3.63 -57.91
N GLU C 21 -24.90 -4.54 -57.59
CA GLU C 21 -26.18 -4.59 -58.28
C GLU C 21 -26.93 -3.26 -58.15
N TYR C 22 -26.78 -2.61 -56.99
CA TYR C 22 -27.42 -1.33 -56.74
C TYR C 22 -26.79 -0.25 -57.61
N THR C 23 -25.47 -0.26 -57.68
CA THR C 23 -24.72 0.73 -58.46
C THR C 23 -24.52 0.35 -59.91
N ASP C 24 -25.20 -0.71 -60.38
CA ASP C 24 -25.11 -1.21 -61.76
C ASP C 24 -23.68 -1.40 -62.25
N SER C 25 -22.76 -1.64 -61.31
CA SER C 25 -21.36 -1.84 -61.62
C SER C 25 -21.15 -3.10 -62.44
N SER C 26 -20.86 -2.94 -63.73
CA SER C 26 -20.64 -4.08 -64.62
C SER C 26 -19.61 -5.01 -64.00
N TYR C 27 -20.07 -6.18 -63.56
CA TYR C 27 -19.17 -7.11 -62.91
C TYR C 27 -19.34 -8.56 -63.32
N GLU C 28 -18.40 -9.37 -62.84
CA GLU C 28 -18.36 -10.82 -63.05
C GLU C 28 -17.82 -11.33 -61.72
N GLU C 29 -18.03 -12.61 -61.43
CA GLU C 29 -17.54 -13.14 -60.17
C GLU C 29 -16.77 -14.44 -60.26
N LYS C 30 -15.61 -14.43 -59.61
CA LYS C 30 -14.73 -15.58 -59.55
C LYS C 30 -15.18 -16.32 -58.29
N LYS C 31 -15.77 -17.48 -58.46
CA LYS C 31 -16.29 -18.24 -57.34
C LYS C 31 -15.40 -19.43 -57.03
N TYR C 32 -14.88 -19.48 -55.82
CA TYR C 32 -14.00 -20.58 -55.40
C TYR C 32 -14.78 -21.58 -54.56
N THR C 33 -14.61 -22.86 -54.88
CA THR C 33 -15.30 -23.92 -54.19
C THR C 33 -14.62 -24.39 -52.91
N MET C 34 -15.42 -24.62 -51.88
CA MET C 34 -14.94 -25.09 -50.59
C MET C 34 -14.89 -26.61 -50.71
N GLY C 35 -13.82 -27.22 -50.18
CA GLY C 35 -13.70 -28.67 -50.25
C GLY C 35 -14.25 -29.32 -48.98
N ASP C 36 -14.08 -30.63 -48.85
CA ASP C 36 -14.56 -31.34 -47.68
C ASP C 36 -13.44 -32.11 -46.98
N ALA C 37 -13.80 -33.17 -46.24
CA ALA C 37 -12.84 -34.01 -45.51
C ALA C 37 -12.46 -33.34 -44.17
N PRO C 38 -11.55 -33.95 -43.38
CA PRO C 38 -11.13 -33.38 -42.09
C PRO C 38 -10.37 -32.08 -42.27
N ASP C 39 -9.88 -31.89 -43.48
CA ASP C 39 -9.14 -30.71 -43.87
C ASP C 39 -9.77 -30.25 -45.17
N TYR C 40 -10.81 -29.42 -45.05
CA TYR C 40 -11.54 -28.90 -46.20
C TYR C 40 -10.61 -28.25 -47.21
N ASP C 41 -10.73 -28.67 -48.47
CA ASP C 41 -9.87 -28.13 -49.54
C ASP C 41 -10.06 -26.62 -49.75
N ARG C 42 -8.94 -25.92 -49.92
CA ARG C 42 -8.94 -24.47 -50.17
C ARG C 42 -8.17 -24.20 -51.46
N SER C 43 -7.55 -25.24 -52.00
CA SER C 43 -6.74 -25.18 -53.21
C SER C 43 -7.20 -24.27 -54.35
N GLN C 44 -8.48 -24.28 -54.70
CA GLN C 44 -8.99 -23.43 -55.78
C GLN C 44 -8.60 -21.96 -55.53
N TRP C 45 -8.56 -21.59 -54.26
CA TRP C 45 -8.19 -20.25 -53.84
C TRP C 45 -6.69 -20.15 -53.61
N LEU C 46 -6.14 -21.13 -52.91
CA LEU C 46 -4.71 -21.17 -52.62
C LEU C 46 -3.91 -21.06 -53.92
N ASN C 47 -4.37 -21.78 -54.93
CA ASN C 47 -3.76 -21.83 -56.25
C ASN C 47 -3.55 -20.43 -56.84
N GLU C 48 -4.65 -19.72 -57.09
CA GLU C 48 -4.58 -18.39 -57.69
C GLU C 48 -4.07 -17.31 -56.75
N LYS C 49 -4.51 -17.35 -55.50
CA LYS C 49 -4.14 -16.39 -54.45
C LYS C 49 -2.93 -15.50 -54.70
N PHE C 50 -1.75 -16.10 -54.60
CA PHE C 50 -0.48 -15.39 -54.75
C PHE C 50 -0.24 -14.80 -56.13
N LYS C 51 -0.58 -15.53 -57.17
CA LYS C 51 -0.35 -15.07 -58.54
C LYS C 51 -1.19 -13.89 -59.04
N LEU C 52 -1.97 -13.27 -58.18
CA LEU C 52 -2.78 -12.14 -58.62
C LEU C 52 -2.23 -10.76 -58.29
N GLY C 53 -0.96 -10.71 -57.88
CA GLY C 53 -0.33 -9.43 -57.55
C GLY C 53 -1.10 -8.54 -56.60
N LEU C 54 -1.76 -9.16 -55.62
CA LEU C 54 -2.55 -8.44 -54.62
C LEU C 54 -1.62 -8.06 -53.49
N ASP C 55 -1.58 -6.77 -53.15
CA ASP C 55 -0.73 -6.24 -52.07
C ASP C 55 -0.78 -7.13 -50.84
N PHE C 56 -2.00 -7.44 -50.43
CA PHE C 56 -2.23 -8.28 -49.28
C PHE C 56 -3.22 -9.35 -49.74
N PRO C 57 -2.70 -10.47 -50.27
CA PRO C 57 -3.49 -11.60 -50.77
C PRO C 57 -4.58 -11.89 -49.76
N ASN C 58 -5.81 -11.62 -50.14
CA ASN C 58 -6.92 -11.80 -49.22
C ASN C 58 -8.23 -11.99 -49.98
N LEU C 59 -9.22 -12.51 -49.28
CA LEU C 59 -10.55 -12.73 -49.79
C LEU C 59 -11.51 -11.97 -48.87
N PRO C 60 -12.55 -11.33 -49.41
CA PRO C 60 -12.85 -11.29 -50.85
C PRO C 60 -11.93 -10.29 -51.52
N TYR C 61 -11.99 -10.18 -52.84
CA TYR C 61 -11.15 -9.23 -53.58
C TYR C 61 -11.91 -8.68 -54.78
N LEU C 62 -11.46 -7.53 -55.27
CA LEU C 62 -12.10 -6.87 -56.40
C LEU C 62 -11.08 -6.42 -57.44
N ILE C 63 -11.22 -6.94 -58.65
CA ILE C 63 -10.31 -6.57 -59.72
C ILE C 63 -11.00 -5.52 -60.58
N ASP C 64 -10.64 -4.26 -60.35
CA ASP C 64 -11.20 -3.13 -61.07
C ASP C 64 -10.24 -2.69 -62.18
N GLY C 65 -9.92 -3.64 -63.06
CA GLY C 65 -9.01 -3.35 -64.16
C GLY C 65 -7.57 -3.16 -63.69
N ALA C 66 -7.30 -2.02 -63.09
CA ALA C 66 -5.97 -1.68 -62.58
C ALA C 66 -5.97 -1.61 -61.06
N HIS C 67 -7.14 -1.39 -60.49
CA HIS C 67 -7.27 -1.30 -59.06
C HIS C 67 -7.63 -2.65 -58.46
N LYS C 68 -6.67 -3.24 -57.75
CA LYS C 68 -6.86 -4.53 -57.11
C LYS C 68 -7.02 -4.27 -55.62
N ILE C 69 -8.20 -4.54 -55.09
CA ILE C 69 -8.47 -4.29 -53.68
C ILE C 69 -8.88 -5.53 -52.88
N THR C 70 -8.27 -5.63 -51.72
CA THR C 70 -8.52 -6.78 -50.86
C THR C 70 -8.87 -6.35 -49.44
N GLN C 71 -10.12 -6.60 -49.04
CA GLN C 71 -10.70 -6.28 -47.72
C GLN C 71 -12.13 -5.79 -47.88
N SER C 72 -13.06 -6.49 -47.23
CA SER C 72 -14.48 -6.18 -47.28
C SER C 72 -14.83 -4.69 -47.27
N ASN C 73 -14.43 -3.94 -46.18
CA ASN C 73 -14.76 -2.51 -46.13
C ASN C 73 -14.10 -1.74 -47.26
N ALA C 74 -12.79 -1.94 -47.45
CA ALA C 74 -12.03 -1.26 -48.50
C ALA C 74 -12.71 -1.32 -49.88
N ILE C 75 -13.27 -2.49 -50.21
CA ILE C 75 -13.98 -2.70 -51.46
C ILE C 75 -15.29 -1.93 -51.45
N LEU C 76 -15.90 -1.79 -50.29
CA LEU C 76 -17.14 -1.07 -50.16
C LEU C 76 -16.88 0.43 -50.32
N CYS C 77 -15.87 0.92 -49.62
CA CYS C 77 -15.50 2.33 -49.70
C CYS C 77 -15.26 2.74 -51.16
N TYR C 78 -14.38 2.01 -51.85
CA TYR C 78 -14.05 2.27 -53.26
C TYR C 78 -15.26 2.47 -54.17
N ILE C 79 -16.15 1.49 -54.14
CA ILE C 79 -17.36 1.50 -54.94
C ILE C 79 -18.31 2.58 -54.43
N ALA C 80 -18.10 2.97 -53.18
CA ALA C 80 -18.91 4.02 -52.57
C ALA C 80 -18.49 5.35 -53.16
N ARG C 81 -17.19 5.67 -53.11
CA ARG C 81 -16.66 6.94 -53.63
C ARG C 81 -17.12 7.19 -55.06
N LYS C 82 -16.83 6.24 -55.95
CA LYS C 82 -17.21 6.32 -57.35
C LYS C 82 -18.70 6.48 -57.63
N HIS C 83 -19.54 6.20 -56.65
CA HIS C 83 -20.97 6.36 -56.81
C HIS C 83 -21.55 7.27 -55.75
N ASN C 84 -20.67 8.05 -55.12
CA ASN C 84 -21.00 9.02 -54.07
C ASN C 84 -21.94 8.57 -52.94
N LEU C 85 -21.88 7.30 -52.60
CA LEU C 85 -22.71 6.72 -51.54
C LEU C 85 -22.00 6.79 -50.19
N CYS C 86 -21.43 7.94 -49.86
CA CYS C 86 -20.73 8.12 -48.61
C CYS C 86 -21.20 9.40 -47.96
N GLY C 87 -20.57 9.75 -46.85
CA GLY C 87 -20.93 10.97 -46.14
C GLY C 87 -20.56 12.25 -46.88
N GLU C 88 -21.49 13.19 -46.94
CA GLU C 88 -21.25 14.46 -47.61
C GLU C 88 -20.89 15.54 -46.60
N THR C 89 -21.63 15.59 -45.49
CA THR C 89 -21.36 16.59 -44.46
C THR C 89 -20.51 15.95 -43.36
N GLU C 90 -19.93 16.75 -42.49
CA GLU C 90 -19.12 16.22 -41.40
C GLU C 90 -19.95 15.23 -40.60
N GLU C 91 -21.17 15.63 -40.31
CA GLU C 91 -22.13 14.83 -39.55
C GLU C 91 -22.27 13.46 -40.18
N GLU C 92 -22.50 13.43 -41.49
CA GLU C 92 -22.64 12.18 -42.20
C GLU C 92 -21.39 11.33 -41.99
N LYS C 93 -20.22 11.95 -42.13
CA LYS C 93 -18.97 11.25 -41.97
C LYS C 93 -18.74 10.64 -40.58
N ILE C 94 -19.49 11.09 -39.59
CA ILE C 94 -19.39 10.56 -38.23
C ILE C 94 -20.31 9.37 -38.06
N ARG C 95 -21.44 9.41 -38.74
CA ARG C 95 -22.42 8.34 -38.67
C ARG C 95 -22.11 7.18 -39.61
N VAL C 96 -21.56 7.51 -40.77
CA VAL C 96 -21.19 6.51 -41.78
C VAL C 96 -20.08 5.64 -41.18
N ASP C 97 -19.10 6.31 -40.58
CA ASP C 97 -17.97 5.65 -39.94
C ASP C 97 -18.42 4.62 -38.91
N ILE C 98 -19.03 5.11 -37.83
CA ILE C 98 -19.50 4.26 -36.74
C ILE C 98 -20.10 2.98 -37.25
N LEU C 99 -21.18 3.08 -38.02
CA LEU C 99 -21.83 1.90 -38.57
C LEU C 99 -20.84 1.02 -39.31
N GLU C 100 -20.02 1.62 -40.15
CA GLU C 100 -19.03 0.89 -40.95
C GLU C 100 -18.31 -0.06 -40.01
N ASN C 101 -17.69 0.49 -39.00
CA ASN C 101 -16.97 -0.35 -38.07
C ASN C 101 -17.92 -1.17 -37.19
N GLN C 102 -18.79 -0.49 -36.46
CA GLN C 102 -19.74 -1.16 -35.57
C GLN C 102 -20.34 -2.43 -36.16
N ALA C 103 -20.88 -2.33 -37.36
CA ALA C 103 -21.51 -3.44 -38.05
C ALA C 103 -20.54 -4.56 -38.30
N MET C 104 -19.33 -4.25 -38.75
CA MET C 104 -18.34 -5.29 -38.98
C MET C 104 -17.93 -5.89 -37.64
N ASP C 105 -17.97 -5.05 -36.61
CA ASP C 105 -17.61 -5.48 -35.26
C ASP C 105 -18.59 -6.54 -34.76
N VAL C 106 -19.88 -6.22 -34.81
CA VAL C 106 -20.89 -7.16 -34.36
C VAL C 106 -20.94 -8.40 -35.26
N SER C 107 -20.74 -8.21 -36.55
CA SER C 107 -20.75 -9.32 -37.51
C SER C 107 -19.67 -10.34 -37.18
N ASN C 108 -18.46 -9.84 -36.92
CA ASN C 108 -17.30 -10.67 -36.57
C ASN C 108 -17.44 -11.26 -35.19
N GLN C 109 -18.30 -10.62 -34.39
CA GLN C 109 -18.61 -11.06 -33.04
C GLN C 109 -19.51 -12.28 -33.19
N LEU C 110 -20.39 -12.23 -34.18
CA LEU C 110 -21.32 -13.32 -34.46
C LEU C 110 -20.56 -14.53 -35.00
N ALA C 111 -19.85 -14.34 -36.11
CA ALA C 111 -19.11 -15.44 -36.72
C ALA C 111 -18.13 -16.08 -35.72
N ARG C 112 -17.66 -15.30 -34.76
CA ARG C 112 -16.73 -15.78 -33.74
C ARG C 112 -17.36 -16.99 -33.07
N VAL C 113 -18.66 -16.89 -32.78
CA VAL C 113 -19.39 -17.99 -32.15
C VAL C 113 -19.76 -19.10 -33.14
N CYS C 114 -20.18 -18.74 -34.35
CA CYS C 114 -20.54 -19.73 -35.36
C CYS C 114 -19.36 -20.64 -35.76
N TYR C 115 -18.14 -20.17 -35.48
CA TYR C 115 -16.93 -20.91 -35.80
C TYR C 115 -16.34 -21.60 -34.57
N SER C 116 -16.97 -21.39 -33.41
CA SER C 116 -16.51 -21.98 -32.17
C SER C 116 -17.16 -23.34 -31.92
N PRO C 117 -16.35 -24.35 -31.55
CA PRO C 117 -16.88 -25.69 -31.27
C PRO C 117 -17.88 -25.66 -30.13
N ASP C 118 -17.69 -24.73 -29.19
CA ASP C 118 -18.58 -24.59 -28.04
C ASP C 118 -19.81 -23.76 -28.39
N PHE C 119 -20.22 -23.79 -29.67
CA PHE C 119 -21.37 -23.03 -30.14
C PHE C 119 -22.62 -23.13 -29.27
N GLU C 120 -23.27 -24.28 -29.31
CA GLU C 120 -24.49 -24.54 -28.55
C GLU C 120 -24.44 -24.04 -27.10
N LYS C 121 -23.26 -24.07 -26.52
CA LYS C 121 -23.09 -23.62 -25.14
C LYS C 121 -23.02 -22.10 -25.09
N LEU C 122 -22.18 -21.50 -25.95
CA LEU C 122 -22.02 -20.06 -25.97
C LEU C 122 -23.15 -19.32 -26.70
N LYS C 123 -23.95 -20.07 -27.46
CA LYS C 123 -25.05 -19.49 -28.22
C LYS C 123 -26.05 -18.71 -27.38
N PRO C 124 -26.55 -19.31 -26.27
CA PRO C 124 -27.51 -18.58 -25.43
C PRO C 124 -26.90 -17.33 -24.80
N GLU C 125 -25.60 -17.34 -24.54
CA GLU C 125 -24.94 -16.19 -23.94
C GLU C 125 -25.13 -14.99 -24.86
N TYR C 126 -24.82 -15.17 -26.14
CA TYR C 126 -24.95 -14.10 -27.13
C TYR C 126 -26.44 -13.71 -27.32
N LEU C 127 -27.32 -14.67 -27.15
CA LEU C 127 -28.75 -14.41 -27.28
C LEU C 127 -29.27 -13.46 -26.22
N GLU C 128 -28.82 -13.61 -24.98
CA GLU C 128 -29.27 -12.72 -23.92
C GLU C 128 -28.68 -11.32 -24.08
N GLU C 129 -27.49 -11.26 -24.70
CA GLU C 129 -26.81 -10.01 -24.96
C GLU C 129 -27.47 -9.28 -26.12
N LEU C 130 -27.76 -10.02 -27.18
CA LEU C 130 -28.37 -9.49 -28.40
C LEU C 130 -29.33 -8.31 -28.21
N PRO C 131 -30.38 -8.45 -27.39
CA PRO C 131 -31.33 -7.35 -27.15
C PRO C 131 -30.76 -5.97 -26.75
N THR C 132 -29.67 -5.93 -26.00
CA THR C 132 -29.12 -4.62 -25.63
C THR C 132 -28.37 -3.99 -26.82
N MET C 133 -27.61 -4.81 -27.54
CA MET C 133 -26.87 -4.35 -28.71
C MET C 133 -27.86 -3.88 -29.79
N MET C 134 -28.86 -4.72 -30.08
CA MET C 134 -29.85 -4.38 -31.09
C MET C 134 -30.70 -3.20 -30.71
N GLN C 135 -30.63 -2.81 -29.44
CA GLN C 135 -31.35 -1.64 -28.94
C GLN C 135 -30.67 -0.42 -29.51
N HIS C 136 -29.33 -0.49 -29.58
CA HIS C 136 -28.53 0.62 -30.10
C HIS C 136 -28.71 0.79 -31.61
N PHE C 137 -28.96 -0.32 -32.31
CA PHE C 137 -29.17 -0.25 -33.76
C PHE C 137 -30.42 0.57 -34.06
N SER C 138 -31.53 0.21 -33.43
CA SER C 138 -32.76 0.96 -33.63
C SER C 138 -32.62 2.36 -33.02
N GLN C 139 -31.74 2.48 -32.02
CA GLN C 139 -31.48 3.77 -31.36
C GLN C 139 -30.81 4.71 -32.36
N PHE C 140 -29.89 4.17 -33.16
CA PHE C 140 -29.16 4.93 -34.15
C PHE C 140 -29.98 5.37 -35.37
N LEU C 141 -30.85 4.49 -35.84
CA LEU C 141 -31.72 4.79 -36.99
C LEU C 141 -32.80 5.79 -36.59
N GLY C 142 -33.57 5.43 -35.56
CA GLY C 142 -34.62 6.30 -35.07
C GLY C 142 -35.58 6.81 -36.13
N LYS C 143 -36.10 8.00 -35.89
CA LYS C 143 -37.06 8.65 -36.77
C LYS C 143 -36.52 9.10 -38.11
N ARG C 144 -35.89 8.24 -38.87
CA ARG C 144 -35.37 8.61 -40.17
C ARG C 144 -35.32 7.37 -41.04
N PRO C 145 -35.40 7.55 -42.37
CA PRO C 145 -35.36 6.40 -43.26
C PRO C 145 -34.04 5.61 -43.21
N TRP C 146 -32.96 6.19 -43.66
CA TRP C 146 -31.69 5.52 -43.69
C TRP C 146 -30.90 5.88 -42.45
N PHE C 147 -30.04 4.97 -42.01
CA PHE C 147 -29.24 5.18 -40.83
C PHE C 147 -28.56 6.55 -40.75
N VAL C 148 -27.83 6.90 -41.80
CA VAL C 148 -27.12 8.19 -41.84
C VAL C 148 -28.05 9.40 -41.91
N GLY C 149 -29.27 9.18 -42.39
CA GLY C 149 -30.23 10.26 -42.50
C GLY C 149 -31.26 9.96 -43.57
N ASP C 150 -31.52 10.93 -44.44
CA ASP C 150 -32.49 10.74 -45.50
C ASP C 150 -31.77 10.24 -46.75
N LYS C 151 -30.45 10.16 -46.66
CA LYS C 151 -29.60 9.72 -47.76
C LYS C 151 -29.25 8.23 -47.68
N ILE C 152 -29.35 7.51 -48.80
CA ILE C 152 -28.96 6.10 -48.80
C ILE C 152 -27.46 6.08 -49.12
N THR C 153 -26.68 5.45 -48.24
CA THR C 153 -25.23 5.33 -48.39
C THR C 153 -24.88 3.84 -48.35
N PHE C 154 -23.60 3.51 -48.45
CA PHE C 154 -23.20 2.10 -48.43
C PHE C 154 -23.43 1.40 -47.09
N VAL C 155 -23.35 2.14 -46.00
CA VAL C 155 -23.55 1.57 -44.67
C VAL C 155 -24.89 0.86 -44.48
N ASP C 156 -25.89 1.28 -45.25
CA ASP C 156 -27.22 0.67 -45.17
C ASP C 156 -27.20 -0.75 -45.72
N PHE C 157 -26.23 -1.03 -46.58
CA PHE C 157 -26.06 -2.35 -47.15
C PHE C 157 -25.46 -3.24 -46.08
N LEU C 158 -24.48 -2.72 -45.35
CA LEU C 158 -23.84 -3.47 -44.28
C LEU C 158 -24.85 -3.78 -43.18
N ALA C 159 -25.53 -2.73 -42.72
CA ALA C 159 -26.53 -2.86 -41.67
C ALA C 159 -27.61 -3.88 -42.00
N TYR C 160 -28.13 -3.85 -43.22
CA TYR C 160 -29.15 -4.80 -43.65
C TYR C 160 -28.62 -6.24 -43.54
N ASP C 161 -27.35 -6.44 -43.90
CA ASP C 161 -26.73 -7.75 -43.85
C ASP C 161 -26.53 -8.20 -42.40
N VAL C 162 -26.04 -7.28 -41.56
CA VAL C 162 -25.80 -7.55 -40.14
C VAL C 162 -27.09 -7.97 -39.46
N LEU C 163 -28.14 -7.19 -39.68
CA LEU C 163 -29.44 -7.48 -39.11
C LEU C 163 -30.11 -8.70 -39.78
N ASP C 164 -29.95 -8.85 -41.08
CA ASP C 164 -30.57 -9.99 -41.77
C ASP C 164 -30.11 -11.35 -41.26
N LEU C 165 -28.80 -11.55 -41.12
CA LEU C 165 -28.28 -12.83 -40.66
C LEU C 165 -28.91 -13.12 -39.30
N HIS C 166 -29.04 -12.07 -38.49
CA HIS C 166 -29.62 -12.20 -37.16
C HIS C 166 -31.05 -12.74 -37.18
N ARG C 167 -31.85 -12.37 -38.18
CA ARG C 167 -33.23 -12.86 -38.25
C ARG C 167 -33.31 -14.32 -38.71
N ILE C 168 -32.17 -14.88 -39.10
CA ILE C 168 -32.09 -16.28 -39.51
C ILE C 168 -31.63 -17.06 -38.28
N PHE C 169 -30.78 -16.39 -37.50
CA PHE C 169 -30.21 -16.93 -36.27
C PHE C 169 -31.30 -16.94 -35.19
N GLU C 170 -31.82 -15.75 -34.91
CA GLU C 170 -32.86 -15.51 -33.91
C GLU C 170 -33.89 -14.56 -34.50
N PRO C 171 -34.76 -15.07 -35.39
CA PRO C 171 -35.82 -14.29 -36.05
C PRO C 171 -36.48 -13.16 -35.27
N ASN C 172 -37.24 -13.49 -34.25
CA ASN C 172 -37.95 -12.49 -33.47
C ASN C 172 -37.20 -11.56 -32.52
N CYS C 173 -35.97 -11.18 -32.88
CA CYS C 173 -35.19 -10.27 -32.05
C CYS C 173 -35.45 -8.83 -32.49
N LEU C 174 -35.49 -8.61 -33.81
CA LEU C 174 -35.76 -7.29 -34.37
C LEU C 174 -37.19 -6.86 -34.03
N ASP C 175 -38.03 -7.86 -33.75
CA ASP C 175 -39.43 -7.65 -33.40
C ASP C 175 -39.71 -6.62 -32.32
N ALA C 176 -38.78 -6.50 -31.37
CA ALA C 176 -38.94 -5.54 -30.27
C ALA C 176 -38.82 -4.08 -30.70
N PHE C 177 -38.29 -3.85 -31.91
CA PHE C 177 -38.14 -2.48 -32.42
C PHE C 177 -38.39 -2.49 -33.93
N PRO C 178 -39.64 -2.19 -34.35
CA PRO C 178 -40.08 -2.15 -35.75
C PRO C 178 -39.27 -1.18 -36.61
N ASN C 179 -38.48 -0.31 -35.97
CA ASN C 179 -37.60 0.62 -36.67
C ASN C 179 -36.89 -0.22 -37.70
N LEU C 180 -36.18 -1.21 -37.17
CA LEU C 180 -35.41 -2.16 -37.96
C LEU C 180 -36.30 -2.94 -38.93
N LYS C 181 -37.43 -3.44 -38.44
CA LYS C 181 -38.35 -4.21 -39.27
C LYS C 181 -38.69 -3.49 -40.56
N ASP C 182 -39.27 -2.29 -40.46
CA ASP C 182 -39.65 -1.51 -41.63
C ASP C 182 -38.42 -1.14 -42.46
N PHE C 183 -37.29 -0.96 -41.81
CA PHE C 183 -36.05 -0.63 -42.50
C PHE C 183 -35.71 -1.77 -43.45
N ILE C 184 -35.79 -2.99 -42.94
CA ILE C 184 -35.47 -4.18 -43.71
C ILE C 184 -36.48 -4.44 -44.83
N SER C 185 -37.66 -3.86 -44.73
CA SER C 185 -38.70 -4.02 -45.75
C SER C 185 -38.50 -2.98 -46.87
N ARG C 186 -38.15 -1.76 -46.48
CA ARG C 186 -37.91 -0.67 -47.41
C ARG C 186 -36.68 -0.92 -48.27
N PHE C 187 -35.61 -1.39 -47.64
CA PHE C 187 -34.37 -1.69 -48.35
C PHE C 187 -34.60 -2.74 -49.44
N GLU C 188 -35.34 -3.80 -49.09
CA GLU C 188 -35.65 -4.86 -50.04
C GLU C 188 -36.60 -4.31 -51.08
N GLY C 189 -37.36 -3.28 -50.70
CA GLY C 189 -38.30 -2.67 -51.61
C GLY C 189 -37.66 -1.92 -52.76
N LEU C 190 -36.35 -1.65 -52.69
CA LEU C 190 -35.66 -0.96 -53.74
C LEU C 190 -35.73 -1.79 -55.01
N GLU C 191 -36.14 -1.13 -56.08
CA GLU C 191 -36.29 -1.73 -57.40
C GLU C 191 -35.12 -2.65 -57.81
N LYS C 192 -33.90 -2.10 -57.83
CA LYS C 192 -32.71 -2.87 -58.19
C LYS C 192 -32.43 -4.04 -57.24
N ILE C 193 -32.60 -3.77 -55.95
CA ILE C 193 -32.36 -4.77 -54.92
C ILE C 193 -33.30 -5.95 -55.09
N SER C 194 -34.60 -5.70 -55.13
CA SER C 194 -35.58 -6.76 -55.32
C SER C 194 -35.29 -7.51 -56.63
N ALA C 195 -34.87 -6.78 -57.65
CA ALA C 195 -34.55 -7.36 -58.94
C ALA C 195 -33.45 -8.42 -58.79
N TYR C 196 -32.35 -8.02 -58.15
CA TYR C 196 -31.23 -8.95 -57.92
C TYR C 196 -31.73 -10.13 -57.08
N MET C 197 -32.60 -9.82 -56.13
CA MET C 197 -33.21 -10.81 -55.25
C MET C 197 -33.92 -11.85 -56.11
N LYS C 198 -34.43 -11.39 -57.24
CA LYS C 198 -35.15 -12.23 -58.18
C LYS C 198 -34.24 -12.73 -59.30
N SER C 199 -32.96 -12.99 -58.99
CA SER C 199 -32.02 -13.48 -59.99
C SER C 199 -31.29 -14.73 -59.53
N SER C 200 -30.71 -15.45 -60.48
CA SER C 200 -29.97 -16.68 -60.20
C SER C 200 -28.51 -16.40 -59.78
N ARG C 201 -28.23 -15.15 -59.45
CA ARG C 201 -26.90 -14.73 -59.03
C ARG C 201 -26.93 -14.39 -57.54
N PHE C 202 -28.15 -14.25 -57.01
CA PHE C 202 -28.35 -13.91 -55.61
C PHE C 202 -27.82 -15.02 -54.73
N LEU C 203 -26.94 -14.67 -53.79
CA LEU C 203 -26.38 -15.66 -52.89
C LEU C 203 -26.75 -15.37 -51.43
N PRO C 204 -27.89 -15.92 -50.97
CA PRO C 204 -28.36 -15.72 -49.60
C PRO C 204 -27.68 -16.66 -48.61
N LYS C 205 -27.35 -17.87 -49.08
CA LYS C 205 -26.72 -18.89 -48.26
C LYS C 205 -25.99 -19.86 -49.18
N PRO C 206 -25.04 -20.66 -48.64
CA PRO C 206 -24.56 -20.79 -47.26
C PRO C 206 -24.16 -19.49 -46.56
N LEU C 207 -24.57 -19.35 -45.31
CA LEU C 207 -24.30 -18.16 -44.54
C LEU C 207 -22.82 -18.13 -44.18
N TYR C 208 -22.27 -19.30 -43.87
CA TYR C 208 -20.87 -19.41 -43.53
C TYR C 208 -20.24 -20.52 -44.34
N THR C 209 -18.91 -20.58 -44.32
CA THR C 209 -18.19 -21.60 -45.07
C THR C 209 -18.57 -22.97 -44.52
N ARG C 210 -18.20 -24.03 -45.23
CA ARG C 210 -18.55 -25.39 -44.80
C ARG C 210 -17.77 -25.90 -43.57
N VAL C 211 -17.06 -25.00 -42.88
CA VAL C 211 -16.29 -25.38 -41.71
C VAL C 211 -16.87 -24.85 -40.39
N ALA C 212 -17.68 -23.79 -40.48
CA ALA C 212 -18.30 -23.21 -39.30
C ALA C 212 -19.28 -24.21 -38.71
N VAL C 213 -19.33 -24.30 -37.39
CA VAL C 213 -20.23 -25.24 -36.71
C VAL C 213 -21.72 -25.01 -37.00
N TRP C 214 -22.06 -23.81 -37.48
CA TRP C 214 -23.44 -23.45 -37.82
C TRP C 214 -23.38 -22.61 -39.10
N GLY C 215 -24.52 -22.44 -39.76
CA GLY C 215 -24.57 -21.64 -40.96
C GLY C 215 -24.03 -22.29 -42.22
N ASN C 216 -23.19 -23.29 -42.07
CA ASN C 216 -22.63 -24.02 -43.21
C ASN C 216 -23.75 -24.71 -44.00
N LYS C 217 -23.47 -25.11 -45.20
CA LYS C 217 -24.43 -25.76 -46.06
C LYS C 217 -23.67 -26.57 -47.10
N SER D 1 -11.84 21.52 -24.28
CA SER D 1 -10.95 20.52 -24.91
C SER D 1 -11.76 19.26 -25.24
N MET D 2 -11.13 18.30 -25.86
CA MET D 2 -11.80 17.05 -26.18
C MET D 2 -11.31 16.06 -25.15
N THR D 3 -12.15 15.10 -24.79
CA THR D 3 -11.75 14.11 -23.78
C THR D 3 -11.77 12.68 -24.30
N LEU D 4 -10.60 12.07 -24.25
CA LEU D 4 -10.42 10.70 -24.69
C LEU D 4 -10.75 9.82 -23.51
N GLY D 5 -11.36 8.67 -23.80
CA GLY D 5 -11.72 7.73 -22.75
C GLY D 5 -11.23 6.34 -23.08
N TYR D 6 -10.51 5.74 -22.13
CA TYR D 6 -9.99 4.39 -22.28
C TYR D 6 -9.49 3.91 -20.92
N TRP D 7 -9.25 2.61 -20.80
CA TRP D 7 -8.75 2.06 -19.55
C TRP D 7 -7.34 2.61 -19.36
N ASP D 8 -6.70 2.22 -18.28
CA ASP D 8 -5.33 2.65 -17.98
C ASP D 8 -4.38 1.97 -18.96
N ILE D 9 -4.88 0.94 -19.63
CA ILE D 9 -4.12 0.14 -20.58
C ILE D 9 -3.75 0.90 -21.87
N ARG D 10 -2.71 0.44 -22.56
CA ARG D 10 -2.32 1.02 -23.86
C ARG D 10 -3.38 0.64 -24.90
N GLY D 11 -3.44 -0.66 -25.18
CA GLY D 11 -4.39 -1.20 -26.13
C GLY D 11 -4.66 -0.37 -27.37
N LEU D 12 -5.93 -0.29 -27.74
CA LEU D 12 -6.38 0.44 -28.92
C LEU D 12 -6.18 1.96 -28.85
N ALA D 13 -6.28 2.55 -27.66
CA ALA D 13 -6.16 3.97 -27.52
C ALA D 13 -4.78 4.51 -27.78
N HIS D 14 -3.77 3.64 -27.81
CA HIS D 14 -2.39 4.07 -28.08
C HIS D 14 -2.30 4.80 -29.42
N ALA D 15 -2.96 4.26 -30.43
CA ALA D 15 -2.95 4.87 -31.76
C ALA D 15 -3.59 6.24 -31.72
N ILE D 16 -4.76 6.32 -31.08
CA ILE D 16 -5.47 7.60 -30.96
C ILE D 16 -4.58 8.60 -30.21
N ARG D 17 -4.00 8.15 -29.10
CA ARG D 17 -3.12 8.99 -28.28
C ARG D 17 -1.92 9.54 -29.06
N LEU D 18 -1.43 8.75 -30.00
CA LEU D 18 -0.30 9.15 -30.82
C LEU D 18 -0.73 10.28 -31.73
N LEU D 19 -1.79 10.02 -32.50
CA LEU D 19 -2.33 10.98 -33.44
C LEU D 19 -2.71 12.30 -32.76
N LEU D 20 -3.42 12.21 -31.65
CA LEU D 20 -3.86 13.38 -30.90
C LEU D 20 -2.69 14.27 -30.45
N GLU D 21 -1.63 13.63 -29.97
CA GLU D 21 -0.45 14.33 -29.51
C GLU D 21 0.32 14.97 -30.66
N TYR D 22 0.39 14.23 -31.78
CA TYR D 22 1.08 14.69 -32.98
C TYR D 22 0.57 16.06 -33.38
N THR D 23 -0.70 16.13 -33.76
CA THR D 23 -1.30 17.37 -34.20
C THR D 23 -1.69 18.39 -33.12
N ASP D 24 -0.80 18.59 -32.15
CA ASP D 24 -1.02 19.54 -31.07
C ASP D 24 -2.47 19.70 -30.63
N SER D 25 -3.16 18.59 -30.46
CA SER D 25 -4.55 18.66 -30.02
C SER D 25 -4.59 18.73 -28.49
N SER D 26 -5.37 19.68 -27.98
CA SER D 26 -5.52 19.87 -26.54
C SER D 26 -6.56 18.90 -26.00
N TYR D 27 -6.13 17.70 -25.63
CA TYR D 27 -7.06 16.70 -25.12
C TYR D 27 -6.92 16.46 -23.63
N GLU D 28 -7.94 15.80 -23.07
CA GLU D 28 -7.98 15.45 -21.66
C GLU D 28 -8.08 13.94 -21.63
N GLU D 29 -7.36 13.32 -20.70
CA GLU D 29 -7.36 11.87 -20.60
C GLU D 29 -8.25 11.31 -19.48
N LYS D 30 -9.20 10.45 -19.86
CA LYS D 30 -10.09 9.81 -18.90
C LYS D 30 -9.86 8.30 -18.92
N LYS D 31 -9.34 7.79 -17.81
CA LYS D 31 -9.03 6.37 -17.68
C LYS D 31 -9.97 5.61 -16.74
N TYR D 32 -9.97 4.29 -16.88
CA TYR D 32 -10.76 3.39 -16.04
C TYR D 32 -9.77 2.29 -15.65
N THR D 33 -10.00 1.62 -14.53
CA THR D 33 -9.11 0.56 -14.07
C THR D 33 -9.88 -0.74 -13.84
N MET D 34 -9.25 -1.86 -14.19
CA MET D 34 -9.88 -3.18 -14.04
C MET D 34 -9.32 -3.93 -12.84
N GLY D 35 -10.22 -4.46 -12.01
CA GLY D 35 -9.83 -5.18 -10.81
C GLY D 35 -9.04 -6.46 -11.02
N ASP D 36 -8.38 -6.90 -9.95
CA ASP D 36 -7.56 -8.13 -9.97
C ASP D 36 -8.44 -9.35 -9.67
N ALA D 37 -7.78 -10.46 -9.29
CA ALA D 37 -8.48 -11.70 -8.96
C ALA D 37 -9.21 -12.21 -10.20
N PRO D 38 -9.88 -13.38 -10.09
CA PRO D 38 -10.59 -13.92 -11.26
C PRO D 38 -11.69 -12.96 -11.71
N ASP D 39 -12.30 -12.27 -10.75
CA ASP D 39 -13.36 -11.33 -11.05
C ASP D 39 -12.79 -9.93 -11.24
N TYR D 40 -12.22 -9.71 -12.41
CA TYR D 40 -11.61 -8.44 -12.78
C TYR D 40 -12.68 -7.36 -12.78
N ASP D 41 -12.96 -6.80 -11.61
CA ASP D 41 -13.97 -5.78 -11.45
C ASP D 41 -13.79 -4.56 -12.35
N ARG D 42 -14.70 -4.43 -13.32
CA ARG D 42 -14.71 -3.33 -14.27
C ARG D 42 -15.68 -2.26 -13.76
N SER D 43 -15.56 -1.94 -12.47
CA SER D 43 -16.41 -0.97 -11.79
C SER D 43 -16.47 0.41 -12.43
N GLN D 44 -15.35 1.13 -12.38
CA GLN D 44 -15.26 2.48 -12.94
C GLN D 44 -15.96 2.58 -14.30
N TRP D 45 -15.54 1.74 -15.23
CA TRP D 45 -16.12 1.74 -16.57
C TRP D 45 -17.65 1.63 -16.56
N LEU D 46 -18.16 0.43 -16.28
CA LEU D 46 -19.60 0.16 -16.26
C LEU D 46 -20.47 1.19 -15.54
N ASN D 47 -19.86 1.96 -14.64
CA ASN D 47 -20.57 2.99 -13.89
C ASN D 47 -21.09 4.09 -14.82
N GLU D 48 -20.28 4.47 -15.80
CA GLU D 48 -20.65 5.51 -16.74
C GLU D 48 -21.15 5.01 -18.09
N LYS D 49 -20.85 3.77 -18.43
CA LYS D 49 -21.22 3.17 -19.71
C LYS D 49 -22.54 3.58 -20.40
N PHE D 50 -23.60 3.76 -19.64
CA PHE D 50 -24.87 4.13 -20.23
C PHE D 50 -25.31 5.51 -19.74
N LYS D 51 -24.33 6.28 -19.27
CA LYS D 51 -24.55 7.61 -18.75
C LYS D 51 -24.03 8.66 -19.76
N LEU D 52 -22.90 8.35 -20.40
CA LEU D 52 -22.26 9.24 -21.37
C LEU D 52 -23.13 9.62 -22.57
N GLY D 53 -24.09 8.79 -22.91
CA GLY D 53 -24.97 9.08 -24.04
C GLY D 53 -24.43 8.71 -25.40
N LEU D 54 -23.55 7.71 -25.45
CA LEU D 54 -22.98 7.26 -26.70
C LEU D 54 -24.03 6.45 -27.46
N ASP D 55 -24.10 6.61 -28.77
CA ASP D 55 -25.06 5.86 -29.59
C ASP D 55 -24.83 4.37 -29.35
N PHE D 56 -23.55 4.02 -29.24
CA PHE D 56 -23.11 2.65 -29.00
C PHE D 56 -22.03 2.69 -27.92
N PRO D 57 -22.44 2.75 -26.64
CA PRO D 57 -21.47 2.79 -25.54
C PRO D 57 -20.46 1.69 -25.71
N ASN D 58 -19.19 2.10 -25.74
CA ASN D 58 -18.08 1.17 -25.91
C ASN D 58 -16.80 1.95 -25.77
N LEU D 59 -15.75 1.26 -25.35
CA LEU D 59 -14.41 1.82 -25.22
C LEU D 59 -13.63 1.35 -26.46
N PRO D 60 -12.84 2.24 -27.07
CA PRO D 60 -12.71 3.63 -26.64
C PRO D 60 -13.87 4.49 -27.10
N TYR D 61 -13.93 5.69 -26.55
CA TYR D 61 -14.95 6.66 -26.91
C TYR D 61 -14.26 8.01 -26.80
N LEU D 62 -14.65 8.95 -27.64
CA LEU D 62 -14.07 10.28 -27.61
C LEU D 62 -15.22 11.27 -27.64
N ILE D 63 -15.06 12.36 -26.91
CA ILE D 63 -16.09 13.39 -26.88
C ILE D 63 -15.43 14.68 -27.33
N ASP D 64 -15.95 15.21 -28.43
CA ASP D 64 -15.49 16.46 -29.02
C ASP D 64 -16.65 17.44 -28.97
N GLY D 65 -16.82 18.08 -27.82
CA GLY D 65 -17.90 19.04 -27.64
C GLY D 65 -19.25 18.36 -27.69
N ALA D 66 -19.89 18.42 -28.85
CA ALA D 66 -21.20 17.82 -29.07
C ALA D 66 -21.01 16.50 -29.79
N HIS D 67 -19.77 16.19 -30.15
CA HIS D 67 -19.45 14.97 -30.86
C HIS D 67 -19.00 13.88 -29.89
N LYS D 68 -19.48 12.67 -30.11
CA LYS D 68 -19.11 11.53 -29.28
C LYS D 68 -18.91 10.34 -30.21
N ILE D 69 -17.65 10.01 -30.46
CA ILE D 69 -17.32 8.92 -31.36
C ILE D 69 -16.98 7.62 -30.64
N THR D 70 -17.45 6.53 -31.24
CA THR D 70 -17.24 5.18 -30.74
C THR D 70 -16.50 4.47 -31.87
N GLN D 71 -15.86 3.34 -31.56
CA GLN D 71 -15.11 2.54 -32.54
C GLN D 71 -13.80 3.23 -32.91
N SER D 72 -12.70 2.55 -32.60
CA SER D 72 -11.36 3.05 -32.86
C SER D 72 -11.15 3.79 -34.19
N ASN D 73 -11.32 3.08 -35.30
CA ASN D 73 -11.13 3.66 -36.62
C ASN D 73 -12.02 4.86 -36.95
N ALA D 74 -13.23 4.88 -36.42
CA ALA D 74 -14.12 6.01 -36.66
C ALA D 74 -13.48 7.22 -35.97
N ILE D 75 -12.97 6.98 -34.77
CA ILE D 75 -12.32 8.01 -33.98
C ILE D 75 -11.11 8.55 -34.74
N LEU D 76 -10.28 7.66 -35.26
CA LEU D 76 -9.09 8.06 -36.01
C LEU D 76 -9.48 8.94 -37.20
N CYS D 77 -10.45 8.46 -37.97
CA CYS D 77 -10.95 9.19 -39.13
C CYS D 77 -11.52 10.56 -38.75
N TYR D 78 -11.94 10.72 -37.50
CA TYR D 78 -12.48 11.99 -37.04
C TYR D 78 -11.38 12.99 -36.71
N ILE D 79 -10.24 12.50 -36.26
CA ILE D 79 -9.11 13.39 -35.94
C ILE D 79 -8.39 13.76 -37.23
N ALA D 80 -8.05 12.75 -38.02
CA ALA D 80 -7.34 12.93 -39.29
C ALA D 80 -8.07 13.79 -40.31
N ARG D 81 -9.40 13.76 -40.27
CA ARG D 81 -10.22 14.53 -41.20
C ARG D 81 -10.15 16.02 -40.88
N LYS D 82 -9.97 16.33 -39.60
CA LYS D 82 -9.90 17.71 -39.14
C LYS D 82 -8.49 18.27 -39.26
N HIS D 83 -7.60 17.49 -39.84
CA HIS D 83 -6.21 17.89 -40.07
C HIS D 83 -5.77 17.40 -41.44
N ASN D 84 -6.74 17.04 -42.26
CA ASN D 84 -6.52 16.52 -43.61
C ASN D 84 -5.42 15.46 -43.73
N LEU D 85 -5.33 14.63 -42.70
CA LEU D 85 -4.36 13.55 -42.66
C LEU D 85 -4.98 12.27 -43.22
N CYS D 86 -6.07 12.41 -43.98
CA CYS D 86 -6.76 11.26 -44.56
C CYS D 86 -6.14 10.83 -45.89
N GLY D 87 -6.69 11.28 -47.02
CA GLY D 87 -6.17 10.92 -48.32
C GLY D 87 -6.69 11.91 -49.33
N GLU D 88 -5.88 12.28 -50.31
CA GLU D 88 -6.30 13.26 -51.30
C GLU D 88 -6.74 12.69 -52.64
N THR D 89 -5.79 12.05 -53.32
CA THR D 89 -6.05 11.46 -54.61
C THR D 89 -6.72 10.11 -54.40
N GLU D 90 -6.90 9.37 -55.46
CA GLU D 90 -7.50 8.08 -55.36
C GLU D 90 -6.55 7.04 -54.78
N GLU D 91 -5.32 6.99 -55.29
CA GLU D 91 -4.34 6.02 -54.79
C GLU D 91 -4.18 6.12 -53.28
N GLU D 92 -4.07 7.34 -52.79
CA GLU D 92 -3.91 7.60 -51.37
C GLU D 92 -5.13 7.07 -50.63
N LYS D 93 -6.31 7.47 -51.10
CA LYS D 93 -7.57 7.03 -50.50
C LYS D 93 -7.63 5.52 -50.36
N ILE D 94 -7.37 4.80 -51.44
CA ILE D 94 -7.41 3.34 -51.44
C ILE D 94 -6.37 2.73 -50.51
N ARG D 95 -5.15 3.26 -50.53
CA ARG D 95 -4.05 2.77 -49.69
C ARG D 95 -4.33 2.95 -48.21
N VAL D 96 -4.95 4.06 -47.87
CA VAL D 96 -5.30 4.31 -46.49
C VAL D 96 -6.43 3.33 -46.17
N ASP D 97 -7.39 3.24 -47.10
CA ASP D 97 -8.54 2.36 -46.96
C ASP D 97 -8.12 0.93 -46.60
N ILE D 98 -7.41 0.28 -47.53
CA ILE D 98 -6.93 -1.09 -47.36
C ILE D 98 -6.02 -1.33 -46.16
N LEU D 99 -5.06 -0.44 -45.92
CA LEU D 99 -4.13 -0.59 -44.81
C LEU D 99 -4.84 -0.58 -43.47
N GLU D 100 -5.75 0.37 -43.25
CA GLU D 100 -6.44 0.41 -41.96
C GLU D 100 -7.30 -0.86 -41.75
N ASN D 101 -7.92 -1.34 -42.83
CA ASN D 101 -8.75 -2.56 -42.77
C ASN D 101 -7.90 -3.78 -42.40
N GLN D 102 -6.65 -3.78 -42.83
CA GLN D 102 -5.73 -4.88 -42.54
C GLN D 102 -4.96 -4.67 -41.25
N ALA D 103 -4.55 -3.44 -40.97
CA ALA D 103 -3.80 -3.12 -39.76
C ALA D 103 -4.56 -3.64 -38.55
N MET D 104 -5.86 -3.38 -38.53
CA MET D 104 -6.70 -3.86 -37.44
C MET D 104 -6.78 -5.38 -37.46
N ASP D 105 -6.89 -5.96 -38.66
CA ASP D 105 -6.97 -7.42 -38.81
C ASP D 105 -5.79 -8.14 -38.19
N VAL D 106 -4.60 -7.56 -38.31
CA VAL D 106 -3.40 -8.15 -37.74
C VAL D 106 -3.52 -8.02 -36.22
N SER D 107 -4.02 -6.88 -35.77
CA SER D 107 -4.19 -6.60 -34.35
C SER D 107 -5.12 -7.64 -33.70
N ASN D 108 -6.26 -7.89 -34.33
CA ASN D 108 -7.19 -8.87 -33.81
C ASN D 108 -6.57 -10.25 -33.84
N GLN D 109 -5.77 -10.52 -34.86
CA GLN D 109 -5.10 -11.80 -34.97
C GLN D 109 -4.09 -12.02 -33.85
N LEU D 110 -3.64 -10.94 -33.22
CA LEU D 110 -2.68 -11.05 -32.13
C LEU D 110 -3.45 -11.07 -30.79
N ALA D 111 -4.42 -10.18 -30.68
CA ALA D 111 -5.24 -10.09 -29.47
C ALA D 111 -6.02 -11.37 -29.22
N ARG D 112 -6.63 -11.91 -30.27
CA ARG D 112 -7.40 -13.13 -30.17
C ARG D 112 -6.52 -14.26 -29.60
N VAL D 113 -5.32 -14.39 -30.16
CA VAL D 113 -4.38 -15.41 -29.71
C VAL D 113 -4.05 -15.21 -28.22
N CYS D 114 -3.75 -13.98 -27.84
CA CYS D 114 -3.38 -13.67 -26.46
C CYS D 114 -4.55 -13.76 -25.47
N TYR D 115 -5.77 -13.81 -25.98
CA TYR D 115 -6.94 -13.94 -25.12
C TYR D 115 -7.42 -15.38 -25.03
N SER D 116 -6.58 -16.29 -25.50
CA SER D 116 -6.88 -17.72 -25.47
C SER D 116 -6.03 -18.44 -24.43
N PRO D 117 -6.68 -19.30 -23.61
CA PRO D 117 -6.00 -20.07 -22.56
C PRO D 117 -4.97 -21.05 -23.14
N ASP D 118 -5.09 -21.34 -24.42
CA ASP D 118 -4.17 -22.27 -25.09
C ASP D 118 -3.00 -21.50 -25.72
N PHE D 119 -2.68 -20.36 -25.13
CA PHE D 119 -1.61 -19.47 -25.56
C PHE D 119 -0.39 -20.21 -26.12
N GLU D 120 0.29 -20.98 -25.27
CA GLU D 120 1.48 -21.73 -25.68
C GLU D 120 1.32 -22.63 -26.90
N LYS D 121 0.09 -23.00 -27.22
CA LYS D 121 -0.19 -23.86 -28.37
C LYS D 121 -0.38 -23.02 -29.65
N LEU D 122 -1.18 -21.98 -29.52
CA LEU D 122 -1.50 -21.09 -30.63
C LEU D 122 -0.42 -20.07 -30.98
N LYS D 123 0.51 -19.80 -30.06
CA LYS D 123 1.57 -18.86 -30.36
C LYS D 123 2.43 -19.35 -31.52
N PRO D 124 3.09 -20.51 -31.37
CA PRO D 124 3.92 -21.01 -32.47
C PRO D 124 3.09 -21.15 -33.74
N GLU D 125 1.82 -21.48 -33.57
CA GLU D 125 0.90 -21.63 -34.69
C GLU D 125 0.81 -20.32 -35.47
N TYR D 126 0.61 -19.21 -34.76
CA TYR D 126 0.52 -17.90 -35.38
C TYR D 126 1.89 -17.47 -35.89
N LEU D 127 2.92 -17.77 -35.11
CA LEU D 127 4.30 -17.44 -35.47
C LEU D 127 4.66 -18.00 -36.84
N GLU D 128 4.02 -19.09 -37.24
CA GLU D 128 4.27 -19.72 -38.54
C GLU D 128 3.98 -18.81 -39.72
N GLU D 129 2.87 -18.07 -39.65
CA GLU D 129 2.49 -17.18 -40.74
C GLU D 129 2.98 -15.75 -40.53
N LEU D 130 3.59 -15.49 -39.40
CA LEU D 130 4.11 -14.15 -39.11
C LEU D 130 5.15 -13.66 -40.13
N PRO D 131 6.04 -14.55 -40.58
CA PRO D 131 7.05 -14.12 -41.56
C PRO D 131 6.40 -13.56 -42.84
N THR D 132 5.42 -14.29 -43.37
CA THR D 132 4.73 -13.93 -44.59
C THR D 132 3.92 -12.62 -44.51
N MET D 133 3.14 -12.45 -43.45
CA MET D 133 2.32 -11.24 -43.29
C MET D 133 3.21 -10.02 -43.16
N MET D 134 4.37 -10.22 -42.52
CA MET D 134 5.34 -9.16 -42.32
C MET D 134 5.94 -8.76 -43.65
N GLN D 135 6.26 -9.74 -44.48
CA GLN D 135 6.82 -9.49 -45.80
C GLN D 135 5.86 -8.66 -46.63
N HIS D 136 4.57 -8.99 -46.56
CA HIS D 136 3.54 -8.26 -47.30
C HIS D 136 3.48 -6.80 -46.90
N PHE D 137 3.80 -6.51 -45.64
CA PHE D 137 3.81 -5.12 -45.18
C PHE D 137 4.94 -4.38 -45.89
N SER D 138 6.08 -5.05 -46.05
CA SER D 138 7.22 -4.45 -46.75
C SER D 138 6.82 -4.20 -48.19
N GLN D 139 6.12 -5.16 -48.76
CA GLN D 139 5.66 -5.07 -50.15
C GLN D 139 4.58 -4.02 -50.33
N PHE D 140 4.28 -3.30 -49.26
CA PHE D 140 3.30 -2.23 -49.34
C PHE D 140 4.09 -0.93 -49.18
N LEU D 141 4.97 -0.91 -48.19
CA LEU D 141 5.81 0.26 -47.96
C LEU D 141 6.87 0.29 -49.05
N GLY D 142 7.96 -0.43 -48.86
CA GLY D 142 9.01 -0.46 -49.85
C GLY D 142 9.70 0.89 -49.99
N LYS D 143 9.52 1.51 -51.15
CA LYS D 143 10.14 2.79 -51.46
C LYS D 143 9.55 3.99 -50.71
N ARG D 144 8.23 4.04 -50.61
CA ARG D 144 7.56 5.16 -49.96
C ARG D 144 7.94 5.27 -48.49
N PRO D 145 8.08 6.52 -48.01
CA PRO D 145 8.44 6.89 -46.62
C PRO D 145 7.33 6.58 -45.62
N TRP D 146 6.10 6.78 -46.06
CA TRP D 146 4.94 6.52 -45.23
C TRP D 146 4.08 5.63 -46.12
N PHE D 147 3.37 4.69 -45.51
CA PHE D 147 2.54 3.75 -46.28
C PHE D 147 1.65 4.32 -47.38
N VAL D 148 1.34 5.61 -47.31
CA VAL D 148 0.50 6.21 -48.34
C VAL D 148 1.35 6.92 -49.42
N GLY D 149 2.58 7.28 -49.08
CA GLY D 149 3.46 7.96 -50.02
C GLY D 149 4.50 8.80 -49.30
N ASP D 150 4.78 9.99 -49.83
CA ASP D 150 5.74 10.91 -49.20
C ASP D 150 4.98 11.71 -48.16
N LYS D 151 3.67 11.46 -48.10
CA LYS D 151 2.76 12.14 -47.19
C LYS D 151 2.36 11.24 -46.02
N ILE D 152 2.20 11.83 -44.85
CA ILE D 152 1.80 11.08 -43.67
C ILE D 152 0.27 11.09 -43.52
N THR D 153 -0.28 9.90 -43.34
CA THR D 153 -1.72 9.71 -43.17
C THR D 153 -1.96 9.04 -41.84
N PHE D 154 -3.18 9.09 -41.30
CA PHE D 154 -3.44 8.47 -40.01
C PHE D 154 -3.08 6.99 -39.95
N VAL D 155 -3.06 6.33 -41.09
CA VAL D 155 -2.70 4.90 -41.15
C VAL D 155 -1.24 4.65 -40.76
N ASP D 156 -0.42 5.70 -40.79
CA ASP D 156 0.98 5.54 -40.39
C ASP D 156 1.06 5.32 -38.89
N PHE D 157 0.07 5.83 -38.17
CA PHE D 157 -0.01 5.67 -36.72
C PHE D 157 -0.44 4.24 -36.35
N LEU D 158 -1.38 3.67 -37.10
CA LEU D 158 -1.88 2.33 -36.91
C LEU D 158 -0.79 1.32 -37.23
N ALA D 159 -0.01 1.60 -38.28
CA ALA D 159 1.07 0.73 -38.71
C ALA D 159 2.19 0.68 -37.69
N TYR D 160 2.52 1.84 -37.12
CA TYR D 160 3.56 1.93 -36.09
C TYR D 160 3.17 1.05 -34.91
N ASP D 161 1.92 1.20 -34.48
CA ASP D 161 1.33 0.46 -33.38
C ASP D 161 1.50 -1.03 -33.68
N VAL D 162 0.93 -1.48 -34.79
CA VAL D 162 0.98 -2.87 -35.22
C VAL D 162 2.40 -3.43 -35.30
N LEU D 163 3.29 -2.66 -35.90
CA LEU D 163 4.68 -3.07 -36.06
C LEU D 163 5.36 -3.19 -34.69
N ASP D 164 5.09 -2.22 -33.82
CA ASP D 164 5.66 -2.20 -32.48
C ASP D 164 5.20 -3.40 -31.67
N LEU D 165 3.92 -3.73 -31.76
CA LEU D 165 3.35 -4.87 -31.04
C LEU D 165 4.04 -6.18 -31.42
N HIS D 166 4.29 -6.37 -32.70
CA HIS D 166 4.99 -7.56 -33.14
C HIS D 166 6.49 -7.48 -32.86
N ARG D 167 7.01 -6.25 -32.71
CA ARG D 167 8.42 -6.04 -32.42
C ARG D 167 8.73 -6.41 -30.96
N ILE D 168 7.75 -6.28 -30.08
CA ILE D 168 7.91 -6.63 -28.68
C ILE D 168 7.72 -8.14 -28.51
N PHE D 169 6.69 -8.67 -29.16
CA PHE D 169 6.36 -10.09 -29.11
C PHE D 169 7.41 -10.94 -29.81
N GLU D 170 7.84 -10.49 -30.98
CA GLU D 170 8.84 -11.19 -31.77
C GLU D 170 9.82 -10.13 -32.26
N PRO D 171 10.85 -9.83 -31.46
CA PRO D 171 11.90 -8.84 -31.77
C PRO D 171 12.80 -9.14 -32.96
N ASN D 172 12.25 -9.78 -33.99
CA ASN D 172 13.03 -10.09 -35.17
C ASN D 172 12.20 -10.09 -36.46
N CYS D 173 10.89 -9.86 -36.34
CA CYS D 173 10.01 -9.80 -37.53
C CYS D 173 10.54 -8.68 -38.42
N LEU D 174 10.70 -7.50 -37.81
CA LEU D 174 11.17 -6.30 -38.48
C LEU D 174 12.62 -6.45 -38.92
N ASP D 175 13.39 -7.17 -38.12
CA ASP D 175 14.80 -7.41 -38.38
C ASP D 175 15.03 -7.95 -39.80
N ALA D 176 14.22 -8.92 -40.20
CA ALA D 176 14.34 -9.54 -41.51
C ALA D 176 13.91 -8.65 -42.68
N PHE D 177 13.25 -7.54 -42.37
CA PHE D 177 12.79 -6.61 -43.40
C PHE D 177 13.20 -5.21 -43.01
N PRO D 178 14.48 -4.86 -43.24
CA PRO D 178 15.09 -3.54 -42.94
C PRO D 178 14.21 -2.37 -43.32
N ASN D 179 13.54 -2.51 -44.45
CA ASN D 179 12.64 -1.51 -44.99
C ASN D 179 11.61 -1.02 -43.95
N LEU D 180 11.10 -1.95 -43.14
CA LEU D 180 10.13 -1.61 -42.10
C LEU D 180 10.81 -1.00 -40.87
N LYS D 181 12.00 -1.51 -40.54
CA LYS D 181 12.78 -1.06 -39.40
C LYS D 181 12.92 0.45 -39.36
N ASP D 182 13.21 1.04 -40.52
CA ASP D 182 13.37 2.48 -40.60
C ASP D 182 12.06 3.25 -40.51
N PHE D 183 10.95 2.58 -40.81
CA PHE D 183 9.62 3.20 -40.74
C PHE D 183 9.34 3.60 -39.30
N ILE D 184 9.71 2.74 -38.36
CA ILE D 184 9.52 3.02 -36.94
C ILE D 184 10.57 4.05 -36.51
N SER D 185 11.76 3.95 -37.11
CA SER D 185 12.85 4.86 -36.81
C SER D 185 12.46 6.30 -37.15
N ARG D 186 11.79 6.48 -38.29
CA ARG D 186 11.35 7.81 -38.72
C ARG D 186 10.29 8.31 -37.77
N PHE D 187 9.34 7.44 -37.43
CA PHE D 187 8.27 7.82 -36.53
C PHE D 187 8.84 8.35 -35.20
N GLU D 188 9.76 7.58 -34.61
CA GLU D 188 10.39 7.95 -33.34
C GLU D 188 11.29 9.20 -33.38
N GLY D 189 11.44 9.78 -34.57
CA GLY D 189 12.25 10.97 -34.70
C GLY D 189 11.40 12.21 -34.84
N LEU D 190 10.13 12.03 -35.16
CA LEU D 190 9.19 13.14 -35.35
C LEU D 190 9.05 13.98 -34.09
N GLU D 191 9.49 15.23 -34.18
CA GLU D 191 9.48 16.19 -33.08
C GLU D 191 8.29 16.10 -32.11
N LYS D 192 7.11 16.41 -32.59
CA LYS D 192 5.89 16.34 -31.76
C LYS D 192 5.53 14.95 -31.23
N ILE D 193 6.31 13.94 -31.58
CA ILE D 193 6.09 12.59 -31.13
C ILE D 193 7.18 12.17 -30.15
N SER D 194 8.43 12.50 -30.45
CA SER D 194 9.57 12.18 -29.58
C SER D 194 9.36 12.76 -28.18
N ALA D 195 8.83 13.98 -28.12
CA ALA D 195 8.57 14.67 -26.85
C ALA D 195 7.52 13.92 -26.04
N TYR D 196 6.47 13.45 -26.71
CA TYR D 196 5.41 12.71 -26.04
C TYR D 196 5.94 11.39 -25.50
N MET D 197 6.79 10.73 -26.28
CA MET D 197 7.37 9.47 -25.86
C MET D 197 8.31 9.63 -24.67
N LYS D 198 8.79 10.85 -24.43
CA LYS D 198 9.65 11.11 -23.29
C LYS D 198 8.95 12.02 -22.31
N SER D 199 7.65 11.80 -22.14
CA SER D 199 6.89 12.61 -21.20
C SER D 199 6.22 11.71 -20.17
N SER D 200 5.57 12.32 -19.19
CA SER D 200 4.90 11.61 -18.13
C SER D 200 3.52 11.11 -18.54
N ARG D 201 3.06 11.53 -19.71
CA ARG D 201 1.75 11.15 -20.19
C ARG D 201 1.79 9.94 -21.12
N PHE D 202 3.00 9.47 -21.42
CA PHE D 202 3.18 8.35 -22.33
C PHE D 202 2.79 7.01 -21.74
N LEU D 203 1.85 6.33 -22.37
CA LEU D 203 1.43 5.01 -21.93
C LEU D 203 2.02 3.98 -22.88
N PRO D 204 3.04 3.26 -22.42
CA PRO D 204 3.73 2.22 -23.20
C PRO D 204 3.15 0.84 -22.90
N LYS D 205 3.27 0.42 -21.63
CA LYS D 205 2.80 -0.88 -21.17
C LYS D 205 1.66 -0.70 -20.15
N PRO D 206 0.77 -1.69 -20.04
CA PRO D 206 0.73 -2.96 -20.78
C PRO D 206 -0.05 -2.88 -22.10
N LEU D 207 0.19 -3.85 -22.97
CA LEU D 207 -0.47 -3.89 -24.27
C LEU D 207 -1.93 -4.23 -24.11
N TYR D 208 -2.19 -5.38 -23.50
CA TYR D 208 -3.55 -5.85 -23.31
C TYR D 208 -4.04 -5.73 -21.88
N THR D 209 -5.35 -5.88 -21.70
CA THR D 209 -6.01 -5.79 -20.41
C THR D 209 -5.50 -6.84 -19.43
N ARG D 210 -5.76 -6.61 -18.16
CA ARG D 210 -5.32 -7.50 -17.09
C ARG D 210 -5.84 -8.96 -17.16
N VAL D 211 -6.78 -9.23 -18.05
CA VAL D 211 -7.34 -10.58 -18.18
C VAL D 211 -6.67 -11.41 -19.27
N ALA D 212 -5.53 -10.94 -19.77
CA ALA D 212 -4.81 -11.64 -20.83
C ALA D 212 -3.63 -12.46 -20.33
N VAL D 213 -3.45 -13.64 -20.91
CA VAL D 213 -2.36 -14.53 -20.53
C VAL D 213 -1.00 -13.90 -20.88
N TRP D 214 -0.98 -13.09 -21.94
CA TRP D 214 0.24 -12.43 -22.37
C TRP D 214 0.08 -10.93 -22.50
N GLY D 215 1.09 -10.18 -22.08
CA GLY D 215 1.05 -8.73 -22.15
C GLY D 215 -0.06 -8.07 -21.37
N ASN D 216 -0.30 -8.58 -20.15
CA ASN D 216 -1.34 -8.05 -19.28
C ASN D 216 -0.72 -7.48 -18.00
N LYS D 217 -1.24 -6.36 -17.55
CA LYS D 217 -0.78 -5.67 -16.35
C LYS D 217 -1.81 -4.61 -15.94
N SER E 1 16.39 2.82 66.67
CA SER E 1 17.57 2.53 65.82
C SER E 1 17.25 1.59 64.66
N MET E 2 16.70 2.12 63.57
CA MET E 2 16.40 1.27 62.42
C MET E 2 17.73 0.97 61.74
N THR E 3 17.85 -0.17 61.11
CA THR E 3 19.12 -0.49 60.49
C THR E 3 19.15 -0.26 58.99
N LEU E 4 20.27 0.31 58.58
CA LEU E 4 20.55 0.60 57.19
C LEU E 4 21.27 -0.67 56.74
N GLY E 5 21.06 -1.10 55.51
CA GLY E 5 21.74 -2.30 55.04
C GLY E 5 22.18 -2.13 53.61
N TYR E 6 23.49 -1.97 53.39
CA TYR E 6 24.06 -1.80 52.05
C TYR E 6 25.53 -2.26 52.04
N TRP E 7 26.19 -2.13 50.89
CA TRP E 7 27.60 -2.53 50.78
C TRP E 7 28.47 -1.43 51.40
N ASP E 8 29.78 -1.64 51.44
CA ASP E 8 30.68 -0.62 51.96
C ASP E 8 30.96 0.40 50.86
N ILE E 9 30.18 0.28 49.78
CA ILE E 9 30.28 1.15 48.62
C ILE E 9 29.12 2.15 48.66
N ARG E 10 29.42 3.42 48.42
CA ARG E 10 28.43 4.52 48.39
C ARG E 10 27.12 4.15 47.69
N GLY E 11 27.20 3.91 46.38
CA GLY E 11 26.04 3.55 45.62
C GLY E 11 24.78 4.36 45.82
N LEU E 12 23.67 3.75 45.39
CA LEU E 12 22.35 4.35 45.45
C LEU E 12 21.79 4.65 46.83
N ALA E 13 22.41 4.11 47.87
CA ALA E 13 21.96 4.37 49.24
C ALA E 13 22.46 5.71 49.81
N HIS E 14 23.43 6.34 49.13
CA HIS E 14 23.98 7.61 49.55
C HIS E 14 22.95 8.70 49.87
N ALA E 15 21.83 8.73 49.13
CA ALA E 15 20.79 9.73 49.37
C ALA E 15 20.04 9.38 50.65
N ILE E 16 20.05 8.10 51.01
CA ILE E 16 19.39 7.61 52.19
C ILE E 16 20.15 8.05 53.43
N ARG E 17 21.41 7.65 53.52
CA ARG E 17 22.25 8.00 54.66
C ARG E 17 22.32 9.49 54.96
N LEU E 18 22.04 10.32 53.95
CA LEU E 18 22.03 11.77 54.10
C LEU E 18 20.73 12.22 54.75
N LEU E 19 19.64 11.53 54.40
CA LEU E 19 18.32 11.84 54.94
C LEU E 19 18.19 11.45 56.42
N LEU E 20 18.77 10.30 56.78
CA LEU E 20 18.74 9.81 58.16
C LEU E 20 19.40 10.81 59.08
N GLU E 21 20.61 11.19 58.72
CA GLU E 21 21.42 12.12 59.47
C GLU E 21 20.74 13.45 59.72
N TYR E 22 20.29 14.09 58.66
CA TYR E 22 19.64 15.38 58.76
C TYR E 22 18.42 15.37 59.69
N THR E 23 17.57 14.35 59.57
CA THR E 23 16.37 14.26 60.39
C THR E 23 16.60 13.60 61.76
N ASP E 24 17.86 13.53 62.18
CA ASP E 24 18.25 12.93 63.46
C ASP E 24 17.61 11.55 63.69
N SER E 25 17.36 10.81 62.62
CA SER E 25 16.76 9.49 62.74
C SER E 25 17.81 8.49 63.22
N SER E 26 17.51 7.84 64.35
CA SER E 26 18.41 6.85 64.93
C SER E 26 18.54 5.60 64.05
N TYR E 27 19.66 5.48 63.36
CA TYR E 27 19.90 4.36 62.48
C TYR E 27 21.08 3.49 62.92
N GLU E 28 21.30 2.42 62.20
CA GLU E 28 22.38 1.47 62.44
C GLU E 28 23.00 1.25 61.06
N GLU E 29 24.20 0.69 61.00
CA GLU E 29 24.82 0.47 59.70
C GLU E 29 25.38 -0.91 59.42
N LYS E 30 24.69 -1.66 58.58
CA LYS E 30 25.10 -3.01 58.22
C LYS E 30 25.87 -2.92 56.90
N LYS E 31 27.19 -2.88 56.97
CA LYS E 31 27.97 -2.80 55.75
C LYS E 31 28.49 -4.16 55.28
N TYR E 32 28.16 -4.49 54.03
CA TYR E 32 28.58 -5.76 53.42
C TYR E 32 29.74 -5.48 52.49
N THR E 33 30.83 -6.19 52.67
CA THR E 33 32.01 -5.98 51.84
C THR E 33 32.01 -6.94 50.67
N MET E 34 32.46 -6.43 49.52
CA MET E 34 32.54 -7.22 48.30
C MET E 34 33.93 -7.85 48.21
N GLY E 35 34.33 -8.25 47.01
CA GLY E 35 35.63 -8.85 46.81
C GLY E 35 36.27 -8.33 45.54
N ASP E 36 37.24 -9.06 45.03
CA ASP E 36 37.95 -8.68 43.82
C ASP E 36 38.02 -9.91 42.93
N ALA E 37 38.95 -9.91 41.98
CA ALA E 37 39.16 -11.03 41.06
C ALA E 37 38.01 -11.11 40.06
N PRO E 38 38.06 -12.08 39.12
CA PRO E 38 36.95 -12.15 38.16
C PRO E 38 35.67 -12.61 38.85
N ASP E 39 35.82 -13.61 39.72
CA ASP E 39 34.70 -14.21 40.45
C ASP E 39 34.28 -13.32 41.61
N TYR E 40 33.86 -12.10 41.30
CA TYR E 40 33.44 -11.16 42.33
C TYR E 40 32.45 -11.76 43.33
N ASP E 41 32.94 -11.99 44.55
CA ASP E 41 32.12 -12.58 45.60
C ASP E 41 31.44 -11.59 46.51
N ARG E 42 30.21 -11.92 46.89
CA ARG E 42 29.38 -11.10 47.75
C ARG E 42 28.57 -12.04 48.65
N SER E 43 29.09 -13.25 48.85
CA SER E 43 28.45 -14.27 49.67
C SER E 43 27.87 -13.72 50.95
N GLN E 44 28.61 -12.81 51.58
CA GLN E 44 28.20 -12.16 52.83
C GLN E 44 26.70 -11.84 52.73
N TRP E 45 26.35 -11.08 51.70
CA TRP E 45 24.96 -10.72 51.48
C TRP E 45 24.11 -11.94 51.18
N LEU E 46 24.59 -12.78 50.26
CA LEU E 46 23.87 -13.98 49.85
C LEU E 46 23.40 -14.86 51.00
N ASN E 47 24.16 -14.85 52.09
CA ASN E 47 23.77 -15.63 53.26
C ASN E 47 22.53 -14.99 53.85
N GLU E 48 22.68 -13.78 54.33
CA GLU E 48 21.61 -13.04 54.97
C GLU E 48 20.42 -12.68 54.09
N LYS E 49 20.61 -12.67 52.78
CA LYS E 49 19.54 -12.31 51.83
C LYS E 49 18.13 -12.82 52.16
N PHE E 50 17.97 -14.11 52.10
CA PHE E 50 16.69 -14.75 52.37
C PHE E 50 16.39 -14.88 53.86
N LYS E 51 17.41 -14.63 54.70
CA LYS E 51 17.27 -14.71 56.14
C LYS E 51 16.47 -13.58 56.77
N LEU E 52 16.79 -12.34 56.42
CA LEU E 52 16.09 -11.20 57.04
C LEU E 52 14.61 -11.00 56.63
N GLY E 53 13.96 -12.06 56.15
CA GLY E 53 12.55 -12.00 55.77
C GLY E 53 12.06 -10.79 54.97
N LEU E 54 12.88 -10.35 54.01
CA LEU E 54 12.54 -9.19 53.17
C LEU E 54 11.60 -9.61 52.03
N ASP E 55 10.50 -8.84 51.85
CA ASP E 55 9.51 -9.14 50.82
C ASP E 55 10.21 -9.51 49.52
N PHE E 56 10.91 -8.52 48.98
CA PHE E 56 11.66 -8.68 47.75
C PHE E 56 13.09 -8.51 48.18
N PRO E 57 13.82 -9.61 48.35
CA PRO E 57 15.22 -9.47 48.76
C PRO E 57 15.98 -8.49 47.84
N ASN E 58 16.52 -7.43 48.40
CA ASN E 58 17.22 -6.42 47.63
C ASN E 58 18.07 -5.56 48.57
N LEU E 59 19.23 -5.11 48.09
CA LEU E 59 20.15 -4.28 48.86
C LEU E 59 20.15 -2.89 48.23
N PRO E 60 19.97 -1.82 49.02
CA PRO E 60 19.78 -1.71 50.46
C PRO E 60 18.36 -1.97 50.92
N TYR E 61 18.18 -2.01 52.24
CA TYR E 61 16.87 -2.24 52.87
C TYR E 61 16.83 -1.45 54.17
N LEU E 62 15.64 -1.24 54.70
CA LEU E 62 15.49 -0.49 55.95
C LEU E 62 14.63 -1.26 56.94
N ILE E 63 15.29 -1.86 57.92
CA ILE E 63 14.56 -2.63 58.92
C ILE E 63 14.06 -1.69 60.01
N ASP E 64 12.87 -1.16 59.85
CA ASP E 64 12.29 -0.30 60.86
C ASP E 64 11.44 -1.08 61.85
N GLY E 65 12.12 -1.71 62.79
CA GLY E 65 11.45 -2.50 63.82
C GLY E 65 10.55 -3.57 63.24
N ALA E 66 9.29 -3.19 63.04
CA ALA E 66 8.28 -4.09 62.50
C ALA E 66 8.20 -4.08 60.98
N HIS E 67 8.96 -3.19 60.34
CA HIS E 67 8.93 -3.10 58.88
C HIS E 67 10.31 -3.25 58.27
N LYS E 68 10.35 -3.82 57.09
CA LYS E 68 11.56 -4.02 56.32
C LYS E 68 11.25 -3.35 55.00
N ILE E 69 11.72 -2.12 54.84
CA ILE E 69 11.49 -1.37 53.60
C ILE E 69 12.61 -1.70 52.63
N THR E 70 12.23 -2.40 51.62
CA THR E 70 13.21 -2.78 50.62
C THR E 70 12.95 -2.08 49.29
N GLN E 71 13.91 -1.26 48.86
CA GLN E 71 13.93 -0.49 47.61
C GLN E 71 14.33 0.96 47.88
N SER E 72 15.15 1.51 46.98
CA SER E 72 15.66 2.88 47.09
C SER E 72 14.63 3.94 47.46
N ASN E 73 13.70 4.29 46.52
CA ASN E 73 12.67 5.31 46.73
C ASN E 73 11.78 4.95 47.92
N ALA E 74 11.51 3.66 48.10
CA ALA E 74 10.67 3.15 49.19
C ALA E 74 11.22 3.49 50.58
N ILE E 75 12.52 3.39 50.73
CA ILE E 75 13.16 3.71 52.00
C ILE E 75 13.12 5.22 52.21
N LEU E 76 13.35 5.95 51.12
CA LEU E 76 13.35 7.41 51.15
C LEU E 76 11.99 8.02 51.51
N CYS E 77 10.94 7.62 50.79
CA CYS E 77 9.59 8.13 51.03
C CYS E 77 9.12 7.75 52.44
N TYR E 78 9.70 6.69 53.00
CA TYR E 78 9.36 6.24 54.34
C TYR E 78 9.79 7.25 55.39
N ILE E 79 11.07 7.61 55.39
CA ILE E 79 11.57 8.60 56.35
C ILE E 79 10.84 9.91 56.06
N ALA E 80 10.63 10.17 54.78
CA ALA E 80 9.96 11.38 54.31
C ALA E 80 8.64 11.68 55.01
N ARG E 81 7.67 10.78 54.86
CA ARG E 81 6.38 10.97 55.50
C ARG E 81 6.50 10.91 57.03
N LYS E 82 7.48 10.15 57.49
CA LYS E 82 7.72 10.01 58.92
C LYS E 82 8.38 11.27 59.48
N HIS E 83 8.77 12.16 58.57
CA HIS E 83 9.38 13.44 58.95
C HIS E 83 8.71 14.58 58.18
N ASN E 84 7.59 14.27 57.52
CA ASN E 84 6.82 15.24 56.75
C ASN E 84 7.63 15.84 55.58
N LEU E 85 8.81 15.28 55.32
CA LEU E 85 9.66 15.77 54.24
C LEU E 85 9.13 15.39 52.86
N CYS E 86 7.93 15.86 52.54
CA CYS E 86 7.27 15.59 51.28
C CYS E 86 6.29 16.73 51.01
N GLY E 87 5.78 16.78 49.79
CA GLY E 87 4.86 17.82 49.41
C GLY E 87 3.62 17.94 50.30
N GLU E 88 3.23 19.18 50.57
CA GLU E 88 2.05 19.45 51.40
C GLU E 88 0.91 20.11 50.60
N THR E 89 1.10 20.23 49.29
CA THR E 89 0.12 20.82 48.38
C THR E 89 0.30 20.12 47.05
N GLU E 90 -0.80 19.90 46.33
CA GLU E 90 -0.75 19.22 45.04
C GLU E 90 0.42 19.70 44.19
N GLU E 91 0.54 21.02 44.06
CA GLU E 91 1.61 21.65 43.28
C GLU E 91 2.96 21.00 43.60
N GLU E 92 3.31 21.02 44.88
CA GLU E 92 4.55 20.43 45.35
C GLU E 92 4.54 18.92 45.15
N LYS E 93 3.36 18.32 45.29
CA LYS E 93 3.20 16.88 45.14
C LYS E 93 3.63 16.37 43.78
N ILE E 94 3.29 17.10 42.73
CA ILE E 94 3.65 16.68 41.39
C ILE E 94 5.16 16.73 41.13
N ARG E 95 5.81 17.88 41.35
CA ARG E 95 7.25 17.99 41.11
C ARG E 95 8.15 17.15 42.03
N VAL E 96 7.67 16.85 43.22
CA VAL E 96 8.40 16.00 44.16
C VAL E 96 8.56 14.65 43.48
N ASP E 97 7.46 14.16 42.92
CA ASP E 97 7.42 12.89 42.22
C ASP E 97 8.35 12.95 41.00
N ILE E 98 8.15 13.98 40.18
CA ILE E 98 8.94 14.19 38.97
C ILE E 98 10.39 13.91 39.26
N LEU E 99 11.01 14.73 40.10
CA LEU E 99 12.41 14.57 40.47
C LEU E 99 12.74 13.18 40.93
N GLU E 100 11.94 12.65 41.84
CA GLU E 100 12.14 11.31 42.40
C GLU E 100 12.34 10.27 41.29
N ASN E 101 11.58 10.40 40.22
CA ASN E 101 11.67 9.46 39.12
C ASN E 101 12.72 9.87 38.11
N GLN E 102 12.82 11.16 37.84
CA GLN E 102 13.76 11.68 36.87
C GLN E 102 15.19 11.51 37.38
N ALA E 103 15.45 12.00 38.58
CA ALA E 103 16.77 11.91 39.20
C ALA E 103 17.27 10.46 39.24
N MET E 104 16.36 9.55 39.56
CA MET E 104 16.69 8.13 39.60
C MET E 104 16.98 7.70 38.16
N ASP E 105 16.07 8.04 37.25
CA ASP E 105 16.18 7.72 35.84
C ASP E 105 17.59 7.99 35.30
N VAL E 106 18.05 9.24 35.48
CA VAL E 106 19.38 9.64 35.00
C VAL E 106 20.52 8.98 35.77
N SER E 107 20.24 8.55 36.99
CA SER E 107 21.26 7.89 37.80
C SER E 107 21.46 6.47 37.25
N ASN E 108 20.38 5.85 36.79
CA ASN E 108 20.44 4.51 36.19
C ASN E 108 21.06 4.63 34.82
N GLN E 109 20.79 5.79 34.21
CA GLN E 109 21.28 6.13 32.88
C GLN E 109 22.79 6.21 32.90
N LEU E 110 23.35 6.72 33.99
CA LEU E 110 24.80 6.82 34.13
C LEU E 110 25.37 5.47 34.54
N ALA E 111 24.78 4.85 35.56
CA ALA E 111 25.23 3.55 36.05
C ALA E 111 25.30 2.51 34.93
N ARG E 112 24.24 2.45 34.13
CA ARG E 112 24.12 1.52 33.01
C ARG E 112 25.36 1.61 32.14
N VAL E 113 25.83 2.83 31.95
CA VAL E 113 27.03 3.14 31.16
C VAL E 113 28.26 2.58 31.86
N CYS E 114 28.44 2.97 33.13
CA CYS E 114 29.59 2.53 33.92
C CYS E 114 29.67 1.02 34.17
N TYR E 115 28.60 0.30 33.85
CA TYR E 115 28.58 -1.16 33.99
C TYR E 115 28.88 -1.79 32.63
N SER E 116 28.75 -0.99 31.57
CA SER E 116 29.00 -1.45 30.21
C SER E 116 30.49 -1.62 29.91
N PRO E 117 30.87 -2.79 29.34
CA PRO E 117 32.25 -3.13 28.97
C PRO E 117 32.90 -2.10 28.05
N ASP E 118 32.15 -1.61 27.07
CA ASP E 118 32.67 -0.61 26.13
C ASP E 118 32.52 0.81 26.69
N PHE E 119 33.03 1.02 27.89
CA PHE E 119 33.01 2.27 28.61
C PHE E 119 33.42 3.44 27.70
N GLU E 120 34.63 3.33 27.14
CA GLU E 120 35.19 4.37 26.26
C GLU E 120 34.25 4.86 25.17
N LYS E 121 33.45 3.95 24.63
CA LYS E 121 32.51 4.27 23.57
C LYS E 121 31.29 5.00 24.11
N LEU E 122 30.78 4.52 25.24
CA LEU E 122 29.60 5.12 25.85
C LEU E 122 29.83 6.39 26.67
N LYS E 123 31.05 6.63 27.13
CA LYS E 123 31.31 7.83 27.92
C LYS E 123 31.10 9.14 27.16
N PRO E 124 31.81 9.33 26.03
CA PRO E 124 31.61 10.57 25.27
C PRO E 124 30.16 10.73 24.80
N GLU E 125 29.52 9.63 24.44
CA GLU E 125 28.13 9.61 24.00
C GLU E 125 27.27 10.38 24.99
N TYR E 126 27.35 9.94 26.25
CA TYR E 126 26.59 10.54 27.33
C TYR E 126 27.05 11.98 27.57
N LEU E 127 28.36 12.20 27.57
CA LEU E 127 28.91 13.54 27.79
C LEU E 127 28.40 14.55 26.79
N GLU E 128 28.00 14.07 25.62
CA GLU E 128 27.49 14.90 24.53
C GLU E 128 26.01 15.23 24.73
N GLU E 129 25.34 14.41 25.52
CA GLU E 129 23.91 14.58 25.81
C GLU E 129 23.71 15.23 27.17
N LEU E 130 24.71 15.08 28.04
CA LEU E 130 24.71 15.60 29.40
C LEU E 130 24.34 17.07 29.61
N PRO E 131 24.80 17.99 28.73
CA PRO E 131 24.47 19.41 28.93
C PRO E 131 22.99 19.80 28.85
N THR E 132 22.33 19.48 27.74
CA THR E 132 20.91 19.85 27.56
C THR E 132 20.02 19.14 28.58
N MET E 133 20.53 18.04 29.11
CA MET E 133 19.88 17.23 30.13
C MET E 133 19.92 18.03 31.45
N MET E 134 21.06 18.64 31.74
CA MET E 134 21.29 19.46 32.91
C MET E 134 20.63 20.82 32.79
N GLN E 135 20.19 21.13 31.57
CA GLN E 135 19.48 22.37 31.30
C GLN E 135 18.12 22.37 31.98
N HIS E 136 17.34 21.33 31.72
CA HIS E 136 16.01 21.22 32.32
C HIS E 136 16.12 21.28 33.84
N PHE E 137 17.18 20.67 34.37
CA PHE E 137 17.43 20.65 35.81
C PHE E 137 17.45 22.09 36.30
N SER E 138 18.27 22.91 35.65
CA SER E 138 18.41 24.32 35.99
C SER E 138 17.10 25.08 35.80
N GLN E 139 16.29 24.65 34.83
CA GLN E 139 15.02 25.31 34.56
C GLN E 139 13.94 24.87 35.56
N PHE E 140 14.09 23.65 36.08
CA PHE E 140 13.14 23.10 37.04
C PHE E 140 13.30 23.79 38.39
N LEU E 141 14.55 23.98 38.80
CA LEU E 141 14.87 24.65 40.06
C LEU E 141 14.47 26.10 39.85
N GLY E 142 15.09 26.72 38.84
CA GLY E 142 14.78 28.09 38.51
C GLY E 142 14.81 29.08 39.65
N LYS E 143 13.69 29.75 39.86
CA LYS E 143 13.59 30.78 40.90
C LYS E 143 13.18 30.31 42.29
N ARG E 144 14.06 29.55 42.94
CA ARG E 144 13.79 29.05 44.28
C ARG E 144 14.98 28.27 44.84
N PRO E 145 15.15 28.30 46.18
CA PRO E 145 16.25 27.59 46.83
C PRO E 145 16.11 26.06 46.78
N TRP E 146 14.88 25.56 46.78
CA TRP E 146 14.65 24.11 46.73
C TRP E 146 13.77 23.74 45.54
N PHE E 147 14.15 22.66 44.85
CA PHE E 147 13.43 22.16 43.66
C PHE E 147 11.93 22.00 43.81
N VAL E 148 11.47 21.73 45.02
CA VAL E 148 10.05 21.54 45.30
C VAL E 148 9.35 22.87 45.47
N GLY E 149 10.07 23.84 46.00
CA GLY E 149 9.50 25.16 46.22
C GLY E 149 10.19 25.88 47.35
N ASP E 150 9.37 26.42 48.26
CA ASP E 150 9.87 27.16 49.41
C ASP E 150 10.38 26.24 50.52
N LYS E 151 10.01 24.97 50.46
CA LYS E 151 10.41 24.00 51.48
C LYS E 151 11.24 22.83 50.98
N ILE E 152 12.21 22.40 51.79
CA ILE E 152 13.09 21.27 51.45
C ILE E 152 12.39 19.93 51.64
N THR E 153 12.75 18.95 50.83
CA THR E 153 12.16 17.61 50.89
C THR E 153 13.24 16.56 50.59
N PHE E 154 12.87 15.29 50.63
CA PHE E 154 13.82 14.22 50.37
C PHE E 154 14.38 14.25 48.94
N VAL E 155 13.54 14.61 47.97
CA VAL E 155 13.96 14.68 46.57
C VAL E 155 15.15 15.59 46.37
N ASP E 156 15.33 16.53 47.29
CA ASP E 156 16.44 17.46 47.20
C ASP E 156 17.72 16.67 47.48
N PHE E 157 17.64 15.72 48.40
CA PHE E 157 18.78 14.87 48.76
C PHE E 157 19.19 14.06 47.54
N LEU E 158 18.19 13.50 46.85
CA LEU E 158 18.41 12.71 45.64
C LEU E 158 19.08 13.58 44.59
N ALA E 159 18.43 14.72 44.31
CA ALA E 159 18.92 15.68 43.34
C ALA E 159 20.38 15.96 43.60
N TYR E 160 20.70 16.23 44.86
CA TYR E 160 22.08 16.52 45.26
C TYR E 160 23.05 15.41 44.86
N ASP E 161 22.64 14.16 45.01
CA ASP E 161 23.51 13.04 44.66
C ASP E 161 23.72 12.99 43.15
N VAL E 162 22.65 13.19 42.40
CA VAL E 162 22.70 13.17 40.94
C VAL E 162 23.63 14.26 40.46
N LEU E 163 23.57 15.43 41.07
CA LEU E 163 24.42 16.54 40.70
C LEU E 163 25.86 16.20 41.04
N ASP E 164 26.11 15.98 42.33
CA ASP E 164 27.43 15.66 42.85
C ASP E 164 28.21 14.54 42.13
N LEU E 165 27.52 13.51 41.65
CA LEU E 165 28.21 12.41 40.95
C LEU E 165 28.78 12.91 39.64
N HIS E 166 27.92 13.57 38.85
CA HIS E 166 28.32 14.13 37.58
C HIS E 166 29.43 15.13 37.85
N ARG E 167 29.30 15.84 38.96
CA ARG E 167 30.24 16.86 39.39
C ARG E 167 31.68 16.37 39.34
N ILE E 168 31.88 15.09 39.65
CA ILE E 168 33.21 14.50 39.63
C ILE E 168 33.49 13.91 38.24
N PHE E 169 32.47 13.30 37.64
CA PHE E 169 32.60 12.69 36.30
C PHE E 169 32.97 13.70 35.24
N GLU E 170 32.24 14.81 35.21
CA GLU E 170 32.43 15.90 34.27
C GLU E 170 32.27 17.17 35.10
N PRO E 171 33.36 17.64 35.72
CA PRO E 171 33.38 18.84 36.56
C PRO E 171 32.61 20.03 36.00
N ASN E 172 32.98 20.42 34.78
CA ASN E 172 32.41 21.58 34.12
C ASN E 172 30.92 21.59 33.82
N CYS E 173 30.27 20.43 33.83
CA CYS E 173 28.84 20.37 33.52
C CYS E 173 28.02 21.24 34.45
N LEU E 174 28.62 21.66 35.57
CA LEU E 174 27.94 22.50 36.55
C LEU E 174 28.10 23.98 36.29
N ASP E 175 29.30 24.38 35.87
CA ASP E 175 29.64 25.77 35.61
C ASP E 175 28.61 26.59 34.82
N ALA E 176 28.12 26.04 33.72
CA ALA E 176 27.15 26.73 32.88
C ALA E 176 25.81 27.03 33.57
N PHE E 177 25.57 26.42 34.72
CA PHE E 177 24.31 26.62 35.43
C PHE E 177 24.56 27.06 36.88
N PRO E 178 24.54 28.37 37.11
CA PRO E 178 24.78 28.95 38.45
C PRO E 178 23.89 28.39 39.56
N ASN E 179 22.58 28.52 39.38
CA ASN E 179 21.63 28.07 40.39
C ASN E 179 21.88 26.64 40.87
N LEU E 180 22.34 25.76 39.98
CA LEU E 180 22.61 24.39 40.37
C LEU E 180 23.83 24.32 41.28
N LYS E 181 24.86 25.10 40.99
CA LYS E 181 26.04 25.12 41.84
C LYS E 181 25.72 25.72 43.21
N ASP E 182 24.87 26.74 43.23
CA ASP E 182 24.46 27.36 44.48
C ASP E 182 23.61 26.39 45.30
N PHE E 183 22.84 25.55 44.61
CA PHE E 183 21.99 24.55 45.26
C PHE E 183 22.86 23.56 46.02
N ILE E 184 23.94 23.12 45.38
CA ILE E 184 24.89 22.20 45.99
C ILE E 184 25.49 22.79 47.27
N SER E 185 25.97 24.02 47.17
CA SER E 185 26.57 24.72 48.30
C SER E 185 25.51 25.14 49.32
N ARG E 186 24.25 25.05 48.90
CA ARG E 186 23.11 25.39 49.75
C ARG E 186 22.71 24.15 50.54
N PHE E 187 22.69 23.00 49.87
CA PHE E 187 22.34 21.78 50.56
C PHE E 187 23.43 21.44 51.56
N GLU E 188 24.69 21.45 51.13
CA GLU E 188 25.78 21.14 52.04
C GLU E 188 26.16 22.28 53.00
N GLY E 189 25.33 23.32 53.06
CA GLY E 189 25.56 24.43 53.95
C GLY E 189 24.79 24.23 55.24
N LEU E 190 23.89 23.25 55.26
CA LEU E 190 23.08 22.94 56.44
C LEU E 190 24.01 22.32 57.49
N GLU E 191 23.93 22.80 58.72
CA GLU E 191 24.79 22.30 59.80
C GLU E 191 24.83 20.78 59.99
N LYS E 192 23.67 20.11 59.90
CA LYS E 192 23.64 18.65 60.07
C LYS E 192 24.32 17.90 58.93
N ILE E 193 24.19 18.43 57.72
CA ILE E 193 24.81 17.81 56.56
C ILE E 193 26.32 18.03 56.64
N SER E 194 26.73 19.26 56.90
CA SER E 194 28.15 19.60 57.02
C SER E 194 28.79 18.76 58.10
N ALA E 195 28.10 18.62 59.23
CA ALA E 195 28.58 17.82 60.35
C ALA E 195 28.80 16.37 59.91
N TYR E 196 27.83 15.83 59.18
CA TYR E 196 27.91 14.46 58.68
C TYR E 196 29.14 14.33 57.77
N MET E 197 29.42 15.36 56.99
CA MET E 197 30.58 15.35 56.10
C MET E 197 31.87 15.39 56.91
N LYS E 198 31.87 16.15 58.00
CA LYS E 198 33.05 16.28 58.85
C LYS E 198 33.23 15.12 59.85
N SER E 199 32.49 14.03 59.67
CA SER E 199 32.59 12.90 60.57
C SER E 199 33.22 11.69 59.89
N SER E 200 33.43 10.62 60.67
CA SER E 200 34.00 9.40 60.14
C SER E 200 32.91 8.50 59.56
N ARG E 201 31.65 8.92 59.71
CA ARG E 201 30.52 8.14 59.19
C ARG E 201 30.14 8.56 57.77
N PHE E 202 30.82 9.59 57.26
CA PHE E 202 30.55 10.07 55.91
C PHE E 202 31.09 9.06 54.91
N LEU E 203 30.26 8.67 53.94
CA LEU E 203 30.67 7.71 52.91
C LEU E 203 30.57 8.30 51.51
N PRO E 204 31.64 8.97 51.04
CA PRO E 204 31.72 9.59 49.71
C PRO E 204 31.89 8.49 48.63
N LYS E 205 33.13 8.20 48.24
CA LYS E 205 33.39 7.16 47.25
C LYS E 205 33.59 5.90 48.09
N PRO E 206 33.65 4.70 47.48
CA PRO E 206 33.54 4.38 46.06
C PRO E 206 32.14 4.69 45.57
N LEU E 207 32.04 5.22 44.36
CA LEU E 207 30.74 5.57 43.80
C LEU E 207 30.04 4.30 43.35
N TYR E 208 30.82 3.36 42.83
CA TYR E 208 30.27 2.10 42.36
C TYR E 208 31.00 0.95 43.04
N THR E 209 30.43 -0.24 42.90
CA THR E 209 31.01 -1.45 43.48
C THR E 209 32.25 -1.80 42.69
N ARG E 210 33.14 -2.61 43.24
CA ARG E 210 34.36 -3.00 42.52
C ARG E 210 34.17 -3.86 41.27
N VAL E 211 32.98 -3.85 40.68
CA VAL E 211 32.70 -4.62 39.47
C VAL E 211 32.45 -3.69 38.27
N ALA E 212 32.10 -2.43 38.55
CA ALA E 212 31.84 -1.44 37.51
C ALA E 212 33.16 -0.91 36.91
N VAL E 213 33.23 -0.83 35.58
CA VAL E 213 34.45 -0.36 34.91
C VAL E 213 34.91 1.01 35.39
N TRP E 214 33.97 1.86 35.74
CA TRP E 214 34.28 3.20 36.22
C TRP E 214 33.70 3.40 37.61
N GLY E 215 34.34 4.24 38.41
CA GLY E 215 33.87 4.52 39.75
C GLY E 215 34.08 3.45 40.80
N ASN E 216 34.62 2.31 40.38
CA ASN E 216 34.89 1.23 41.32
C ASN E 216 36.20 1.53 42.05
N LYS E 217 36.27 1.14 43.32
CA LYS E 217 37.45 1.36 44.14
C LYS E 217 37.63 0.14 45.03
N SER F 1 -9.47 19.11 30.48
CA SER F 1 -9.16 17.84 29.79
C SER F 1 -7.66 17.57 29.97
N MET F 2 -7.22 16.39 29.58
CA MET F 2 -5.82 16.01 29.72
C MET F 2 -5.35 15.33 28.44
N THR F 3 -4.06 15.27 28.23
CA THR F 3 -3.52 14.63 27.03
C THR F 3 -2.47 13.60 27.43
N LEU F 4 -2.56 12.42 26.83
CA LEU F 4 -1.65 11.32 27.09
C LEU F 4 -0.74 11.15 25.87
N GLY F 5 0.49 11.60 25.95
CA GLY F 5 1.40 11.48 24.81
C GLY F 5 2.35 10.31 24.89
N TYR F 6 2.39 9.50 23.83
CA TYR F 6 3.25 8.31 23.75
C TYR F 6 3.11 7.66 22.37
N TRP F 7 4.08 6.81 22.01
CA TRP F 7 4.09 6.11 20.73
C TRP F 7 2.85 5.23 20.52
N ASP F 8 2.82 4.53 19.40
CA ASP F 8 1.72 3.63 19.10
C ASP F 8 2.00 2.31 19.82
N ILE F 9 3.22 2.18 20.33
CA ILE F 9 3.63 0.96 21.04
C ILE F 9 3.05 0.98 22.46
N ARG F 10 2.63 -0.19 22.93
CA ARG F 10 2.06 -0.36 24.26
C ARG F 10 3.02 0.21 25.28
N GLY F 11 4.19 -0.40 25.35
CA GLY F 11 5.24 0.03 26.25
C GLY F 11 4.82 0.49 27.64
N LEU F 12 5.60 1.42 28.18
CA LEU F 12 5.36 1.98 29.51
C LEU F 12 4.13 2.84 29.67
N ALA F 13 3.27 2.87 28.66
CA ALA F 13 2.06 3.69 28.71
C ALA F 13 0.80 2.92 29.05
N HIS F 14 0.80 1.62 28.74
CA HIS F 14 -0.35 0.76 28.97
C HIS F 14 -1.01 0.93 30.34
N ALA F 15 -0.23 0.75 31.39
CA ALA F 15 -0.73 0.89 32.75
C ALA F 15 -1.48 2.21 32.97
N ILE F 16 -0.88 3.32 32.58
CA ILE F 16 -1.50 4.65 32.74
C ILE F 16 -2.88 4.67 32.12
N ARG F 17 -2.97 4.11 30.92
CA ARG F 17 -4.22 4.06 30.19
C ARG F 17 -5.22 3.25 30.99
N LEU F 18 -4.73 2.21 31.66
CA LEU F 18 -5.57 1.36 32.48
C LEU F 18 -6.29 2.14 33.57
N LEU F 19 -5.55 2.81 34.45
CA LEU F 19 -6.21 3.57 35.51
C LEU F 19 -6.75 4.91 35.05
N LEU F 20 -6.79 5.10 33.73
CA LEU F 20 -7.31 6.32 33.12
C LEU F 20 -8.72 6.00 32.62
N GLU F 21 -8.82 4.85 31.96
CA GLU F 21 -10.07 4.36 31.40
C GLU F 21 -11.01 3.94 32.53
N TYR F 22 -10.48 3.09 33.40
CA TYR F 22 -11.22 2.58 34.54
C TYR F 22 -11.75 3.71 35.41
N THR F 23 -11.01 4.80 35.52
CA THR F 23 -11.43 5.92 36.34
C THR F 23 -12.35 6.89 35.61
N ASP F 24 -12.88 6.45 34.47
CA ASP F 24 -13.80 7.23 33.63
C ASP F 24 -13.29 8.61 33.24
N SER F 25 -11.97 8.76 33.16
CA SER F 25 -11.39 10.03 32.81
C SER F 25 -11.38 10.34 31.30
N SER F 26 -11.75 11.57 30.97
CA SER F 26 -11.80 12.05 29.60
C SER F 26 -10.39 12.33 29.10
N TYR F 27 -9.89 11.45 28.29
CA TYR F 27 -8.52 11.56 27.74
C TYR F 27 -8.45 11.64 26.22
N GLU F 28 -7.32 12.14 25.73
CA GLU F 28 -7.04 12.25 24.30
C GLU F 28 -5.63 11.70 24.12
N GLU F 29 -5.49 10.72 23.22
CA GLU F 29 -4.20 10.10 22.96
C GLU F 29 -3.44 10.79 21.83
N LYS F 30 -2.17 11.03 22.04
CA LYS F 30 -1.34 11.64 21.01
C LYS F 30 -0.26 10.63 20.71
N LYS F 31 -0.58 9.70 19.81
CA LYS F 31 0.34 8.65 19.41
C LYS F 31 1.33 9.08 18.35
N TYR F 32 2.61 8.95 18.66
CA TYR F 32 3.68 9.30 17.74
C TYR F 32 4.07 8.02 17.00
N THR F 33 4.71 8.14 15.85
CA THR F 33 5.12 6.97 15.09
C THR F 33 6.61 6.96 14.79
N MET F 34 7.17 5.76 14.74
CA MET F 34 8.58 5.55 14.44
C MET F 34 8.70 4.86 13.08
N GLY F 35 9.72 5.23 12.29
CA GLY F 35 9.95 4.67 10.97
C GLY F 35 10.75 3.39 10.94
N ASP F 36 10.82 2.74 9.79
CA ASP F 36 11.52 1.46 9.67
C ASP F 36 12.97 1.61 9.27
N ALA F 37 13.44 0.68 8.44
CA ALA F 37 14.81 0.70 7.97
C ALA F 37 15.75 0.58 9.17
N PRO F 38 17.07 0.50 8.92
CA PRO F 38 17.96 0.38 10.07
C PRO F 38 18.01 1.65 10.93
N ASP F 39 17.59 2.77 10.35
CA ASP F 39 17.66 4.06 11.02
C ASP F 39 16.55 4.39 11.99
N TYR F 40 15.37 3.83 11.76
CA TYR F 40 14.21 4.04 12.62
C TYR F 40 13.87 5.51 12.88
N ASP F 41 13.21 6.14 11.92
CA ASP F 41 12.82 7.54 12.02
C ASP F 41 11.85 7.86 13.16
N ARG F 42 12.38 8.39 14.26
CA ARG F 42 11.55 8.75 15.41
C ARG F 42 11.11 10.21 15.29
N SER F 43 11.54 10.88 14.25
CA SER F 43 11.27 12.30 14.02
C SER F 43 9.86 12.82 14.29
N GLN F 44 8.84 11.97 14.19
CA GLN F 44 7.48 12.44 14.43
C GLN F 44 7.34 13.02 15.84
N TRP F 45 8.21 12.55 16.75
CA TRP F 45 8.25 13.03 18.14
C TRP F 45 9.23 14.20 18.26
N LEU F 46 10.48 13.94 17.86
CA LEU F 46 11.59 14.89 17.90
C LEU F 46 11.31 16.39 17.94
N ASN F 47 10.75 16.94 16.88
CA ASN F 47 10.47 18.38 16.84
C ASN F 47 9.55 18.88 17.96
N GLU F 48 8.44 18.19 18.17
CA GLU F 48 7.47 18.58 19.20
C GLU F 48 8.06 18.57 20.61
N LYS F 49 8.88 17.57 20.88
CA LYS F 49 9.55 17.37 22.17
C LYS F 49 9.85 18.66 22.95
N PHE F 50 10.68 19.51 22.38
CA PHE F 50 11.09 20.75 23.05
C PHE F 50 10.14 21.94 22.99
N LYS F 51 9.07 21.82 22.22
CA LYS F 51 8.11 22.90 22.15
C LYS F 51 7.17 22.85 23.34
N LEU F 52 6.69 21.66 23.67
CA LEU F 52 5.79 21.49 24.80
C LEU F 52 6.52 21.95 26.06
N GLY F 53 5.87 22.77 26.86
CA GLY F 53 6.49 23.28 28.07
C GLY F 53 6.75 22.27 29.18
N LEU F 54 7.26 21.11 28.83
CA LEU F 54 7.57 20.06 29.77
C LEU F 54 9.00 20.33 30.23
N ASP F 55 9.19 20.60 31.50
CA ASP F 55 10.53 20.87 32.06
C ASP F 55 11.50 19.69 32.00
N PHE F 56 11.07 18.55 31.45
CA PHE F 56 11.90 17.36 31.30
C PHE F 56 11.34 16.54 30.14
N PRO F 57 11.38 17.08 28.91
CA PRO F 57 10.87 16.40 27.72
C PRO F 57 11.18 14.91 27.64
N ASN F 58 10.11 14.12 27.71
CA ASN F 58 10.22 12.66 27.67
C ASN F 58 8.85 12.04 27.46
N LEU F 59 8.87 10.82 26.94
CA LEU F 59 7.66 10.07 26.70
C LEU F 59 7.59 9.00 27.78
N PRO F 60 6.42 8.85 28.42
CA PRO F 60 5.18 9.60 28.19
C PRO F 60 5.06 10.84 29.07
N TYR F 61 3.97 11.57 28.86
CA TYR F 61 3.68 12.81 29.60
C TYR F 61 2.18 13.10 29.52
N LEU F 62 1.69 13.95 30.39
CA LEU F 62 0.30 14.31 30.37
C LEU F 62 0.08 15.79 30.67
N ILE F 63 -0.79 16.39 29.87
CA ILE F 63 -1.11 17.79 30.00
C ILE F 63 -2.50 17.93 30.62
N ASP F 64 -2.54 18.18 31.93
CA ASP F 64 -3.80 18.35 32.64
C ASP F 64 -3.89 19.83 32.96
N GLY F 65 -4.39 20.62 32.01
CA GLY F 65 -4.53 22.04 32.22
C GLY F 65 -3.16 22.69 32.24
N ALA F 66 -2.77 23.14 33.42
CA ALA F 66 -1.44 23.77 33.62
C ALA F 66 -0.43 22.71 34.07
N HIS F 67 -0.94 21.50 34.31
CA HIS F 67 -0.12 20.39 34.76
C HIS F 67 0.52 19.68 33.60
N LYS F 68 1.85 19.70 33.57
CA LYS F 68 2.62 19.07 32.52
C LYS F 68 3.58 18.10 33.21
N ILE F 69 3.10 16.88 33.41
CA ILE F 69 3.88 15.85 34.09
C ILE F 69 4.48 14.81 33.16
N THR F 70 5.72 14.43 33.43
CA THR F 70 6.43 13.40 32.68
C THR F 70 6.73 12.25 33.64
N GLN F 71 7.39 11.21 33.15
CA GLN F 71 7.74 10.04 33.96
C GLN F 71 6.54 9.22 34.37
N SER F 72 6.44 8.02 33.79
CA SER F 72 5.37 7.07 34.02
C SER F 72 4.79 7.11 35.44
N ASN F 73 5.63 6.79 36.42
CA ASN F 73 5.22 6.78 37.82
C ASN F 73 4.58 8.09 38.23
N ALA F 74 5.29 9.21 38.04
CA ALA F 74 4.78 10.53 38.40
C ALA F 74 3.39 10.77 37.81
N ILE F 75 3.20 10.32 36.59
CA ILE F 75 1.91 10.44 35.91
C ILE F 75 0.90 9.59 36.67
N LEU F 76 1.30 8.35 36.95
CA LEU F 76 0.48 7.38 37.66
C LEU F 76 -0.08 7.94 38.97
N CYS F 77 0.82 8.37 39.86
CA CYS F 77 0.39 8.92 41.14
C CYS F 77 -0.59 10.06 40.96
N TYR F 78 -0.32 10.93 40.00
CA TYR F 78 -1.18 12.08 39.75
C TYR F 78 -2.66 11.74 39.59
N ILE F 79 -2.95 10.83 38.65
CA ILE F 79 -4.32 10.41 38.35
C ILE F 79 -4.97 9.63 39.50
N ALA F 80 -4.17 8.86 40.22
CA ALA F 80 -4.67 8.09 41.37
C ALA F 80 -4.93 9.05 42.53
N ARG F 81 -4.23 10.18 42.55
CA ARG F 81 -4.38 11.19 43.57
C ARG F 81 -5.81 11.68 43.56
N LYS F 82 -6.30 12.02 42.37
CA LYS F 82 -7.66 12.48 42.19
C LYS F 82 -8.71 11.37 42.26
N HIS F 83 -8.32 10.23 42.78
CA HIS F 83 -9.22 9.08 42.93
C HIS F 83 -8.87 8.27 44.19
N ASN F 84 -7.96 8.80 45.00
CA ASN F 84 -7.51 8.20 46.26
C ASN F 84 -6.95 6.79 46.11
N LEU F 85 -6.60 6.42 44.89
CA LEU F 85 -6.06 5.09 44.61
C LEU F 85 -4.61 4.97 45.04
N CYS F 86 -4.25 5.56 46.17
CA CYS F 86 -2.90 5.53 46.70
C CYS F 86 -2.93 4.85 48.08
N GLY F 87 -1.89 5.06 48.89
CA GLY F 87 -1.87 4.45 50.20
C GLY F 87 -2.71 5.24 51.19
N GLU F 88 -3.26 4.53 52.19
CA GLU F 88 -4.08 5.15 53.22
C GLU F 88 -3.32 5.08 54.56
N THR F 89 -3.05 3.86 55.00
CA THR F 89 -2.35 3.65 56.25
C THR F 89 -0.88 3.44 55.89
N GLU F 90 0.04 3.81 56.79
CA GLU F 90 1.47 3.63 56.54
C GLU F 90 1.76 2.20 56.09
N GLU F 91 0.92 1.26 56.53
CA GLU F 91 1.06 -0.14 56.15
C GLU F 91 0.77 -0.30 54.67
N GLU F 92 -0.27 0.40 54.20
CA GLU F 92 -0.65 0.35 52.80
C GLU F 92 0.30 1.20 51.94
N LYS F 93 0.86 2.25 52.54
CA LYS F 93 1.80 3.15 51.86
C LYS F 93 3.06 2.40 51.48
N ILE F 94 3.67 1.74 52.45
CA ILE F 94 4.88 0.99 52.21
C ILE F 94 4.71 -0.01 51.07
N ARG F 95 3.62 -0.77 51.10
CA ARG F 95 3.38 -1.75 50.05
C ARG F 95 3.42 -1.01 48.71
N VAL F 96 2.79 0.16 48.69
CA VAL F 96 2.75 1.00 47.49
C VAL F 96 4.15 1.38 47.03
N ASP F 97 4.97 1.91 47.94
CA ASP F 97 6.34 2.31 47.60
C ASP F 97 7.13 1.13 47.03
N ILE F 98 7.26 0.10 47.85
CA ILE F 98 8.00 -1.11 47.49
C ILE F 98 7.53 -1.67 46.16
N LEU F 99 6.23 -1.98 46.06
CA LEU F 99 5.70 -2.53 44.82
C LEU F 99 5.95 -1.58 43.67
N GLU F 100 5.65 -0.30 43.86
CA GLU F 100 5.82 0.74 42.85
C GLU F 100 7.13 0.55 42.09
N ASN F 101 8.23 0.71 42.77
CA ASN F 101 9.57 0.57 42.17
C ASN F 101 9.87 -0.84 41.72
N GLN F 102 9.34 -1.81 42.45
CA GLN F 102 9.56 -3.22 42.13
C GLN F 102 8.93 -3.60 40.81
N ALA F 103 7.71 -3.15 40.55
CA ALA F 103 7.00 -3.43 39.30
C ALA F 103 7.83 -2.86 38.17
N MET F 104 8.36 -1.66 38.38
CA MET F 104 9.20 -1.00 37.39
C MET F 104 10.44 -1.82 37.04
N ASP F 105 11.19 -2.24 38.05
CA ASP F 105 12.38 -3.04 37.84
C ASP F 105 12.16 -4.30 37.00
N VAL F 106 11.02 -4.96 37.20
CA VAL F 106 10.73 -6.19 36.44
C VAL F 106 10.50 -5.90 34.97
N SER F 107 10.00 -4.69 34.69
CA SER F 107 9.76 -4.27 33.31
C SER F 107 11.07 -3.78 32.71
N ASN F 108 11.88 -3.11 33.53
CA ASN F 108 13.17 -2.60 33.10
C ASN F 108 14.03 -3.77 32.66
N GLN F 109 14.27 -4.70 33.59
CA GLN F 109 15.08 -5.87 33.33
C GLN F 109 14.68 -6.63 32.07
N LEU F 110 13.38 -6.79 31.85
CA LEU F 110 12.89 -7.50 30.68
C LEU F 110 13.09 -6.66 29.43
N ALA F 111 12.82 -5.37 29.54
CA ALA F 111 12.99 -4.47 28.42
C ALA F 111 14.42 -4.57 27.93
N ARG F 112 15.37 -4.53 28.85
CA ARG F 112 16.78 -4.62 28.51
C ARG F 112 17.04 -5.89 27.72
N VAL F 113 16.47 -6.99 28.16
CA VAL F 113 16.65 -8.29 27.49
C VAL F 113 16.03 -8.24 26.10
N CYS F 114 14.92 -7.53 25.97
CA CYS F 114 14.29 -7.40 24.67
C CYS F 114 14.97 -6.33 23.80
N TYR F 115 15.95 -5.63 24.38
CA TYR F 115 16.70 -4.59 23.67
C TYR F 115 18.16 -4.98 23.44
N SER F 116 18.60 -6.09 24.00
CA SER F 116 19.97 -6.54 23.81
C SER F 116 20.01 -7.37 22.53
N PRO F 117 20.89 -6.99 21.59
CA PRO F 117 21.01 -7.72 20.32
C PRO F 117 21.31 -9.20 20.52
N ASP F 118 22.01 -9.50 21.61
CA ASP F 118 22.38 -10.86 21.94
C ASP F 118 21.13 -11.71 22.14
N PHE F 119 20.08 -11.07 22.65
CA PHE F 119 18.79 -11.70 22.94
C PHE F 119 18.89 -13.18 23.30
N GLU F 120 18.93 -14.02 22.27
CA GLU F 120 19.00 -15.47 22.45
C GLU F 120 20.02 -15.96 23.49
N LYS F 121 21.05 -15.16 23.76
CA LYS F 121 22.08 -15.53 24.74
C LYS F 121 21.65 -15.29 26.19
N LEU F 122 21.17 -14.08 26.47
CA LEU F 122 20.75 -13.74 27.82
C LEU F 122 19.29 -14.08 28.14
N LYS F 123 18.48 -14.34 27.11
CA LYS F 123 17.08 -14.67 27.30
C LYS F 123 16.88 -15.94 28.15
N PRO F 124 17.56 -17.05 27.80
CA PRO F 124 17.41 -18.29 28.58
C PRO F 124 17.89 -18.17 30.03
N GLU F 125 18.96 -17.41 30.27
CA GLU F 125 19.42 -17.23 31.64
C GLU F 125 18.40 -16.41 32.41
N TYR F 126 17.69 -15.53 31.71
CA TYR F 126 16.66 -14.71 32.33
C TYR F 126 15.57 -15.62 32.86
N LEU F 127 15.17 -16.60 32.04
CA LEU F 127 14.15 -17.57 32.42
C LEU F 127 14.55 -18.38 33.65
N GLU F 128 15.83 -18.32 34.01
CA GLU F 128 16.33 -19.04 35.18
C GLU F 128 15.84 -18.38 36.47
N GLU F 129 16.09 -17.08 36.63
CA GLU F 129 15.67 -16.36 37.84
C GLU F 129 14.24 -15.86 37.77
N LEU F 130 13.69 -15.80 36.56
CA LEU F 130 12.32 -15.32 36.39
C LEU F 130 11.33 -15.93 37.38
N PRO F 131 11.26 -17.27 37.48
CA PRO F 131 10.33 -17.92 38.40
C PRO F 131 10.46 -17.50 39.87
N THR F 132 11.68 -17.49 40.41
CA THR F 132 11.87 -17.11 41.81
C THR F 132 11.45 -15.65 42.00
N MET F 133 11.67 -14.85 40.96
CA MET F 133 11.29 -13.44 41.00
C MET F 133 9.78 -13.38 41.15
N MET F 134 9.08 -14.25 40.44
CA MET F 134 7.62 -14.33 40.50
C MET F 134 7.15 -14.98 41.80
N GLN F 135 7.99 -15.85 42.36
CA GLN F 135 7.69 -16.53 43.60
C GLN F 135 7.45 -15.46 44.65
N HIS F 136 8.30 -14.45 44.62
CA HIS F 136 8.23 -13.33 45.56
C HIS F 136 7.01 -12.47 45.37
N PHE F 137 6.51 -12.34 44.16
CA PHE F 137 5.30 -11.56 43.93
C PHE F 137 4.09 -12.33 44.46
N SER F 138 4.11 -13.65 44.24
CA SER F 138 3.01 -14.51 44.70
C SER F 138 2.84 -14.33 46.22
N GLN F 139 3.94 -14.43 46.96
CA GLN F 139 3.86 -14.27 48.41
C GLN F 139 3.34 -12.90 48.82
N PHE F 140 3.86 -11.85 48.19
CA PHE F 140 3.46 -10.47 48.49
C PHE F 140 1.93 -10.32 48.38
N LEU F 141 1.35 -10.95 47.39
CA LEU F 141 -0.10 -10.88 47.20
C LEU F 141 -0.76 -11.81 48.22
N GLY F 142 -0.35 -13.07 48.20
CA GLY F 142 -0.88 -14.05 49.12
C GLY F 142 -2.39 -14.15 49.17
N LYS F 143 -2.95 -13.68 50.27
CA LYS F 143 -4.39 -13.74 50.49
C LYS F 143 -5.17 -12.49 50.15
N ARG F 144 -4.52 -11.33 50.19
CA ARG F 144 -5.22 -10.08 49.91
C ARG F 144 -5.53 -9.99 48.42
N PRO F 145 -6.80 -9.77 48.06
CA PRO F 145 -7.22 -9.67 46.66
C PRO F 145 -6.36 -8.69 45.88
N TRP F 146 -6.43 -7.43 46.29
CA TRP F 146 -5.65 -6.40 45.64
C TRP F 146 -4.34 -6.29 46.35
N PHE F 147 -3.24 -6.39 45.60
CA PHE F 147 -1.86 -6.32 46.12
C PHE F 147 -1.66 -5.49 47.37
N VAL F 148 -2.43 -4.42 47.52
CA VAL F 148 -2.30 -3.53 48.67
C VAL F 148 -3.31 -3.83 49.78
N GLY F 149 -3.91 -5.01 49.74
CA GLY F 149 -4.88 -5.41 50.73
C GLY F 149 -6.31 -5.52 50.20
N ASP F 150 -7.23 -4.92 50.93
CA ASP F 150 -8.64 -4.93 50.56
C ASP F 150 -8.91 -3.89 49.47
N LYS F 151 -8.14 -2.82 49.50
CA LYS F 151 -8.32 -1.75 48.53
C LYS F 151 -7.49 -1.91 47.27
N ILE F 152 -8.01 -1.34 46.19
CA ILE F 152 -7.36 -1.35 44.89
C ILE F 152 -6.59 -0.03 44.79
N THR F 153 -5.36 -0.10 44.27
CA THR F 153 -4.52 1.09 44.14
C THR F 153 -3.86 1.12 42.75
N PHE F 154 -3.18 2.20 42.43
CA PHE F 154 -2.52 2.30 41.13
C PHE F 154 -1.52 1.16 40.93
N VAL F 155 -0.95 0.70 42.03
CA VAL F 155 0.02 -0.38 41.96
C VAL F 155 -0.60 -1.67 41.43
N ASP F 156 -1.92 -1.76 41.50
CA ASP F 156 -2.62 -2.94 41.00
C ASP F 156 -2.64 -2.95 39.47
N PHE F 157 -2.54 -1.77 38.88
CA PHE F 157 -2.51 -1.66 37.42
C PHE F 157 -1.08 -1.97 36.96
N LEU F 158 -0.09 -1.34 37.61
CA LEU F 158 1.32 -1.57 37.30
C LEU F 158 1.53 -3.08 37.29
N ALA F 159 1.04 -3.73 38.35
CA ALA F 159 1.15 -5.17 38.52
C ALA F 159 0.58 -5.92 37.33
N TYR F 160 -0.69 -5.68 37.02
CA TYR F 160 -1.34 -6.35 35.91
C TYR F 160 -0.51 -6.29 34.63
N ASP F 161 0.09 -5.13 34.36
CA ASP F 161 0.91 -4.95 33.18
C ASP F 161 2.07 -5.95 33.20
N VAL F 162 2.87 -5.88 34.25
CA VAL F 162 4.04 -6.76 34.42
C VAL F 162 3.68 -8.24 34.35
N LEU F 163 2.53 -8.60 34.91
CA LEU F 163 2.08 -9.98 34.93
C LEU F 163 1.70 -10.52 33.56
N ASP F 164 0.90 -9.78 32.79
CA ASP F 164 0.51 -10.27 31.47
C ASP F 164 1.68 -10.18 30.47
N LEU F 165 2.67 -9.37 30.80
CA LEU F 165 3.85 -9.20 29.96
C LEU F 165 4.55 -10.56 29.86
N HIS F 166 5.00 -11.06 31.01
CA HIS F 166 5.66 -12.35 31.11
C HIS F 166 4.71 -13.46 30.69
N ARG F 167 3.42 -13.22 30.94
CA ARG F 167 2.36 -14.16 30.61
C ARG F 167 2.50 -14.52 29.11
N ILE F 168 2.81 -13.51 28.30
CA ILE F 168 2.97 -13.72 26.85
C ILE F 168 4.40 -14.12 26.48
N PHE F 169 5.37 -13.57 27.21
CA PHE F 169 6.76 -13.88 26.94
C PHE F 169 7.05 -15.35 27.23
N GLU F 170 6.42 -15.85 28.29
CA GLU F 170 6.54 -17.23 28.73
C GLU F 170 5.34 -17.55 29.60
N PRO F 171 4.28 -18.11 29.00
CA PRO F 171 3.05 -18.49 29.71
C PRO F 171 3.20 -19.41 30.93
N ASN F 172 4.32 -20.12 31.01
CA ASN F 172 4.56 -21.04 32.12
C ASN F 172 4.66 -20.37 33.50
N CYS F 173 5.50 -19.35 33.60
CA CYS F 173 5.74 -18.63 34.86
C CYS F 173 4.56 -18.39 35.81
N LEU F 174 3.52 -17.70 35.35
CA LEU F 174 2.36 -17.42 36.21
C LEU F 174 1.58 -18.69 36.55
N ASP F 175 1.47 -19.58 35.57
CA ASP F 175 0.75 -20.83 35.71
C ASP F 175 1.16 -21.62 36.97
N ALA F 176 2.44 -21.55 37.33
CA ALA F 176 2.96 -22.25 38.49
C ALA F 176 2.56 -21.61 39.82
N PHE F 177 2.03 -20.39 39.74
CA PHE F 177 1.60 -19.67 40.93
C PHE F 177 0.16 -19.25 40.71
N PRO F 178 -0.78 -20.13 41.09
CA PRO F 178 -2.23 -19.93 40.97
C PRO F 178 -2.67 -18.61 41.57
N ASN F 179 -2.08 -18.28 42.72
CA ASN F 179 -2.38 -17.05 43.43
C ASN F 179 -2.33 -15.84 42.49
N LEU F 180 -1.23 -15.73 41.74
CA LEU F 180 -1.07 -14.64 40.79
C LEU F 180 -2.02 -14.77 39.62
N LYS F 181 -2.20 -15.99 39.13
CA LYS F 181 -3.10 -16.24 38.02
C LYS F 181 -4.51 -15.77 38.34
N ASP F 182 -4.91 -15.92 39.60
CA ASP F 182 -6.24 -15.49 40.00
C ASP F 182 -6.31 -13.98 40.08
N PHE F 183 -5.19 -13.34 40.41
CA PHE F 183 -5.18 -11.89 40.49
C PHE F 183 -5.59 -11.31 39.15
N ILE F 184 -4.84 -11.64 38.10
CA ILE F 184 -5.14 -11.14 36.76
C ILE F 184 -6.54 -11.44 36.26
N SER F 185 -7.06 -12.63 36.57
CA SER F 185 -8.42 -12.99 36.15
C SER F 185 -9.40 -12.04 36.85
N ARG F 186 -9.04 -11.63 38.06
CA ARG F 186 -9.86 -10.71 38.85
C ARG F 186 -9.84 -9.30 38.27
N PHE F 187 -8.86 -9.03 37.41
CA PHE F 187 -8.78 -7.71 36.79
C PHE F 187 -9.69 -7.63 35.56
N GLU F 188 -9.54 -8.59 34.66
CA GLU F 188 -10.32 -8.65 33.42
C GLU F 188 -11.84 -8.65 33.58
N GLY F 189 -12.32 -8.95 34.77
CA GLY F 189 -13.75 -8.97 35.01
C GLY F 189 -14.29 -7.61 35.41
N LEU F 190 -13.38 -6.73 35.85
CA LEU F 190 -13.75 -5.39 36.29
C LEU F 190 -14.50 -4.62 35.21
N GLU F 191 -15.70 -4.15 35.56
CA GLU F 191 -16.59 -3.43 34.65
C GLU F 191 -15.96 -2.50 33.61
N LYS F 192 -15.32 -1.42 34.07
CA LYS F 192 -14.69 -0.49 33.14
C LYS F 192 -13.57 -1.11 32.31
N ILE F 193 -12.85 -2.07 32.87
CA ILE F 193 -11.75 -2.73 32.17
C ILE F 193 -12.25 -3.70 31.09
N SER F 194 -13.38 -4.35 31.34
CA SER F 194 -13.97 -5.31 30.39
C SER F 194 -14.33 -4.60 29.08
N ALA F 195 -14.89 -3.41 29.21
CA ALA F 195 -15.28 -2.60 28.06
C ALA F 195 -14.07 -2.08 27.29
N TYR F 196 -13.10 -1.54 28.02
CA TYR F 196 -11.88 -1.00 27.42
C TYR F 196 -11.11 -2.02 26.59
N MET F 197 -10.93 -3.22 27.13
CA MET F 197 -10.20 -4.25 26.42
C MET F 197 -10.97 -4.81 25.21
N LYS F 198 -12.29 -4.69 25.23
CA LYS F 198 -13.10 -5.17 24.12
C LYS F 198 -13.51 -3.99 23.25
N SER F 199 -12.76 -2.89 23.35
CA SER F 199 -13.05 -1.69 22.58
C SER F 199 -11.97 -1.43 21.53
N SER F 200 -12.20 -0.39 20.72
CA SER F 200 -11.29 -0.01 19.65
C SER F 200 -10.08 0.80 20.14
N ARG F 201 -10.05 1.13 21.43
CA ARG F 201 -8.94 1.92 21.97
C ARG F 201 -7.87 1.04 22.59
N PHE F 202 -8.20 -0.24 22.78
CA PHE F 202 -7.29 -1.18 23.40
C PHE F 202 -6.03 -1.48 22.58
N LEU F 203 -4.88 -1.06 23.13
CA LEU F 203 -3.58 -1.27 22.49
C LEU F 203 -2.77 -2.31 23.25
N PRO F 204 -2.80 -3.57 22.79
CA PRO F 204 -2.05 -4.64 23.46
C PRO F 204 -0.61 -4.79 22.93
N LYS F 205 -0.42 -4.60 21.63
CA LYS F 205 0.88 -4.75 21.01
C LYS F 205 1.05 -3.71 19.90
N PRO F 206 2.30 -3.45 19.50
CA PRO F 206 3.53 -4.07 20.02
C PRO F 206 3.87 -3.62 21.44
N LEU F 207 4.46 -4.53 22.21
CA LEU F 207 4.83 -4.20 23.57
C LEU F 207 6.05 -3.29 23.56
N TYR F 208 6.96 -3.55 22.63
CA TYR F 208 8.18 -2.78 22.49
C TYR F 208 8.21 -2.02 21.16
N THR F 209 9.17 -1.10 21.04
CA THR F 209 9.30 -0.30 19.82
C THR F 209 9.92 -1.14 18.70
N ARG F 210 10.00 -0.54 17.51
CA ARG F 210 10.55 -1.22 16.33
C ARG F 210 11.96 -1.78 16.54
N VAL F 211 12.78 -1.02 17.26
CA VAL F 211 14.18 -1.40 17.54
C VAL F 211 14.32 -2.61 18.46
N ALA F 212 13.19 -3.10 18.97
CA ALA F 212 13.19 -4.26 19.87
C ALA F 212 13.54 -5.56 19.14
N VAL F 213 14.47 -6.33 19.71
CA VAL F 213 14.86 -7.59 19.11
C VAL F 213 13.66 -8.56 19.16
N TRP F 214 12.76 -8.33 20.11
CA TRP F 214 11.57 -9.14 20.29
C TRP F 214 10.38 -8.23 20.64
N GLY F 215 9.17 -8.72 20.38
CA GLY F 215 7.96 -7.99 20.68
C GLY F 215 7.75 -6.70 19.90
N ASN F 216 8.46 -6.57 18.78
CA ASN F 216 8.37 -5.39 17.92
C ASN F 216 7.28 -5.59 16.88
N LYS F 217 6.83 -4.51 16.29
CA LYS F 217 5.79 -4.55 15.26
C LYS F 217 5.52 -3.16 14.67
N SER G 1 -41.28 0.45 50.76
CA SER G 1 -40.56 -0.07 49.58
C SER G 1 -40.92 -1.56 49.43
N MET G 2 -40.19 -2.28 48.59
CA MET G 2 -40.45 -3.71 48.39
C MET G 2 -39.87 -4.49 49.56
N THR G 3 -40.45 -5.64 49.86
CA THR G 3 -39.94 -6.47 50.95
C THR G 3 -40.06 -7.95 50.58
N LEU G 4 -38.95 -8.66 50.67
CA LEU G 4 -38.95 -10.08 50.38
C LEU G 4 -38.56 -10.77 51.67
N GLY G 5 -38.93 -12.04 51.79
CA GLY G 5 -38.62 -12.77 53.00
C GLY G 5 -38.04 -14.13 52.74
N TYR G 6 -37.16 -14.55 53.62
CA TYR G 6 -36.52 -15.85 53.55
C TYR G 6 -35.77 -16.04 54.86
N TRP G 7 -35.40 -17.28 55.16
CA TRP G 7 -34.69 -17.60 56.39
C TRP G 7 -33.37 -16.82 56.51
N ASP G 8 -32.70 -17.00 57.63
CA ASP G 8 -31.40 -16.37 57.85
C ASP G 8 -30.40 -17.01 56.88
N ILE G 9 -30.79 -18.15 56.31
CA ILE G 9 -29.97 -18.88 55.37
C ILE G 9 -30.07 -18.26 53.99
N ARG G 10 -29.01 -18.42 53.20
CA ARG G 10 -28.96 -17.91 51.83
C ARG G 10 -30.03 -18.64 51.02
N GLY G 11 -29.93 -19.96 50.98
CA GLY G 11 -30.88 -20.78 50.25
C GLY G 11 -31.10 -20.28 48.83
N LEU G 12 -32.28 -20.46 48.31
CA LEU G 12 -32.58 -20.00 46.96
C LEU G 12 -32.96 -18.53 46.88
N ALA G 13 -32.47 -17.74 47.84
CA ALA G 13 -32.75 -16.29 47.87
C ALA G 13 -31.54 -15.48 47.42
N HIS G 14 -30.38 -16.14 47.35
CA HIS G 14 -29.13 -15.54 46.94
C HIS G 14 -29.20 -14.74 45.64
N ALA G 15 -29.67 -15.39 44.57
CA ALA G 15 -29.79 -14.73 43.27
C ALA G 15 -30.67 -13.50 43.35
N ILE G 16 -31.75 -13.59 44.13
CA ILE G 16 -32.68 -12.47 44.30
C ILE G 16 -31.96 -11.25 44.86
N ARG G 17 -31.13 -11.46 45.89
CA ARG G 17 -30.39 -10.37 46.53
C ARG G 17 -29.38 -9.73 45.58
N LEU G 18 -28.87 -10.51 44.63
CA LEU G 18 -27.91 -9.99 43.66
C LEU G 18 -28.65 -9.11 42.66
N LEU G 19 -29.72 -9.64 42.11
CA LEU G 19 -30.53 -8.92 41.13
C LEU G 19 -31.02 -7.60 41.74
N LEU G 20 -31.74 -7.69 42.85
CA LEU G 20 -32.29 -6.52 43.53
C LEU G 20 -31.27 -5.40 43.77
N GLU G 21 -30.12 -5.75 44.34
CA GLU G 21 -29.08 -4.76 44.64
C GLU G 21 -28.48 -4.12 43.39
N TYR G 22 -28.21 -4.93 42.37
CA TYR G 22 -27.63 -4.42 41.15
C TYR G 22 -28.55 -3.42 40.46
N THR G 23 -29.85 -3.68 40.48
CA THR G 23 -30.79 -2.78 39.84
C THR G 23 -31.20 -1.61 40.72
N ASP G 24 -30.55 -1.47 41.87
CA ASP G 24 -30.83 -0.40 42.83
C ASP G 24 -32.28 -0.33 43.27
N SER G 25 -32.90 -1.50 43.46
CA SER G 25 -34.29 -1.57 43.86
C SER G 25 -34.45 -1.45 45.38
N SER G 26 -35.42 -0.65 45.81
CA SER G 26 -35.70 -0.43 47.22
C SER G 26 -36.41 -1.60 47.87
N TYR G 27 -35.70 -2.69 48.07
CA TYR G 27 -36.26 -3.88 48.69
C TYR G 27 -36.06 -3.78 50.21
N GLU G 28 -36.63 -4.75 50.94
CA GLU G 28 -36.53 -4.79 52.40
C GLU G 28 -36.36 -6.25 52.83
N GLU G 29 -35.42 -6.49 53.75
CA GLU G 29 -35.13 -7.84 54.23
C GLU G 29 -35.88 -8.35 55.45
N LYS G 30 -36.65 -9.42 55.24
CA LYS G 30 -37.42 -10.06 56.29
C LYS G 30 -36.80 -11.44 56.52
N LYS G 31 -35.85 -11.52 57.44
CA LYS G 31 -35.16 -12.78 57.73
C LYS G 31 -35.70 -13.59 58.91
N TYR G 32 -36.15 -14.82 58.62
CA TYR G 32 -36.67 -15.71 59.65
C TYR G 32 -35.57 -16.65 60.11
N THR G 33 -35.52 -16.90 61.42
CA THR G 33 -34.52 -17.77 62.00
C THR G 33 -35.09 -19.14 62.29
N MET G 34 -34.27 -20.17 62.15
CA MET G 34 -34.68 -21.54 62.40
C MET G 34 -33.91 -22.09 63.60
N GLY G 35 -34.53 -22.99 64.35
CA GLY G 35 -33.89 -23.55 65.53
C GLY G 35 -33.03 -24.77 65.32
N ASP G 36 -32.53 -25.30 66.43
CA ASP G 36 -31.66 -26.47 66.44
C ASP G 36 -32.41 -27.68 66.99
N ALA G 37 -31.71 -28.54 67.76
CA ALA G 37 -32.31 -29.73 68.36
C ALA G 37 -32.81 -30.70 67.28
N PRO G 38 -33.35 -31.87 67.68
CA PRO G 38 -33.83 -32.81 66.66
C PRO G 38 -34.99 -32.21 65.85
N ASP G 39 -35.67 -31.22 66.43
CA ASP G 39 -36.78 -30.56 65.76
C ASP G 39 -36.48 -29.08 65.59
N TYR G 40 -35.83 -28.78 64.48
CA TYR G 40 -35.43 -27.42 64.14
C TYR G 40 -36.59 -26.43 64.13
N ASP G 41 -36.67 -25.68 65.22
CA ASP G 41 -37.71 -24.68 65.44
C ASP G 41 -38.01 -23.84 64.20
N ARG G 42 -39.09 -24.17 63.50
CA ARG G 42 -39.52 -23.46 62.30
C ARG G 42 -40.52 -22.34 62.64
N SER G 43 -41.05 -22.40 63.86
CA SER G 43 -42.03 -21.47 64.40
C SER G 43 -42.10 -20.04 63.83
N GLN G 44 -41.05 -19.25 64.06
CA GLN G 44 -40.99 -17.86 63.60
C GLN G 44 -41.70 -17.62 62.26
N TRP G 45 -41.35 -18.46 61.28
CA TRP G 45 -41.95 -18.37 59.95
C TRP G 45 -43.41 -18.80 59.99
N LEU G 46 -43.64 -20.06 60.40
CA LEU G 46 -44.98 -20.66 60.47
C LEU G 46 -46.08 -19.82 61.04
N ASN G 47 -45.83 -19.09 62.13
CA ASN G 47 -46.87 -18.25 62.72
C ASN G 47 -47.17 -16.95 61.98
N GLU G 48 -46.93 -16.95 60.67
CA GLU G 48 -47.20 -15.78 59.85
C GLU G 48 -47.52 -16.21 58.43
N LYS G 49 -46.98 -17.36 58.04
CA LYS G 49 -47.13 -17.96 56.73
C LYS G 49 -48.51 -17.73 56.10
N PHE G 50 -49.55 -17.92 56.89
CA PHE G 50 -50.93 -17.79 56.41
C PHE G 50 -51.55 -16.40 56.54
N LYS G 51 -50.89 -15.53 57.29
CA LYS G 51 -51.36 -14.17 57.48
C LYS G 51 -51.05 -13.29 56.27
N LEU G 52 -49.88 -13.51 55.66
CA LEU G 52 -49.40 -12.75 54.51
C LEU G 52 -50.27 -12.58 53.26
N GLY G 53 -51.42 -13.23 53.20
CA GLY G 53 -52.28 -13.11 52.02
C GLY G 53 -51.67 -13.63 50.73
N LEU G 54 -50.63 -14.45 50.85
CA LEU G 54 -49.94 -15.04 49.69
C LEU G 54 -50.88 -16.02 49.01
N ASP G 55 -50.76 -16.16 47.70
CA ASP G 55 -51.60 -17.07 46.94
C ASP G 55 -51.20 -18.50 47.25
N PHE G 56 -49.89 -18.75 47.30
CA PHE G 56 -49.34 -20.06 47.61
C PHE G 56 -48.25 -19.86 48.66
N PRO G 57 -48.64 -19.61 49.93
CA PRO G 57 -47.72 -19.40 51.05
C PRO G 57 -46.50 -20.29 50.96
N ASN G 58 -45.32 -19.66 50.87
CA ASN G 58 -44.06 -20.39 50.76
C ASN G 58 -42.89 -19.40 50.77
N LEU G 59 -41.71 -19.91 51.03
CA LEU G 59 -40.50 -19.11 51.03
C LEU G 59 -39.68 -19.50 49.81
N PRO G 60 -39.13 -18.51 49.10
CA PRO G 60 -39.24 -17.08 49.39
C PRO G 60 -40.48 -16.46 48.74
N TYR G 61 -40.74 -15.20 49.08
CA TYR G 61 -41.87 -14.49 48.54
C TYR G 61 -41.55 -12.99 48.54
N LEU G 62 -42.12 -12.26 47.59
CA LEU G 62 -41.86 -10.82 47.46
C LEU G 62 -43.11 -9.95 47.47
N ILE G 63 -43.09 -8.95 48.36
CA ILE G 63 -44.20 -8.01 48.49
C ILE G 63 -43.81 -6.65 47.90
N ASP G 64 -44.13 -6.42 46.66
CA ASP G 64 -43.87 -5.16 46.01
C ASP G 64 -45.06 -4.28 46.35
N GLY G 65 -45.18 -3.90 47.61
CA GLY G 65 -46.28 -3.06 48.04
C GLY G 65 -47.61 -3.80 47.90
N ALA G 66 -48.17 -3.78 46.69
CA ALA G 66 -49.44 -4.45 46.40
C ALA G 66 -49.27 -5.79 45.68
N HIS G 67 -48.04 -6.21 45.46
CA HIS G 67 -47.77 -7.47 44.78
C HIS G 67 -47.07 -8.45 45.70
N LYS G 68 -47.55 -9.67 45.73
CA LYS G 68 -46.97 -10.72 46.59
C LYS G 68 -46.59 -11.94 45.76
N ILE G 69 -45.44 -11.86 45.11
CA ILE G 69 -44.96 -12.91 44.22
C ILE G 69 -44.46 -14.16 44.94
N THR G 70 -45.01 -15.31 44.41
CA THR G 70 -44.60 -16.55 45.04
C THR G 70 -43.70 -17.25 44.03
N GLN G 71 -42.78 -18.08 44.51
CA GLN G 71 -41.84 -18.84 43.68
C GLN G 71 -40.62 -18.06 43.22
N SER G 72 -39.45 -18.54 43.62
CA SER G 72 -38.16 -17.93 43.31
C SER G 72 -38.02 -17.40 41.88
N ASN G 73 -37.94 -18.27 41.00
CA ASN G 73 -37.81 -17.83 39.61
C ASN G 73 -38.88 -16.81 39.23
N ALA G 74 -40.12 -17.06 39.62
CA ALA G 74 -41.25 -16.16 39.33
C ALA G 74 -40.96 -14.75 39.84
N ILE G 75 -40.31 -14.66 40.99
CA ILE G 75 -39.94 -13.38 41.56
C ILE G 75 -38.86 -12.79 40.67
N LEU G 76 -37.95 -13.65 40.19
CA LEU G 76 -36.87 -13.21 39.32
C LEU G 76 -37.43 -12.57 38.05
N CYS G 77 -38.26 -13.32 37.33
CA CYS G 77 -38.88 -12.81 36.11
C CYS G 77 -39.48 -11.43 36.38
N TYR G 78 -40.31 -11.34 37.42
CA TYR G 78 -40.99 -10.12 37.81
C TYR G 78 -40.11 -8.88 37.95
N ILE G 79 -38.97 -9.01 38.63
CA ILE G 79 -38.06 -7.89 38.80
C ILE G 79 -37.45 -7.59 37.45
N ALA G 80 -37.08 -8.65 36.74
CA ALA G 80 -36.49 -8.54 35.41
C ALA G 80 -37.30 -7.65 34.48
N ARG G 81 -38.61 -7.88 34.40
CA ARG G 81 -39.47 -7.08 33.53
C ARG G 81 -39.32 -5.57 33.80
N LYS G 82 -39.21 -5.20 35.05
CA LYS G 82 -39.06 -3.80 35.47
C LYS G 82 -37.68 -3.18 35.17
N HIS G 83 -36.74 -3.98 34.70
CA HIS G 83 -35.42 -3.51 34.36
C HIS G 83 -34.98 -4.13 33.03
N ASN G 84 -35.91 -4.80 32.35
CA ASN G 84 -35.69 -5.47 31.09
C ASN G 84 -34.46 -6.35 30.97
N LEU G 85 -34.16 -7.06 32.06
CA LEU G 85 -33.04 -7.99 32.14
C LEU G 85 -33.50 -9.32 31.54
N CYS G 86 -34.46 -9.30 30.64
CA CYS G 86 -35.03 -10.50 30.05
C CYS G 86 -34.72 -10.64 28.55
N GLY G 87 -35.18 -11.74 27.95
CA GLY G 87 -34.94 -11.97 26.54
C GLY G 87 -35.55 -10.90 25.66
N GLU G 88 -34.79 -10.48 24.65
CA GLU G 88 -35.25 -9.45 23.71
C GLU G 88 -35.71 -10.09 22.42
N THR G 89 -34.83 -10.87 21.82
CA THR G 89 -35.15 -11.57 20.58
C THR G 89 -35.65 -12.94 20.96
N GLU G 90 -36.49 -13.57 20.14
CA GLU G 90 -37.00 -14.91 20.44
C GLU G 90 -35.82 -15.86 20.61
N GLU G 91 -34.73 -15.54 19.94
CA GLU G 91 -33.50 -16.32 20.03
C GLU G 91 -33.04 -16.24 21.49
N GLU G 92 -32.84 -15.02 21.96
CA GLU G 92 -32.41 -14.79 23.33
C GLU G 92 -33.41 -15.33 24.35
N LYS G 93 -34.70 -15.25 24.03
CA LYS G 93 -35.75 -15.75 24.91
C LYS G 93 -35.56 -17.23 25.21
N ILE G 94 -35.18 -17.98 24.19
CA ILE G 94 -34.94 -19.40 24.33
C ILE G 94 -33.72 -19.71 25.21
N ARG G 95 -32.75 -18.80 25.23
CA ARG G 95 -31.56 -19.01 26.05
C ARG G 95 -31.90 -18.65 27.50
N VAL G 96 -32.84 -17.73 27.66
CA VAL G 96 -33.28 -17.32 28.98
C VAL G 96 -34.05 -18.47 29.62
N ASP G 97 -34.86 -19.15 28.81
CA ASP G 97 -35.64 -20.28 29.31
C ASP G 97 -34.77 -21.42 29.77
N ILE G 98 -34.04 -22.01 28.84
CA ILE G 98 -33.17 -23.13 29.15
C ILE G 98 -32.29 -22.88 30.37
N LEU G 99 -31.52 -21.81 30.35
CA LEU G 99 -30.65 -21.52 31.48
C LEU G 99 -31.41 -21.30 32.77
N GLU G 100 -32.69 -20.99 32.69
CA GLU G 100 -33.46 -20.81 33.90
C GLU G 100 -33.81 -22.21 34.43
N ASN G 101 -34.59 -22.95 33.64
CA ASN G 101 -35.02 -24.30 33.98
C ASN G 101 -33.88 -25.30 34.19
N GLN G 102 -32.70 -25.01 33.68
CA GLN G 102 -31.57 -25.90 33.80
C GLN G 102 -30.74 -25.61 35.05
N ALA G 103 -30.50 -24.32 35.32
CA ALA G 103 -29.72 -23.92 36.49
C ALA G 103 -30.43 -24.36 37.76
N MET G 104 -31.73 -24.11 37.82
CA MET G 104 -32.51 -24.51 38.98
C MET G 104 -32.50 -26.03 39.08
N ASP G 105 -32.48 -26.68 37.93
CA ASP G 105 -32.45 -28.15 37.84
C ASP G 105 -31.21 -28.75 38.53
N VAL G 106 -30.09 -28.06 38.45
CA VAL G 106 -28.88 -28.54 39.09
C VAL G 106 -28.89 -28.19 40.58
N SER G 107 -29.58 -27.10 40.91
CA SER G 107 -29.70 -26.63 42.29
C SER G 107 -30.42 -27.70 43.11
N ASN G 108 -31.48 -28.23 42.56
CA ASN G 108 -32.27 -29.29 43.22
C ASN G 108 -31.44 -30.54 43.24
N GLN G 109 -30.77 -30.84 42.12
CA GLN G 109 -29.93 -32.03 42.05
C GLN G 109 -28.88 -32.00 43.15
N LEU G 110 -28.37 -30.81 43.46
CA LEU G 110 -27.38 -30.66 44.53
C LEU G 110 -28.08 -30.61 45.89
N ALA G 111 -29.22 -29.90 45.94
CA ALA G 111 -29.99 -29.76 47.16
C ALA G 111 -30.55 -31.08 47.65
N ARG G 112 -30.88 -31.95 46.70
CA ARG G 112 -31.44 -33.26 46.98
C ARG G 112 -30.46 -34.19 47.67
N VAL G 113 -29.25 -34.28 47.13
CA VAL G 113 -28.22 -35.14 47.70
C VAL G 113 -27.64 -34.55 48.98
N CYS G 114 -27.59 -33.22 49.06
CA CYS G 114 -27.07 -32.54 50.22
C CYS G 114 -27.98 -32.70 51.43
N TYR G 115 -29.30 -32.69 51.21
CA TYR G 115 -30.26 -32.84 52.29
C TYR G 115 -30.35 -34.30 52.73
N SER G 116 -30.29 -35.20 51.78
CA SER G 116 -30.37 -36.62 52.05
C SER G 116 -29.34 -37.10 53.05
N PRO G 117 -29.77 -37.95 54.00
CA PRO G 117 -28.94 -38.53 55.06
C PRO G 117 -27.73 -39.25 54.50
N ASP G 118 -27.92 -39.92 53.38
CA ASP G 118 -26.84 -40.66 52.74
C ASP G 118 -25.84 -39.78 51.97
N PHE G 119 -25.68 -38.54 52.43
CA PHE G 119 -24.78 -37.55 51.84
C PHE G 119 -23.46 -38.15 51.37
N GLU G 120 -22.62 -38.58 52.30
CA GLU G 120 -21.31 -39.16 51.97
C GLU G 120 -21.38 -40.21 50.86
N LYS G 121 -22.39 -41.07 50.90
CA LYS G 121 -22.56 -42.12 49.90
C LYS G 121 -23.01 -41.55 48.56
N LEU G 122 -23.87 -40.54 48.61
CA LEU G 122 -24.40 -39.91 47.41
C LEU G 122 -23.41 -38.96 46.75
N LYS G 123 -22.44 -38.51 47.53
CA LYS G 123 -21.44 -37.58 47.01
C LYS G 123 -20.63 -38.12 45.84
N PRO G 124 -19.98 -39.29 46.00
CA PRO G 124 -19.18 -39.86 44.91
C PRO G 124 -19.90 -39.96 43.57
N GLU G 125 -21.21 -40.15 43.61
CA GLU G 125 -21.99 -40.22 42.39
C GLU G 125 -21.91 -38.86 41.70
N TYR G 126 -22.29 -37.83 42.46
CA TYR G 126 -22.31 -36.47 41.94
C TYR G 126 -20.93 -36.02 41.46
N LEU G 127 -19.89 -36.39 42.20
CA LEU G 127 -18.52 -36.02 41.87
C LEU G 127 -18.06 -36.44 40.48
N GLU G 128 -18.15 -37.72 40.16
CA GLU G 128 -17.71 -38.21 38.85
C GLU G 128 -18.57 -37.69 37.70
N GLU G 129 -19.80 -37.30 38.01
CA GLU G 129 -20.74 -36.77 37.03
C GLU G 129 -20.64 -35.25 36.90
N LEU G 130 -20.20 -34.59 37.95
CA LEU G 130 -20.06 -33.12 37.97
C LEU G 130 -19.28 -32.50 36.80
N PRO G 131 -18.08 -33.06 36.49
CA PRO G 131 -17.30 -32.49 35.39
C PRO G 131 -18.00 -32.46 34.03
N THR G 132 -18.61 -33.58 33.60
CA THR G 132 -19.28 -33.59 32.30
C THR G 132 -20.48 -32.67 32.35
N MET G 133 -21.03 -32.53 33.54
CA MET G 133 -22.19 -31.68 33.80
C MET G 133 -21.82 -30.23 33.48
N MET G 134 -20.67 -29.80 34.01
CA MET G 134 -20.15 -28.44 33.82
C MET G 134 -19.74 -28.15 32.40
N GLN G 135 -19.20 -29.16 31.73
CA GLN G 135 -18.75 -29.04 30.35
C GLN G 135 -19.87 -28.43 29.53
N HIS G 136 -21.09 -28.85 29.80
CA HIS G 136 -22.26 -28.35 29.10
C HIS G 136 -22.46 -26.85 29.31
N PHE G 137 -22.36 -26.39 30.54
CA PHE G 137 -22.53 -24.97 30.82
C PHE G 137 -21.57 -24.10 30.00
N SER G 138 -20.29 -24.50 29.97
CA SER G 138 -19.29 -23.75 29.22
C SER G 138 -19.68 -23.67 27.75
N GLN G 139 -20.17 -24.77 27.20
CA GLN G 139 -20.59 -24.85 25.80
C GLN G 139 -21.67 -23.81 25.47
N PHE G 140 -22.58 -23.61 26.41
CA PHE G 140 -23.68 -22.67 26.28
C PHE G 140 -23.14 -21.24 26.21
N LEU G 141 -22.18 -20.94 27.09
CA LEU G 141 -21.56 -19.61 27.16
C LEU G 141 -20.66 -19.42 25.93
N GLY G 142 -19.65 -20.27 25.83
CA GLY G 142 -18.72 -20.24 24.71
C GLY G 142 -18.12 -18.92 24.29
N LYS G 143 -18.79 -18.23 23.36
CA LYS G 143 -18.30 -16.96 22.86
C LYS G 143 -18.86 -15.77 23.62
N ARG G 144 -20.12 -15.86 24.03
CA ARG G 144 -20.79 -14.77 24.72
C ARG G 144 -20.24 -14.48 26.12
N PRO G 145 -20.12 -13.19 26.46
CA PRO G 145 -19.61 -12.83 27.78
C PRO G 145 -20.70 -13.13 28.81
N TRP G 146 -21.94 -13.20 28.34
CA TRP G 146 -23.09 -13.50 29.20
C TRP G 146 -23.87 -14.64 28.54
N PHE G 147 -24.31 -15.61 29.33
CA PHE G 147 -25.05 -16.81 28.84
C PHE G 147 -26.03 -16.57 27.73
N VAL G 148 -26.77 -15.46 27.83
CA VAL G 148 -27.74 -15.12 26.82
C VAL G 148 -27.03 -14.52 25.62
N GLY G 149 -26.00 -13.71 25.84
CA GLY G 149 -25.26 -13.09 24.75
C GLY G 149 -24.39 -11.92 25.11
N ASP G 150 -24.61 -10.80 24.40
CA ASP G 150 -23.86 -9.58 24.62
C ASP G 150 -24.45 -8.68 25.70
N LYS G 151 -25.60 -9.06 26.23
CA LYS G 151 -26.25 -8.29 27.30
C LYS G 151 -26.45 -9.17 28.52
N ILE G 152 -26.53 -8.53 29.69
CA ILE G 152 -26.70 -9.23 30.95
C ILE G 152 -28.18 -9.43 31.24
N THR G 153 -28.53 -10.62 31.69
CA THR G 153 -29.91 -10.96 32.03
C THR G 153 -29.97 -11.55 33.44
N PHE G 154 -31.18 -11.80 33.96
CA PHE G 154 -31.30 -12.38 35.30
C PHE G 154 -30.69 -13.78 35.34
N VAL G 155 -30.81 -14.50 34.24
CA VAL G 155 -30.28 -15.85 34.13
C VAL G 155 -28.77 -15.86 34.41
N ASP G 156 -28.14 -14.69 34.34
CA ASP G 156 -26.72 -14.55 34.63
C ASP G 156 -26.51 -14.55 36.14
N PHE G 157 -27.46 -13.96 36.87
CA PHE G 157 -27.39 -13.89 38.32
C PHE G 157 -27.56 -15.31 38.85
N LEU G 158 -28.52 -16.02 38.25
CA LEU G 158 -28.82 -17.39 38.60
C LEU G 158 -27.57 -18.26 38.37
N ALA G 159 -27.04 -18.21 37.16
CA ALA G 159 -25.87 -18.97 36.76
C ALA G 159 -24.71 -18.82 37.72
N TYR G 160 -24.41 -17.58 38.11
CA TYR G 160 -23.32 -17.31 39.04
C TYR G 160 -23.59 -17.98 40.39
N ASP G 161 -24.86 -18.03 40.79
CA ASP G 161 -25.23 -18.67 42.06
C ASP G 161 -24.96 -20.16 41.95
N VAL G 162 -25.35 -20.76 40.85
CA VAL G 162 -25.13 -22.18 40.60
C VAL G 162 -23.63 -22.52 40.65
N LEU G 163 -22.83 -21.65 40.05
CA LEU G 163 -21.37 -21.86 40.02
C LEU G 163 -20.72 -21.54 41.37
N ASP G 164 -21.32 -20.64 42.13
CA ASP G 164 -20.77 -20.24 43.44
C ASP G 164 -20.69 -21.43 44.39
N LEU G 165 -21.84 -21.99 44.75
CA LEU G 165 -21.87 -23.13 45.67
C LEU G 165 -21.09 -24.34 45.17
N HIS G 166 -20.99 -24.50 43.85
CA HIS G 166 -20.26 -25.63 43.30
C HIS G 166 -18.76 -25.51 43.46
N ARG G 167 -18.24 -24.31 43.42
CA ARG G 167 -16.82 -24.12 43.57
C ARG G 167 -16.39 -24.18 45.02
N ILE G 168 -17.34 -24.09 45.94
CA ILE G 168 -17.02 -24.21 47.36
C ILE G 168 -17.12 -25.71 47.68
N PHE G 169 -18.03 -26.37 46.96
CA PHE G 169 -18.26 -27.81 47.10
C PHE G 169 -16.98 -28.49 46.59
N GLU G 170 -16.74 -28.34 45.30
CA GLU G 170 -15.59 -28.92 44.63
C GLU G 170 -14.90 -27.80 43.86
N PRO G 171 -13.97 -27.06 44.51
CA PRO G 171 -13.21 -25.96 43.92
C PRO G 171 -12.50 -26.23 42.60
N ASN G 172 -12.24 -27.49 42.30
CA ASN G 172 -11.55 -27.87 41.08
C ASN G 172 -12.44 -28.13 39.87
N CYS G 173 -13.76 -28.08 40.06
CA CYS G 173 -14.71 -28.33 38.99
C CYS G 173 -14.63 -27.31 37.85
N LEU G 174 -14.76 -26.04 38.19
CA LEU G 174 -14.71 -24.97 37.19
C LEU G 174 -13.32 -24.80 36.60
N ASP G 175 -12.32 -25.32 37.31
CA ASP G 175 -10.93 -25.22 36.88
C ASP G 175 -10.65 -25.81 35.49
N ALA G 176 -11.45 -26.78 35.09
CA ALA G 176 -11.26 -27.39 33.77
C ALA G 176 -11.94 -26.58 32.67
N PHE G 177 -12.80 -25.64 33.06
CA PHE G 177 -13.52 -24.82 32.09
C PHE G 177 -13.28 -23.34 32.33
N PRO G 178 -12.12 -22.83 31.86
CA PRO G 178 -11.71 -21.42 32.00
C PRO G 178 -12.79 -20.40 31.67
N ASN G 179 -13.67 -20.73 30.74
CA ASN G 179 -14.74 -19.83 30.34
C ASN G 179 -15.66 -19.52 31.52
N LEU G 180 -15.93 -20.55 32.31
CA LEU G 180 -16.78 -20.41 33.49
C LEU G 180 -16.04 -19.62 34.55
N LYS G 181 -14.73 -19.85 34.64
CA LYS G 181 -13.89 -19.17 35.62
C LYS G 181 -13.96 -17.65 35.45
N ASP G 182 -13.71 -17.18 34.24
CA ASP G 182 -13.75 -15.75 33.97
C ASP G 182 -15.13 -15.13 34.14
N PHE G 183 -16.18 -15.93 33.95
CA PHE G 183 -17.55 -15.46 34.13
C PHE G 183 -17.68 -15.06 35.60
N ILE G 184 -17.04 -15.84 36.47
CA ILE G 184 -17.03 -15.58 37.92
C ILE G 184 -16.34 -14.25 38.22
N SER G 185 -15.22 -14.00 37.58
CA SER G 185 -14.49 -12.75 37.78
C SER G 185 -15.30 -11.60 37.18
N ARG G 186 -16.04 -11.91 36.11
CA ARG G 186 -16.88 -10.95 35.39
C ARG G 186 -18.09 -10.49 36.18
N PHE G 187 -18.81 -11.45 36.73
CA PHE G 187 -20.00 -11.16 37.52
C PHE G 187 -19.65 -10.39 38.79
N GLU G 188 -18.56 -10.77 39.43
CA GLU G 188 -18.11 -10.12 40.66
C GLU G 188 -17.43 -8.79 40.36
N GLY G 189 -17.22 -8.51 39.08
CA GLY G 189 -16.55 -7.29 38.67
C GLY G 189 -17.45 -6.07 38.57
N LEU G 190 -18.74 -6.29 38.34
CA LEU G 190 -19.68 -5.17 38.23
C LEU G 190 -19.62 -4.38 39.51
N GLU G 191 -19.39 -3.07 39.40
CA GLU G 191 -19.29 -2.18 40.55
C GLU G 191 -20.42 -2.40 41.54
N LYS G 192 -21.65 -2.40 41.05
CA LYS G 192 -22.81 -2.59 41.93
C LYS G 192 -22.76 -3.93 42.66
N ILE G 193 -22.29 -4.97 41.97
CA ILE G 193 -22.19 -6.30 42.56
C ILE G 193 -21.07 -6.37 43.61
N SER G 194 -19.87 -5.93 43.26
CA SER G 194 -18.73 -5.97 44.18
C SER G 194 -18.98 -5.12 45.41
N ALA G 195 -19.64 -3.97 45.22
CA ALA G 195 -19.95 -3.08 46.33
C ALA G 195 -20.79 -3.84 47.37
N TYR G 196 -21.94 -4.36 46.93
CA TYR G 196 -22.81 -5.11 47.83
C TYR G 196 -22.13 -6.33 48.42
N MET G 197 -21.32 -7.01 47.63
CA MET G 197 -20.64 -8.19 48.13
C MET G 197 -19.68 -7.90 49.28
N LYS G 198 -19.30 -6.64 49.46
CA LYS G 198 -18.42 -6.27 50.58
C LYS G 198 -19.20 -5.41 51.60
N SER G 199 -20.52 -5.55 51.57
CA SER G 199 -21.44 -4.83 52.44
C SER G 199 -21.95 -5.70 53.59
N SER G 200 -22.55 -5.06 54.59
CA SER G 200 -23.08 -5.75 55.75
C SER G 200 -24.33 -6.60 55.49
N ARG G 201 -24.92 -6.46 54.31
CA ARG G 201 -26.12 -7.23 53.96
C ARG G 201 -25.79 -8.51 53.22
N PHE G 202 -24.61 -8.57 52.63
CA PHE G 202 -24.21 -9.73 51.86
C PHE G 202 -24.07 -10.98 52.71
N LEU G 203 -24.88 -11.99 52.40
CA LEU G 203 -24.83 -13.25 53.13
C LEU G 203 -24.41 -14.34 52.15
N PRO G 204 -23.11 -14.67 52.17
CA PRO G 204 -22.50 -15.69 51.31
C PRO G 204 -22.70 -17.10 51.84
N LYS G 205 -22.80 -17.19 53.16
CA LYS G 205 -22.96 -18.43 53.88
C LYS G 205 -23.42 -17.97 55.26
N PRO G 206 -24.41 -18.67 55.88
CA PRO G 206 -25.23 -19.84 55.57
C PRO G 206 -25.51 -20.27 54.12
N LEU G 207 -25.12 -21.51 53.83
CA LEU G 207 -25.30 -22.09 52.50
C LEU G 207 -26.68 -22.70 52.50
N TYR G 208 -26.80 -23.83 53.19
CA TYR G 208 -28.05 -24.56 53.30
C TYR G 208 -28.63 -24.33 54.69
N THR G 209 -29.86 -24.79 54.91
CA THR G 209 -30.52 -24.63 56.20
C THR G 209 -29.86 -25.50 57.27
N ARG G 210 -30.18 -25.22 58.52
CA ARG G 210 -29.62 -25.95 59.65
C ARG G 210 -29.93 -27.45 59.64
N VAL G 211 -30.97 -27.84 58.89
CA VAL G 211 -31.39 -29.24 58.80
C VAL G 211 -30.61 -30.04 57.75
N ALA G 212 -29.75 -29.35 56.99
CA ALA G 212 -28.96 -30.00 55.94
C ALA G 212 -27.79 -30.81 56.48
N VAL G 213 -27.41 -31.85 55.75
CA VAL G 213 -26.29 -32.68 56.16
C VAL G 213 -25.04 -31.91 55.77
N TRP G 214 -25.07 -31.33 54.59
CA TRP G 214 -23.95 -30.57 54.07
C TRP G 214 -24.12 -29.05 54.15
N GLY G 215 -23.04 -28.38 54.51
CA GLY G 215 -23.03 -26.93 54.57
C GLY G 215 -24.09 -26.19 55.36
N ASN G 216 -23.89 -26.09 56.67
CA ASN G 216 -24.80 -25.37 57.55
C ASN G 216 -24.11 -25.00 58.84
N LYS G 217 -24.48 -23.87 59.38
CA LYS G 217 -23.98 -23.34 60.66
C LYS G 217 -24.61 -21.98 60.94
N SER H 1 -42.51 -29.96 10.10
CA SER H 1 -42.95 -30.39 11.46
C SER H 1 -41.78 -30.43 12.45
N MET H 2 -42.10 -30.26 13.73
CA MET H 2 -41.12 -30.30 14.82
C MET H 2 -41.33 -31.63 15.50
N THR H 3 -40.30 -32.24 16.04
CA THR H 3 -40.45 -33.55 16.67
C THR H 3 -40.36 -33.54 18.20
N LEU H 4 -41.23 -34.29 18.87
CA LEU H 4 -41.25 -34.38 20.33
C LEU H 4 -40.67 -35.70 20.83
N GLY H 5 -39.57 -35.61 21.57
CA GLY H 5 -38.92 -36.80 22.08
C GLY H 5 -39.05 -36.98 23.57
N TYR H 6 -39.39 -38.21 23.96
CA TYR H 6 -39.57 -38.60 25.35
C TYR H 6 -39.76 -40.12 25.36
N TRP H 7 -39.86 -40.71 26.54
CA TRP H 7 -40.07 -42.14 26.65
C TRP H 7 -41.50 -42.40 26.18
N ASP H 8 -41.93 -43.66 26.17
CA ASP H 8 -43.29 -44.01 25.78
C ASP H 8 -44.26 -43.86 26.96
N ILE H 9 -43.81 -43.11 27.95
CA ILE H 9 -44.57 -42.86 29.17
C ILE H 9 -45.24 -41.50 29.10
N ARG H 10 -46.33 -41.35 29.82
CA ARG H 10 -47.08 -40.08 29.87
C ARG H 10 -46.13 -38.99 30.38
N GLY H 11 -45.64 -39.19 31.61
CA GLY H 11 -44.70 -38.28 32.24
C GLY H 11 -44.81 -36.77 32.12
N LEU H 12 -43.66 -36.13 32.03
CA LEU H 12 -43.57 -34.67 31.93
C LEU H 12 -44.01 -34.15 30.58
N ALA H 13 -43.83 -34.98 29.55
CA ALA H 13 -44.19 -34.62 28.19
C ALA H 13 -45.68 -34.47 27.93
N HIS H 14 -46.52 -34.99 28.81
CA HIS H 14 -47.96 -34.93 28.64
C HIS H 14 -48.49 -33.49 28.51
N ALA H 15 -47.94 -32.57 29.29
CA ALA H 15 -48.36 -31.17 29.25
C ALA H 15 -48.02 -30.56 27.88
N ILE H 16 -46.90 -31.01 27.34
CA ILE H 16 -46.39 -30.56 26.05
C ILE H 16 -47.31 -31.01 24.91
N ARG H 17 -47.55 -32.30 24.85
CA ARG H 17 -48.37 -32.95 23.85
C ARG H 17 -49.74 -32.30 23.76
N LEU H 18 -50.36 -32.07 24.93
CA LEU H 18 -51.69 -31.47 24.99
C LEU H 18 -51.71 -30.06 24.40
N LEU H 19 -50.63 -29.32 24.61
CA LEU H 19 -50.54 -27.97 24.07
C LEU H 19 -50.50 -28.08 22.55
N LEU H 20 -49.58 -28.90 22.05
CA LEU H 20 -49.38 -29.12 20.62
C LEU H 20 -50.65 -29.47 19.85
N GLU H 21 -51.43 -30.42 20.38
CA GLU H 21 -52.66 -30.84 19.72
C GLU H 21 -53.69 -29.70 19.66
N TYR H 22 -53.69 -28.86 20.69
CA TYR H 22 -54.61 -27.74 20.77
C TYR H 22 -54.21 -26.62 19.79
N THR H 23 -52.92 -26.33 19.73
CA THR H 23 -52.45 -25.28 18.84
C THR H 23 -52.24 -25.79 17.41
N ASP H 24 -52.72 -26.99 17.11
CA ASP H 24 -52.58 -27.62 15.79
C ASP H 24 -51.17 -27.99 15.38
N SER H 25 -50.18 -27.29 15.91
CA SER H 25 -48.78 -27.51 15.59
C SER H 25 -48.44 -28.91 15.07
N SER H 26 -48.03 -28.95 13.81
CA SER H 26 -47.67 -30.22 13.17
C SER H 26 -46.39 -30.77 13.82
N TYR H 27 -46.57 -31.77 14.65
CA TYR H 27 -45.45 -32.38 15.36
C TYR H 27 -45.34 -33.84 15.02
N GLU H 28 -44.17 -34.41 15.27
CA GLU H 28 -43.91 -35.82 15.04
C GLU H 28 -43.48 -36.38 16.39
N GLU H 29 -43.92 -37.60 16.71
CA GLU H 29 -43.58 -38.19 18.00
C GLU H 29 -42.38 -39.13 17.96
N LYS H 30 -41.34 -38.77 18.69
CA LYS H 30 -40.13 -39.57 18.78
C LYS H 30 -40.15 -40.20 20.16
N LYS H 31 -40.76 -41.38 20.28
CA LYS H 31 -40.82 -42.05 21.57
C LYS H 31 -40.00 -43.32 21.63
N TYR H 32 -39.42 -43.55 22.79
CA TYR H 32 -38.57 -44.72 23.01
C TYR H 32 -39.12 -45.60 24.12
N THR H 33 -38.48 -46.74 24.34
CA THR H 33 -38.91 -47.67 25.39
C THR H 33 -37.73 -48.06 26.26
N MET H 34 -37.99 -48.27 27.55
CA MET H 34 -36.96 -48.64 28.52
C MET H 34 -37.08 -50.13 28.84
N GLY H 35 -35.95 -50.79 29.02
CA GLY H 35 -35.95 -52.21 29.33
C GLY H 35 -36.30 -52.46 30.78
N ASP H 36 -37.03 -53.52 31.06
CA ASP H 36 -37.42 -53.85 32.43
C ASP H 36 -36.25 -54.58 33.11
N ALA H 37 -36.54 -55.72 33.73
CA ALA H 37 -35.51 -56.51 34.41
C ALA H 37 -34.92 -55.65 35.54
N PRO H 38 -33.75 -56.01 36.07
CA PRO H 38 -33.22 -55.17 37.15
C PRO H 38 -32.54 -53.87 36.70
N ASP H 39 -31.61 -54.01 35.75
CA ASP H 39 -30.86 -52.86 35.24
C ASP H 39 -31.60 -52.26 34.06
N TYR H 40 -32.68 -51.51 34.36
CA TYR H 40 -33.50 -50.90 33.32
C TYR H 40 -32.65 -50.16 32.30
N ASP H 41 -32.44 -50.83 31.17
CA ASP H 41 -31.66 -50.33 30.08
C ASP H 41 -32.34 -49.13 29.43
N ARG H 42 -31.67 -47.99 29.51
CA ARG H 42 -32.20 -46.77 28.94
C ARG H 42 -31.47 -46.53 27.63
N SER H 43 -30.53 -47.40 27.31
CA SER H 43 -29.70 -47.30 26.10
C SER H 43 -30.39 -46.75 24.84
N GLN H 44 -31.60 -47.23 24.56
CA GLN H 44 -32.35 -46.78 23.38
C GLN H 44 -32.16 -45.27 23.17
N TRP H 45 -32.62 -44.49 24.13
CA TRP H 45 -32.47 -43.03 24.07
C TRP H 45 -30.99 -42.65 24.05
N LEU H 46 -30.18 -43.29 24.89
CA LEU H 46 -28.74 -43.00 24.98
C LEU H 46 -28.01 -43.08 23.63
N ASN H 47 -28.64 -43.75 22.66
CA ASN H 47 -28.06 -43.89 21.32
C ASN H 47 -28.22 -42.62 20.51
N GLU H 48 -29.16 -41.78 20.89
CA GLU H 48 -29.39 -40.52 20.20
C GLU H 48 -29.21 -39.30 21.10
N LYS H 49 -28.71 -39.51 22.32
CA LYS H 49 -28.50 -38.42 23.27
C LYS H 49 -27.43 -37.42 22.83
N PHE H 50 -26.17 -37.82 22.93
CA PHE H 50 -25.09 -36.91 22.56
C PHE H 50 -25.09 -36.51 21.09
N LYS H 51 -25.58 -37.38 20.22
CA LYS H 51 -25.57 -37.09 18.79
C LYS H 51 -26.74 -36.29 18.24
N LEU H 52 -27.35 -35.46 19.08
CA LEU H 52 -28.49 -34.66 18.64
C LEU H 52 -28.27 -33.14 18.65
N GLY H 53 -27.09 -32.71 19.07
CA GLY H 53 -26.79 -31.29 19.11
C GLY H 53 -27.57 -30.43 20.10
N LEU H 54 -28.05 -31.03 21.18
CA LEU H 54 -28.78 -30.30 22.20
C LEU H 54 -27.74 -29.68 23.13
N ASP H 55 -28.04 -28.49 23.65
CA ASP H 55 -27.09 -27.81 24.56
C ASP H 55 -26.94 -28.57 25.88
N PHE H 56 -28.07 -28.99 26.42
CA PHE H 56 -28.11 -29.74 27.67
C PHE H 56 -28.93 -30.99 27.41
N PRO H 57 -28.28 -32.08 26.95
CA PRO H 57 -28.92 -33.35 26.66
C PRO H 57 -29.88 -33.75 27.78
N ASN H 58 -31.15 -33.90 27.44
CA ASN H 58 -32.17 -34.24 28.42
C ASN H 58 -33.50 -34.54 27.72
N LEU H 59 -34.39 -35.18 28.46
CA LEU H 59 -35.73 -35.53 27.97
C LEU H 59 -36.72 -34.78 28.87
N PRO H 60 -37.80 -34.23 28.28
CA PRO H 60 -38.13 -34.24 26.85
C PRO H 60 -37.42 -33.13 26.08
N TYR H 61 -37.44 -33.22 24.75
CA TYR H 61 -36.79 -32.22 23.89
C TYR H 61 -37.59 -32.04 22.61
N LEU H 62 -37.68 -30.80 22.15
CA LEU H 62 -38.42 -30.48 20.94
C LEU H 62 -37.49 -29.86 19.91
N ILE H 63 -37.40 -30.47 18.75
CA ILE H 63 -36.56 -29.95 17.68
C ILE H 63 -37.46 -29.29 16.65
N ASP H 64 -37.34 -27.97 16.52
CA ASP H 64 -38.12 -27.21 15.54
C ASP H 64 -37.16 -26.68 14.50
N GLY H 65 -36.70 -27.58 13.64
CA GLY H 65 -35.77 -27.19 12.60
C GLY H 65 -34.41 -26.84 13.17
N ALA H 66 -34.14 -25.55 13.31
CA ALA H 66 -32.86 -25.10 13.85
C ALA H 66 -32.91 -25.00 15.36
N HIS H 67 -34.11 -24.80 15.90
CA HIS H 67 -34.30 -24.68 17.34
C HIS H 67 -34.32 -26.05 18.00
N LYS H 68 -33.42 -26.23 18.96
CA LYS H 68 -33.30 -27.47 19.73
C LYS H 68 -33.37 -27.06 21.18
N ILE H 69 -34.52 -27.31 21.80
CA ILE H 69 -34.73 -26.92 23.18
C ILE H 69 -34.97 -28.13 24.09
N THR H 70 -34.54 -28.01 25.34
CA THR H 70 -34.69 -29.05 26.36
C THR H 70 -35.26 -28.44 27.64
N GLN H 71 -35.93 -29.27 28.46
CA GLN H 71 -36.56 -28.87 29.72
C GLN H 71 -38.01 -28.44 29.48
N SER H 72 -38.94 -29.26 29.96
CA SER H 72 -40.38 -29.09 29.83
C SER H 72 -41.01 -27.69 29.74
N ASN H 73 -40.74 -26.82 30.70
CA ASN H 73 -41.30 -25.46 30.67
C ASN H 73 -40.81 -24.65 29.48
N ALA H 74 -39.58 -24.92 29.05
CA ALA H 74 -39.01 -24.22 27.91
C ALA H 74 -39.82 -24.56 26.66
N ILE H 75 -39.95 -25.84 26.36
CA ILE H 75 -40.71 -26.30 25.21
C ILE H 75 -42.14 -25.71 25.25
N LEU H 76 -42.77 -25.78 26.41
CA LEU H 76 -44.13 -25.26 26.58
C LEU H 76 -44.19 -23.76 26.27
N CYS H 77 -43.38 -22.97 26.99
CA CYS H 77 -43.35 -21.53 26.79
C CYS H 77 -43.20 -21.23 25.29
N TYR H 78 -42.22 -21.86 24.66
CA TYR H 78 -41.94 -21.70 23.22
C TYR H 78 -43.22 -21.91 22.38
N ILE H 79 -43.81 -23.08 22.50
CA ILE H 79 -45.03 -23.39 21.76
C ILE H 79 -46.14 -22.40 22.12
N ALA H 80 -46.03 -21.76 23.28
CA ALA H 80 -47.02 -20.78 23.71
C ALA H 80 -46.71 -19.44 23.10
N ARG H 81 -45.43 -19.18 22.95
CA ARG H 81 -44.93 -17.91 22.40
C ARG H 81 -45.49 -17.71 21.01
N LYS H 82 -45.33 -18.74 20.16
CA LYS H 82 -45.82 -18.70 18.79
C LYS H 82 -47.31 -18.95 18.64
N HIS H 83 -48.08 -18.59 19.65
CA HIS H 83 -49.52 -18.72 19.70
C HIS H 83 -50.09 -17.75 20.74
N ASN H 84 -49.22 -16.83 21.19
CA ASN H 84 -49.51 -15.78 22.17
C ASN H 84 -50.21 -16.25 23.46
N LEU H 85 -50.03 -17.53 23.79
CA LEU H 85 -50.63 -18.12 24.98
C LEU H 85 -49.77 -17.87 26.22
N CYS H 86 -49.50 -16.60 26.49
CA CYS H 86 -48.70 -16.14 27.62
C CYS H 86 -49.48 -15.05 28.34
N GLY H 87 -48.77 -14.26 29.15
CA GLY H 87 -49.41 -13.16 29.85
C GLY H 87 -49.23 -11.90 29.04
N GLU H 88 -50.27 -11.06 28.98
CA GLU H 88 -50.21 -9.82 28.24
C GLU H 88 -50.19 -8.59 29.15
N THR H 89 -50.77 -8.73 30.35
CA THR H 89 -50.77 -7.65 31.33
C THR H 89 -49.87 -8.05 32.48
N GLU H 90 -49.40 -7.10 33.29
CA GLU H 90 -48.50 -7.44 34.39
C GLU H 90 -49.06 -8.49 35.35
N GLU H 91 -50.32 -8.36 35.72
CA GLU H 91 -50.94 -9.33 36.62
C GLU H 91 -51.16 -10.66 35.92
N GLU H 92 -51.55 -10.59 34.66
CA GLU H 92 -51.79 -11.78 33.85
C GLU H 92 -50.48 -12.54 33.74
N LYS H 93 -49.38 -11.79 33.66
CA LYS H 93 -48.06 -12.38 33.56
C LYS H 93 -47.67 -13.02 34.89
N ILE H 94 -47.94 -12.31 35.98
CA ILE H 94 -47.61 -12.79 37.32
C ILE H 94 -48.32 -14.10 37.65
N ARG H 95 -49.58 -14.19 37.24
CA ARG H 95 -50.34 -15.41 37.48
C ARG H 95 -49.77 -16.54 36.64
N VAL H 96 -49.05 -16.16 35.59
CA VAL H 96 -48.40 -17.10 34.69
C VAL H 96 -47.10 -17.59 35.35
N ASP H 97 -46.30 -16.66 35.85
CA ASP H 97 -45.04 -16.99 36.50
C ASP H 97 -45.22 -17.89 37.71
N ILE H 98 -46.02 -17.43 38.67
CA ILE H 98 -46.27 -18.20 39.89
C ILE H 98 -46.70 -19.63 39.56
N LEU H 99 -47.86 -19.78 38.94
CA LEU H 99 -48.40 -21.07 38.57
C LEU H 99 -47.42 -21.94 37.77
N GLU H 100 -46.63 -21.33 36.89
CA GLU H 100 -45.65 -22.07 36.08
C GLU H 100 -44.67 -22.83 36.98
N ASN H 101 -44.08 -22.12 37.93
CA ASN H 101 -43.11 -22.72 38.85
C ASN H 101 -43.80 -23.52 39.95
N GLN H 102 -44.95 -23.04 40.40
CA GLN H 102 -45.71 -23.71 41.46
C GLN H 102 -46.24 -25.06 41.00
N ALA H 103 -46.99 -25.07 39.91
CA ALA H 103 -47.55 -26.31 39.39
C ALA H 103 -46.41 -27.29 39.06
N MET H 104 -45.23 -26.74 38.81
CA MET H 104 -44.07 -27.56 38.49
C MET H 104 -43.62 -28.31 39.73
N ASP H 105 -43.51 -27.62 40.86
CA ASP H 105 -43.06 -28.28 42.07
C ASP H 105 -44.00 -29.35 42.62
N VAL H 106 -45.30 -29.12 42.62
CA VAL H 106 -46.26 -30.11 43.14
C VAL H 106 -46.23 -31.47 42.42
N SER H 107 -46.04 -31.48 41.11
CA SER H 107 -45.96 -32.72 40.36
C SER H 107 -44.58 -33.32 40.61
N ASN H 108 -43.59 -32.45 40.75
CA ASN H 108 -42.20 -32.83 41.01
C ASN H 108 -42.09 -33.34 42.45
N GLN H 109 -43.05 -32.90 43.27
CA GLN H 109 -43.17 -33.23 44.69
C GLN H 109 -43.85 -34.58 44.87
N LEU H 110 -44.86 -34.84 44.05
CA LEU H 110 -45.59 -36.09 44.09
C LEU H 110 -44.65 -37.17 43.59
N ALA H 111 -44.09 -36.97 42.40
CA ALA H 111 -43.19 -37.94 41.81
C ALA H 111 -42.06 -38.36 42.76
N ARG H 112 -41.64 -37.45 43.63
CA ARG H 112 -40.58 -37.72 44.59
C ARG H 112 -40.90 -38.94 45.44
N VAL H 113 -42.15 -39.04 45.88
CA VAL H 113 -42.60 -40.17 46.70
C VAL H 113 -42.97 -41.39 45.86
N CYS H 114 -43.49 -41.18 44.66
CA CYS H 114 -43.87 -42.27 43.78
C CYS H 114 -42.68 -43.05 43.23
N TYR H 115 -41.48 -42.51 43.39
CA TYR H 115 -40.27 -43.20 42.95
C TYR H 115 -39.55 -43.72 44.19
N SER H 116 -39.94 -43.20 45.35
CA SER H 116 -39.34 -43.60 46.61
C SER H 116 -39.69 -45.03 46.98
N PRO H 117 -38.69 -45.81 47.42
CA PRO H 117 -38.92 -47.21 47.79
C PRO H 117 -39.92 -47.33 48.94
N ASP H 118 -39.83 -46.40 49.89
CA ASP H 118 -40.75 -46.40 51.03
C ASP H 118 -41.99 -45.58 50.73
N PHE H 119 -42.51 -45.78 49.54
CA PHE H 119 -43.70 -45.12 49.04
C PHE H 119 -44.79 -45.14 50.09
N GLU H 120 -45.20 -46.34 50.49
CA GLU H 120 -46.26 -46.54 51.47
C GLU H 120 -46.06 -45.84 52.81
N LYS H 121 -44.81 -45.66 53.21
CA LYS H 121 -44.54 -44.98 54.48
C LYS H 121 -44.77 -43.48 54.28
N LEU H 122 -44.55 -43.01 53.05
CA LEU H 122 -44.72 -41.60 52.73
C LEU H 122 -46.07 -41.29 52.07
N LYS H 123 -46.72 -42.33 51.57
CA LYS H 123 -48.01 -42.20 50.89
C LYS H 123 -49.03 -41.37 51.69
N PRO H 124 -49.24 -41.69 52.98
CA PRO H 124 -50.20 -40.95 53.83
C PRO H 124 -49.76 -39.57 54.30
N GLU H 125 -48.48 -39.39 54.61
CA GLU H 125 -48.01 -38.09 55.07
C GLU H 125 -48.21 -37.03 54.00
N TYR H 126 -48.01 -37.42 52.74
CA TYR H 126 -48.22 -36.50 51.62
C TYR H 126 -49.73 -36.25 51.50
N LEU H 127 -50.49 -37.34 51.57
CA LEU H 127 -51.94 -37.28 51.48
C LEU H 127 -52.55 -36.42 52.60
N GLU H 128 -51.89 -36.38 53.76
CA GLU H 128 -52.38 -35.60 54.89
C GLU H 128 -52.33 -34.09 54.68
N GLU H 129 -51.30 -33.62 54.00
CA GLU H 129 -51.14 -32.19 53.73
C GLU H 129 -51.65 -31.79 52.34
N LEU H 130 -52.00 -32.80 51.54
CA LEU H 130 -52.51 -32.60 50.19
C LEU H 130 -53.73 -31.67 50.09
N PRO H 131 -54.69 -31.77 51.03
CA PRO H 131 -55.85 -30.88 50.94
C PRO H 131 -55.53 -29.38 51.04
N THR H 132 -54.73 -28.98 52.03
CA THR H 132 -54.37 -27.57 52.19
C THR H 132 -53.63 -27.09 50.94
N MET H 133 -52.80 -27.96 50.40
CA MET H 133 -52.00 -27.75 49.20
C MET H 133 -52.89 -27.39 48.02
N MET H 134 -53.85 -28.26 47.71
CA MET H 134 -54.78 -28.04 46.61
C MET H 134 -55.81 -26.96 46.89
N GLN H 135 -56.07 -26.69 48.16
CA GLN H 135 -57.01 -25.65 48.57
C GLN H 135 -56.58 -24.35 47.90
N HIS H 136 -55.29 -24.07 48.02
CA HIS H 136 -54.67 -22.87 47.46
C HIS H 136 -54.86 -22.76 45.95
N PHE H 137 -54.97 -23.90 45.27
CA PHE H 137 -55.18 -23.86 43.83
C PHE H 137 -56.57 -23.34 43.57
N SER H 138 -57.51 -23.75 44.42
CA SER H 138 -58.89 -23.32 44.30
C SER H 138 -58.98 -21.84 44.67
N GLN H 139 -58.10 -21.43 45.55
CA GLN H 139 -58.00 -20.04 46.02
C GLN H 139 -57.47 -19.10 44.92
N PHE H 140 -56.72 -19.69 43.98
CA PHE H 140 -56.13 -18.95 42.88
C PHE H 140 -57.10 -18.87 41.71
N LEU H 141 -57.87 -19.92 41.52
CA LEU H 141 -58.85 -20.02 40.44
C LEU H 141 -60.08 -19.23 40.87
N GLY H 142 -60.97 -19.89 41.58
CA GLY H 142 -62.17 -19.24 42.08
C GLY H 142 -63.21 -18.84 41.05
N LYS H 143 -63.17 -17.58 40.65
CA LYS H 143 -64.13 -17.02 39.71
C LYS H 143 -63.78 -17.24 38.24
N ARG H 144 -62.60 -16.77 37.86
CA ARG H 144 -62.13 -16.88 36.48
C ARG H 144 -62.26 -18.31 35.93
N PRO H 145 -62.62 -18.45 34.65
CA PRO H 145 -62.79 -19.76 34.00
C PRO H 145 -61.45 -20.46 33.77
N TRP H 146 -60.40 -19.64 33.66
CA TRP H 146 -59.05 -20.13 33.45
C TRP H 146 -58.20 -19.56 34.57
N PHE H 147 -57.31 -20.36 35.11
CA PHE H 147 -56.43 -19.98 36.20
C PHE H 147 -55.92 -18.55 36.21
N VAL H 148 -55.40 -18.11 35.06
CA VAL H 148 -54.85 -16.78 34.93
C VAL H 148 -55.93 -15.72 34.75
N GLY H 149 -57.04 -16.12 34.14
CA GLY H 149 -58.13 -15.18 33.91
C GLY H 149 -59.12 -15.66 32.88
N ASP H 150 -59.59 -14.73 32.07
CA ASP H 150 -60.55 -15.03 31.03
C ASP H 150 -59.83 -15.57 29.79
N LYS H 151 -58.51 -15.50 29.83
CA LYS H 151 -57.64 -15.97 28.76
C LYS H 151 -57.12 -17.36 29.08
N ILE H 152 -57.01 -18.19 28.06
CA ILE H 152 -56.52 -19.53 28.23
C ILE H 152 -55.07 -19.58 27.77
N THR H 153 -54.16 -19.69 28.72
CA THR H 153 -52.74 -19.73 28.45
C THR H 153 -52.14 -21.15 28.58
N PHE H 154 -50.82 -21.26 28.52
CA PHE H 154 -50.16 -22.57 28.63
C PHE H 154 -50.17 -23.14 30.05
N VAL H 155 -50.34 -22.25 31.03
CA VAL H 155 -50.38 -22.66 32.40
C VAL H 155 -51.62 -23.51 32.64
N ASP H 156 -52.69 -23.21 31.92
CA ASP H 156 -53.95 -23.97 32.02
C ASP H 156 -53.69 -25.45 31.77
N PHE H 157 -52.70 -25.73 30.92
CA PHE H 157 -52.34 -27.10 30.59
C PHE H 157 -51.54 -27.74 31.73
N LEU H 158 -50.59 -27.00 32.28
CA LEU H 158 -49.79 -27.50 33.39
C LEU H 158 -50.72 -27.80 34.57
N ALA H 159 -51.53 -26.81 34.93
CA ALA H 159 -52.48 -26.95 36.03
C ALA H 159 -53.38 -28.17 35.83
N TYR H 160 -53.83 -28.41 34.60
CA TYR H 160 -54.69 -29.57 34.34
C TYR H 160 -53.94 -30.87 34.58
N ASP H 161 -52.68 -30.91 34.15
CA ASP H 161 -51.81 -32.08 34.30
C ASP H 161 -51.71 -32.46 35.77
N VAL H 162 -51.44 -31.48 36.64
CA VAL H 162 -51.32 -31.71 38.07
C VAL H 162 -52.62 -32.28 38.66
N LEU H 163 -53.75 -31.68 38.32
CA LEU H 163 -55.04 -32.13 38.82
C LEU H 163 -55.39 -33.53 38.30
N ASP H 164 -54.97 -33.82 37.07
CA ASP H 164 -55.23 -35.10 36.43
C ASP H 164 -54.47 -36.21 37.16
N LEU H 165 -53.21 -35.95 37.48
CA LEU H 165 -52.37 -36.92 38.19
C LEU H 165 -52.91 -37.17 39.60
N HIS H 166 -53.12 -36.07 40.34
CA HIS H 166 -53.63 -36.13 41.70
C HIS H 166 -54.99 -36.80 41.85
N ARG H 167 -55.91 -36.52 40.95
CA ARG H 167 -57.24 -37.13 41.03
C ARG H 167 -57.17 -38.63 40.77
N ILE H 168 -56.24 -39.05 39.93
CA ILE H 168 -56.07 -40.47 39.64
C ILE H 168 -55.30 -41.16 40.77
N PHE H 169 -54.66 -40.33 41.60
CA PHE H 169 -53.90 -40.80 42.75
C PHE H 169 -54.87 -40.90 43.92
N GLU H 170 -55.62 -39.82 44.12
CA GLU H 170 -56.59 -39.69 45.20
C GLU H 170 -57.84 -39.00 44.66
N PRO H 171 -58.77 -39.79 44.08
CA PRO H 171 -60.03 -39.31 43.49
C PRO H 171 -60.76 -38.23 44.27
N ASN H 172 -60.92 -38.44 45.57
CA ASN H 172 -61.64 -37.50 46.41
C ASN H 172 -61.04 -36.13 46.70
N CYS H 173 -59.72 -35.98 46.61
CA CYS H 173 -59.10 -34.69 46.91
C CYS H 173 -59.61 -33.56 46.03
N LEU H 174 -60.05 -33.91 44.83
CA LEU H 174 -60.58 -32.94 43.89
C LEU H 174 -62.01 -32.61 44.27
N ASP H 175 -62.73 -33.62 44.74
CA ASP H 175 -64.12 -33.49 45.14
C ASP H 175 -64.39 -32.32 46.09
N ALA H 176 -63.46 -32.08 47.02
CA ALA H 176 -63.61 -31.01 47.99
C ALA H 176 -63.62 -29.58 47.43
N PHE H 177 -63.06 -29.40 46.24
CA PHE H 177 -63.00 -28.09 45.61
C PHE H 177 -63.77 -28.05 44.30
N PRO H 178 -65.07 -27.74 44.36
CA PRO H 178 -65.98 -27.67 43.21
C PRO H 178 -65.48 -26.92 41.97
N ASN H 179 -64.91 -25.73 42.17
CA ASN H 179 -64.41 -24.93 41.05
C ASN H 179 -63.28 -25.63 40.29
N LEU H 180 -62.48 -26.43 41.00
CA LEU H 180 -61.39 -27.16 40.37
C LEU H 180 -61.99 -28.30 39.54
N LYS H 181 -63.17 -28.75 39.95
CA LYS H 181 -63.87 -29.81 39.24
C LYS H 181 -64.33 -29.25 37.90
N ASP H 182 -64.94 -28.06 37.95
CA ASP H 182 -65.43 -27.39 36.75
C ASP H 182 -64.35 -27.06 35.76
N PHE H 183 -63.17 -26.66 36.24
CA PHE H 183 -62.04 -26.34 35.37
C PHE H 183 -61.62 -27.53 34.51
N ILE H 184 -61.74 -28.74 35.06
CA ILE H 184 -61.40 -29.96 34.34
C ILE H 184 -62.51 -30.27 33.34
N SER H 185 -63.71 -29.76 33.62
CA SER H 185 -64.86 -29.96 32.75
C SER H 185 -64.68 -29.06 31.52
N ARG H 186 -64.40 -27.79 31.77
CA ARG H 186 -64.20 -26.82 30.69
C ARG H 186 -62.96 -27.22 29.88
N PHE H 187 -61.87 -27.57 30.58
CA PHE H 187 -60.65 -27.96 29.88
C PHE H 187 -60.66 -29.42 29.45
N GLU H 188 -61.65 -29.79 28.65
CA GLU H 188 -61.76 -31.15 28.15
C GLU H 188 -62.77 -31.07 27.05
N GLY H 189 -63.81 -30.27 27.28
CA GLY H 189 -64.84 -30.08 26.29
C GLY H 189 -64.29 -29.33 25.09
N LEU H 190 -63.07 -28.77 25.25
CA LEU H 190 -62.44 -28.03 24.17
C LEU H 190 -62.24 -28.87 22.92
N GLU H 191 -63.12 -28.67 21.94
CA GLU H 191 -63.14 -29.39 20.66
C GLU H 191 -61.82 -30.07 20.30
N LYS H 192 -60.76 -29.28 20.23
CA LYS H 192 -59.43 -29.77 19.89
C LYS H 192 -59.03 -30.93 20.80
N ILE H 193 -59.08 -30.71 22.11
CA ILE H 193 -58.72 -31.73 23.09
C ILE H 193 -59.64 -32.95 23.03
N SER H 194 -60.94 -32.73 22.82
CA SER H 194 -61.90 -33.82 22.74
C SER H 194 -61.47 -34.84 21.69
N ALA H 195 -61.08 -34.35 20.52
CA ALA H 195 -60.64 -35.22 19.43
C ALA H 195 -59.36 -35.96 19.82
N TYR H 196 -58.41 -35.24 20.41
CA TYR H 196 -57.14 -35.84 20.84
C TYR H 196 -57.39 -37.01 21.80
N MET H 197 -58.32 -36.80 22.71
CA MET H 197 -58.69 -37.78 23.71
C MET H 197 -59.25 -39.02 23.03
N LYS H 198 -59.92 -38.82 21.89
CA LYS H 198 -60.49 -39.91 21.13
C LYS H 198 -59.60 -40.26 19.94
N SER H 199 -58.29 -40.19 20.14
CA SER H 199 -57.34 -40.50 19.09
C SER H 199 -56.38 -41.56 19.57
N SER H 200 -55.81 -42.31 18.64
CA SER H 200 -54.86 -43.36 18.96
C SER H 200 -53.58 -42.80 19.60
N ARG H 201 -53.36 -41.51 19.42
CA ARG H 201 -52.18 -40.84 19.96
C ARG H 201 -52.35 -40.48 21.43
N PHE H 202 -53.52 -40.79 21.97
CA PHE H 202 -53.82 -40.48 23.37
C PHE H 202 -53.01 -41.36 24.33
N LEU H 203 -52.12 -40.72 25.10
CA LEU H 203 -51.27 -41.42 26.06
C LEU H 203 -51.46 -40.88 27.48
N PRO H 204 -52.21 -41.63 28.30
CA PRO H 204 -52.49 -41.27 29.70
C PRO H 204 -51.64 -42.08 30.69
N LYS H 205 -51.35 -43.33 30.34
CA LYS H 205 -50.58 -44.23 31.18
C LYS H 205 -49.56 -44.96 30.28
N PRO H 206 -48.41 -45.40 30.82
CA PRO H 206 -47.92 -45.30 32.21
C PRO H 206 -47.73 -43.85 32.65
N LEU H 207 -47.85 -43.61 33.92
CA LEU H 207 -47.72 -42.27 34.47
C LEU H 207 -46.23 -41.94 34.65
N TYR H 208 -45.49 -42.89 35.19
CA TYR H 208 -44.07 -42.68 35.45
C TYR H 208 -43.23 -43.77 34.81
N THR H 209 -41.92 -43.66 34.95
CA THR H 209 -40.99 -44.62 34.37
C THR H 209 -41.12 -46.00 35.03
N ARG H 210 -40.64 -47.03 34.35
CA ARG H 210 -40.69 -48.40 34.87
C ARG H 210 -40.07 -48.46 36.26
N VAL H 211 -39.23 -47.48 36.56
CA VAL H 211 -38.54 -47.41 37.83
C VAL H 211 -39.36 -46.84 38.99
N ALA H 212 -40.50 -46.22 38.67
CA ALA H 212 -41.35 -45.65 39.71
C ALA H 212 -42.09 -46.78 40.41
N VAL H 213 -42.10 -46.77 41.73
CA VAL H 213 -42.77 -47.82 42.48
C VAL H 213 -44.28 -47.76 42.22
N TRP H 214 -44.79 -46.54 42.04
CA TRP H 214 -46.21 -46.38 41.78
C TRP H 214 -46.47 -45.68 40.45
N GLY H 215 -47.45 -46.20 39.72
CA GLY H 215 -47.83 -45.62 38.45
C GLY H 215 -47.05 -46.17 37.26
N ASN H 216 -46.11 -47.04 37.49
CA ASN H 216 -45.32 -47.61 36.40
C ASN H 216 -46.05 -48.77 35.74
N LYS H 217 -45.48 -49.26 34.65
CA LYS H 217 -46.03 -50.35 33.88
C LYS H 217 -44.92 -50.73 32.92
#